data_8HMZ
#
_entry.id   8HMZ
#
_cell.length_a   1.00
_cell.length_b   1.00
_cell.length_c   1.00
_cell.angle_alpha   90.00
_cell.angle_beta   90.00
_cell.angle_gamma   90.00
#
_symmetry.space_group_name_H-M   'P 1'
#
loop_
_entity.id
_entity.type
_entity.pdbx_description
1 polymer 'tRNA-splicing endonuclease subunit Sen2'
2 polymer 'tRNA-splicing endonuclease subunit Sen34'
3 polymer 'tRNA-splicing endonuclease subunit Sen54'
4 polymer 'Chromosome 1 open reading frame 19, isoform CRA_a'
5 polymer "Pre-tRNA 5' END"
6 polymer "Pre-tRNA 3' END"
7 polymer "Polyribonucleotide 5'-hydroxyl-kinase Clp1"
8 non-polymer 'MAGNESIUM ION'
#
loop_
_entity_poly.entity_id
_entity_poly.type
_entity_poly.pdbx_seq_one_letter_code
_entity_poly.pdbx_strand_id
1 'polypeptide(L)'
;MASDYKDDDDKASDEVDAGTMAEAVFHAPKRKRRVYETYESPLPIPFGQDHGPLKEFKIFRAEMINNNVIVRNAEDIEQL
YGKGYFGKGILSRSRPSFTISDPKLVAKWKDMKTNMPIITSKRYQHSVEWAAELMRRQGQDESTVRRILKDYTKPLEHPP
VKRNEEAQVHDKLNSGMVSNMEGTAGGERPSVVNGDSGKSGGVGDPREPLGCLQEGSGCHPTTESFEKSVREDASPLPHV
CCCKQDALILQRGLHHEDGSQHIGLLHPGDRGPDHEYVLVEEAECAMSEREAAPNEELVQRNRLICRRNPYRIFEYLQLS
LEEAFFLVYALGCLSIYYEKEPLTIVKLWKAFTVVQPTFRTTYMAYHYFRSKGWVPKVGLKYGTDLLLYRKGPPFYHASY
SVIIELVDDHFEGSLRRPLSWKSLAALSRVSVNVSKELMLCYLIKPSTMTDKEMESPECMKRIKVQEVILSRWVSSRERS
DQDDL
;
A
2 'polypeptide(L)'
;MASDYKDDDDKASDEVDAGTMLVVEVANGRSLVWGAEAVQALRERLGVGGRTVGALPRGPRQNSRLGLPLLLMPEEARLL
AEIGAVTLVSAPRPDSRHHSLALTSFKRQQEESFQEQSALAAEARETRRQELLEKITEGQAAKKQKLEQASGASSSQEAG
SSQAAKEDETSDGQASGEQEEAGPSSSQAGPSNGVAPLPRSALLVQLATARPRPVKARPLDWRVQSKDWPHAGRPAHELR
YSIYRDLWERGFFLSAAGKFGGDFLVYPGDPLRFHAHYIAQCWAPEDTIPLQDLVAAGRLGTSVRKTLLLCSPQPDGKVV
YTSLQWASLQ
;
B
3 'polypeptide(L)'
;MASDYKDDDDKASDEVDAGTMEPEPEPAAVEVPAGRVLSARELFAARSRSQKLPQRSHGPKDFLPDGSAAQAERLRRCRE
ELWQLLAEQRVERLGSLVAAEWRPEEGFVELKSPAGKFWQTMGFSEQGRQRLHPEEALYLLECGSIHLFHQDLPLSIQEA
YQLLLTDHTVTFLQYQVFSHLKRLGYVVRRFQPSSVLSPYERQLNLDASVQHLEDGDGKRKRSSSSPRSINKKAKALDNS
LQPKSLAASSPPPCSQPSQCPEEKPQESSPMKGPGGPFQLLGSLGPSPGPAREGVGCSWESGRAENGVTGAGKRRWNFEQ
ISFPNMASDSRHTLLRAPAPELLPANVAGRETDAESWCQKLNQRKEKLSRREREHHAEAAQFQEDVNADPEVQRCSSWRE
YKELLQRRQVQRSQRRAPHLWGQPVTPLLSPGQASSPAVVLQHISVLQTTHLPDGGARLLEKSGGLEIIFDVYQADAVAT
FRKNNPGKPYARMCISGFDEPVPDLCSLKRLSYQSGDVPLIFALVDHGDISFYSFRDFTLPQDVGH
;
C
4 'polypeptide(L)'
;MASSAWSHPQFEKGGGSGGGSGGSAWSHPQFEKGSAAAMEERGDSEPTPGCSGLGPGGVRGFGDGGGAPSWAPEDAWMGT
HPKYLEMMELDIGDATQVYVAFLVYLDLMESKSWHEVNCVGLPELQLICLVGTEIEGEGLQTVVPTPITASLSHNRIREI
LKASRKLQGDPDLPMSFTLAIVESDSTIVYYKLTDGFMLPDPQVSFENISLRR
;
D
5 'polyribonucleotide' UAAUACGACUCACUAUAGGGGGCUCUGUGGCGCAAUGGAUAGCGCAUUGGACUUCUAGUGACGAAUAGAGC(A23) 5
6 'polyribonucleotide' AUUCAAAGGUUGUGGGUUCGAAUCCCACCAGAGUCGGAUAUC 3
7 'polypeptide(L)'
;MASDYKDDDDKASDEVDAGTMGEEANDDKKPTTKFELERETELRFEVEASQSVQLELLTGMAEIFGTELTRNKKFTFDAG
AKVAVFTWHGCSVQLSGRTEVAYVSKDTPMLLYLNTHTALEQMRRQAEKEEERGPRVMVVGPTDVGKSTVCRLLLNYAVR
LGRRPTYVELDVGQGSVSIPGTMGALYIERPADVEEGFSIQAPLVYHFGSTTPGTNIKLYNKITSRLADVFNQRCEVNRR
ASVSGCVINTCGWVKGSGYQALVHAASAFEVDVVVVLDQERLYNELKRDLPHFVRTVLLPKSGGVVERSKDFRRECRDER
IREYFYGFRGCFYPHAFNVKFSDVKIYKVGAPTIPDSCLPLGMSQEDNQLKLVPVTPGRDMVHHLLSVSTAEGTEENLSE
TSVAGFIVVTSVDLEHQVFTVLSPAPRPLPKNFLLIMDIRFMDLK
;
E
#
loop_
_chem_comp.id
_chem_comp.type
_chem_comp.name
_chem_comp.formula
A RNA linking ADENOSINE-5'-MONOPHOSPHATE 'C10 H14 N5 O7 P'
A23 RNA linking 'ADENOSINE-5'-PHOSPHATE-2',3'-CYCLIC PHOSPHATE' 'C10 H13 N5 O9 P2'
C RNA linking CYTIDINE-5'-MONOPHOSPHATE 'C9 H14 N3 O8 P'
G RNA linking GUANOSINE-5'-MONOPHOSPHATE 'C10 H14 N5 O8 P'
MG non-polymer 'MAGNESIUM ION' 'Mg 2'
U RNA linking URIDINE-5'-MONOPHOSPHATE 'C9 H13 N2 O9 P'
#
# COMPACT_ATOMS: atom_id res chain seq x y z
N VAL A 35 16.23 6.48 21.50
CA VAL A 35 16.41 7.37 20.37
C VAL A 35 17.59 6.78 19.58
N TYR A 36 17.75 5.46 19.60
CA TYR A 36 19.00 4.95 19.08
C TYR A 36 18.92 4.08 17.82
N GLU A 37 18.42 2.84 17.94
CA GLU A 37 18.33 1.84 16.85
C GLU A 37 18.91 2.26 15.50
N THR A 38 20.11 2.84 15.50
CA THR A 38 20.77 3.23 14.26
C THR A 38 22.24 3.48 14.52
N TYR A 39 23.07 3.19 13.51
CA TYR A 39 24.51 3.28 13.65
C TYR A 39 25.03 4.71 13.78
N GLU A 40 24.20 5.71 13.49
CA GLU A 40 24.73 7.06 13.38
C GLU A 40 24.82 7.80 14.71
N SER A 41 23.68 8.06 15.36
CA SER A 41 23.61 8.80 16.62
C SER A 41 22.70 8.06 17.59
N PRO A 42 23.18 6.99 18.22
CA PRO A 42 22.33 6.28 19.19
C PRO A 42 22.35 6.93 20.57
N LEU A 43 21.92 8.18 20.64
CA LEU A 43 21.88 8.85 21.94
C LEU A 43 20.48 9.41 22.20
N PRO A 44 19.94 9.26 23.42
CA PRO A 44 18.57 9.73 23.69
C PRO A 44 18.35 11.22 23.46
N ILE A 45 18.99 12.07 24.27
CA ILE A 45 18.93 13.51 24.06
C ILE A 45 20.26 14.17 24.44
N PRO A 46 21.42 13.64 24.06
CA PRO A 46 22.60 14.50 23.94
C PRO A 46 22.53 15.36 22.69
N PHE A 47 22.71 16.67 22.87
CA PHE A 47 22.86 17.57 21.72
C PHE A 47 24.31 17.78 21.32
N GLY A 48 25.26 17.38 22.17
CA GLY A 48 26.67 17.49 21.84
C GLY A 48 27.14 16.39 20.92
N GLN A 49 26.83 16.53 19.63
CA GLN A 49 27.14 15.50 18.65
C GLN A 49 28.64 15.21 18.62
N ASP A 50 29.00 13.94 18.80
CA ASP A 50 30.38 13.51 18.67
C ASP A 50 30.44 12.01 18.45
N HIS A 51 30.74 11.61 17.22
CA HIS A 51 30.98 10.20 16.91
C HIS A 51 32.37 9.99 16.32
N GLY A 52 32.76 10.79 15.34
CA GLY A 52 33.99 10.58 14.64
C GLY A 52 33.78 10.23 13.18
N PRO A 53 33.97 8.95 12.84
CA PRO A 53 34.01 8.55 11.42
C PRO A 53 32.64 8.49 10.77
N LEU A 54 32.16 9.62 10.26
CA LEU A 54 30.83 9.72 9.69
C LEU A 54 30.91 10.69 8.51
N LYS A 55 29.88 10.66 7.64
CA LYS A 55 29.93 11.55 6.49
C LYS A 55 29.36 12.93 6.79
N GLU A 56 28.03 13.04 6.89
CA GLU A 56 27.38 14.28 7.26
C GLU A 56 25.92 14.05 7.65
N PHE A 57 25.59 14.08 8.94
CA PHE A 57 24.21 13.99 9.39
C PHE A 57 23.76 15.35 9.91
N LYS A 58 22.56 15.77 9.50
CA LYS A 58 21.98 17.04 9.93
C LYS A 58 20.65 16.78 10.60
N ILE A 59 20.62 16.88 11.93
CA ILE A 59 19.41 16.63 12.69
C ILE A 59 18.32 17.62 12.31
N PHE A 60 17.11 17.11 12.08
CA PHE A 60 15.99 17.96 11.71
C PHE A 60 15.32 18.54 12.97
N ARG A 61 14.36 19.43 12.75
CA ARG A 61 13.73 20.17 13.83
C ARG A 61 12.21 20.12 13.67
N ALA A 62 11.51 20.17 14.81
CA ALA A 62 10.06 20.19 14.83
C ALA A 62 9.59 20.75 16.16
N GLU A 63 8.41 21.36 16.16
CA GLU A 63 7.79 21.93 17.35
C GLU A 63 6.42 21.29 17.58
N MET A 64 6.11 21.00 18.84
CA MET A 64 4.84 20.41 19.22
C MET A 64 3.90 21.51 19.69
N ILE A 65 2.92 21.84 18.86
CA ILE A 65 1.90 22.85 19.17
C ILE A 65 0.59 22.12 19.43
N ASN A 66 0.08 22.25 20.65
CA ASN A 66 -1.17 21.65 21.13
C ASN A 66 -1.41 20.26 20.54
N ASN A 67 -0.48 19.34 20.78
CA ASN A 67 -0.58 17.93 20.42
C ASN A 67 -0.48 17.69 18.92
N ASN A 68 0.26 18.54 18.21
CA ASN A 68 0.54 18.32 16.80
C ASN A 68 1.97 18.75 16.50
N VAL A 69 2.71 17.88 15.82
CA VAL A 69 4.10 18.15 15.48
C VAL A 69 4.17 18.81 14.12
N ILE A 70 4.85 19.96 14.05
CA ILE A 70 4.93 20.73 12.81
C ILE A 70 6.37 21.19 12.61
N VAL A 71 6.81 21.19 11.36
CA VAL A 71 8.11 21.73 10.96
C VAL A 71 7.86 22.95 10.08
N ARG A 72 8.60 24.02 10.34
CA ARG A 72 8.37 25.31 9.69
C ARG A 72 9.56 25.78 8.85
N ASN A 73 10.43 24.87 8.42
CA ASN A 73 11.60 25.23 7.64
C ASN A 73 11.55 24.56 6.28
N ALA A 74 11.97 25.28 5.24
CA ALA A 74 11.85 24.79 3.87
C ALA A 74 12.78 23.61 3.62
N GLU A 75 14.01 23.69 4.10
CA GLU A 75 14.95 22.57 4.00
C GLU A 75 14.38 21.32 4.65
N ASP A 76 13.88 21.48 5.88
CA ASP A 76 13.34 20.35 6.63
C ASP A 76 12.16 19.73 5.90
N ILE A 77 11.26 20.58 5.40
CA ILE A 77 10.07 20.10 4.68
C ILE A 77 10.48 19.32 3.44
N GLU A 78 11.34 19.91 2.61
CA GLU A 78 11.70 19.28 1.35
C GLU A 78 12.44 17.97 1.58
N GLN A 79 13.30 17.92 2.60
CA GLN A 79 14.01 16.67 2.88
C GLN A 79 13.06 15.59 3.38
N LEU A 80 12.13 15.93 4.28
CA LEU A 80 11.21 14.91 4.78
C LEU A 80 10.24 14.42 3.72
N TYR A 81 9.88 15.26 2.76
CA TYR A 81 8.89 14.81 1.78
C TYR A 81 9.51 14.21 0.53
N GLY A 82 10.67 14.69 0.08
CA GLY A 82 11.32 14.01 -1.02
C GLY A 82 11.87 12.66 -0.68
N LYS A 83 11.98 12.34 0.61
CA LYS A 83 12.58 11.10 1.09
C LYS A 83 11.55 10.38 1.96
N GLY A 84 11.03 9.26 1.47
CA GLY A 84 10.08 8.48 2.22
C GLY A 84 8.67 9.00 2.25
N TYR A 85 8.45 10.25 1.82
CA TYR A 85 7.12 10.87 1.82
C TYR A 85 6.53 10.90 3.23
N PHE A 86 7.21 11.65 4.10
CA PHE A 86 6.84 11.75 5.51
C PHE A 86 5.91 12.94 5.70
N GLY A 87 4.74 12.70 6.29
CA GLY A 87 3.84 13.77 6.64
C GLY A 87 2.99 14.27 5.48
N LYS A 88 2.23 15.31 5.78
CA LYS A 88 1.28 15.90 4.85
C LYS A 88 1.37 17.42 4.94
N GLY A 89 1.15 18.08 3.81
CA GLY A 89 1.09 19.53 3.80
C GLY A 89 -0.18 20.03 4.46
N ILE A 90 -0.05 21.06 5.28
CA ILE A 90 -1.15 21.47 6.14
C ILE A 90 -2.27 22.15 5.36
N LEU A 91 -1.98 22.68 4.17
CA LEU A 91 -2.98 23.30 3.34
C LEU A 91 -3.34 22.45 2.13
N SER A 92 -2.35 21.95 1.39
CA SER A 92 -2.64 21.17 0.20
C SER A 92 -3.12 19.77 0.59
N ARG A 93 -3.34 18.93 -0.44
CA ARG A 93 -3.79 17.56 -0.24
C ARG A 93 -2.61 16.58 -0.14
N SER A 94 -1.72 16.60 -1.12
CA SER A 94 -0.63 15.63 -1.18
C SER A 94 0.65 16.16 -0.52
N ARG A 95 1.17 17.28 -1.03
CA ARG A 95 2.44 17.79 -0.53
C ARG A 95 2.30 19.23 -0.07
N PRO A 96 3.22 19.75 0.74
CA PRO A 96 3.18 21.18 1.07
C PRO A 96 3.55 22.03 -0.14
N SER A 97 2.60 22.16 -1.07
CA SER A 97 2.81 22.88 -2.32
C SER A 97 1.67 23.85 -2.59
N PHE A 98 1.05 24.37 -1.53
CA PHE A 98 -0.07 25.29 -1.67
C PHE A 98 0.44 26.66 -2.09
N THR A 99 0.32 26.96 -3.38
CA THR A 99 0.57 28.31 -3.86
C THR A 99 -0.60 29.19 -3.45
N ILE A 100 -0.28 30.32 -2.80
CA ILE A 100 -1.34 31.24 -2.40
C ILE A 100 -1.70 32.11 -3.59
N SER A 101 -1.10 31.81 -4.73
CA SER A 101 -1.55 32.37 -6.00
C SER A 101 -2.86 31.71 -6.41
N ASP A 102 -3.41 32.20 -7.51
CA ASP A 102 -4.65 31.63 -7.99
C ASP A 102 -4.40 30.82 -9.26
N PRO A 103 -4.94 29.61 -9.35
CA PRO A 103 -4.64 28.75 -10.50
C PRO A 103 -5.38 29.19 -11.75
N LYS A 104 -6.58 29.75 -11.57
CA LYS A 104 -7.39 30.15 -12.71
C LYS A 104 -6.76 31.31 -13.48
N LEU A 105 -6.21 32.29 -12.77
CA LEU A 105 -5.63 33.47 -13.40
C LEU A 105 -4.15 33.33 -13.73
N VAL A 106 -3.62 32.11 -13.75
CA VAL A 106 -2.26 31.91 -14.23
C VAL A 106 -2.19 32.17 -15.73
N ALA A 107 -3.23 31.77 -16.46
CA ALA A 107 -3.34 32.07 -17.88
C ALA A 107 -3.83 33.48 -18.15
N LYS A 108 -4.19 34.24 -17.12
CA LYS A 108 -4.65 35.62 -17.27
C LYS A 108 -3.58 36.47 -17.94
N TRP A 109 -2.43 36.61 -17.28
CA TRP A 109 -1.35 37.46 -17.77
C TRP A 109 -0.03 36.69 -17.83
N LYS A 110 -0.07 35.48 -18.39
CA LYS A 110 1.18 34.77 -18.66
C LYS A 110 1.96 35.38 -19.84
N ASP A 111 1.33 36.39 -20.47
CA ASP A 111 1.98 37.14 -21.55
C ASP A 111 3.14 37.98 -21.03
N MET A 112 3.12 38.31 -19.74
CA MET A 112 4.13 39.17 -19.13
C MET A 112 5.22 38.33 -18.47
N LYS A 113 6.33 39.00 -18.15
CA LYS A 113 7.46 38.38 -17.47
C LYS A 113 7.48 38.85 -16.02
N THR A 114 6.98 38.02 -15.12
CA THR A 114 7.01 38.29 -13.69
C THR A 114 7.22 36.98 -12.95
N ASN A 115 7.04 36.99 -11.63
CA ASN A 115 7.19 35.82 -10.80
C ASN A 115 5.82 35.32 -10.31
N MET A 116 5.87 34.37 -9.38
CA MET A 116 4.67 33.65 -8.95
C MET A 116 3.54 34.53 -8.41
N PRO A 117 3.77 35.50 -7.49
CA PRO A 117 2.62 36.14 -6.83
C PRO A 117 1.76 37.00 -7.74
N ILE A 118 0.54 36.55 -8.01
CA ILE A 118 -0.51 37.34 -8.68
C ILE A 118 -1.85 37.01 -8.02
N ILE A 119 -2.43 37.97 -7.31
CA ILE A 119 -3.60 37.74 -6.47
C ILE A 119 -4.72 38.70 -6.88
N THR A 120 -5.95 38.19 -6.85
CA THR A 120 -7.10 39.08 -7.01
C THR A 120 -7.20 40.05 -5.85
N SER A 121 -8.00 41.10 -6.04
CA SER A 121 -8.04 42.20 -5.08
C SER A 121 -8.71 41.82 -3.77
N LYS A 122 -9.82 41.08 -3.82
CA LYS A 122 -10.63 40.90 -2.62
C LYS A 122 -9.98 39.97 -1.60
N ARG A 123 -9.11 39.04 -2.04
CA ARG A 123 -8.42 38.21 -1.07
C ARG A 123 -7.42 39.02 -0.26
N TYR A 124 -6.65 39.90 -0.93
CA TYR A 124 -5.78 40.80 -0.19
C TYR A 124 -6.60 41.78 0.65
N GLN A 125 -7.80 42.13 0.21
CA GLN A 125 -8.68 42.95 1.04
C GLN A 125 -9.08 42.22 2.32
N HIS A 126 -9.30 40.91 2.23
CA HIS A 126 -9.64 40.14 3.43
C HIS A 126 -8.43 39.98 4.34
N SER A 127 -7.24 39.80 3.76
CA SER A 127 -6.03 39.80 4.59
C SER A 127 -5.84 41.15 5.27
N VAL A 128 -6.25 42.23 4.61
CA VAL A 128 -6.20 43.55 5.25
C VAL A 128 -7.26 43.64 6.34
N GLU A 129 -8.39 42.96 6.19
CA GLU A 129 -9.37 42.89 7.28
C GLU A 129 -8.75 42.24 8.52
N TRP A 130 -8.23 41.02 8.37
CA TRP A 130 -7.63 40.39 9.55
C TRP A 130 -6.19 40.84 9.80
N ALA A 131 -5.76 41.92 9.13
CA ALA A 131 -4.59 42.68 9.54
C ALA A 131 -4.96 43.90 10.38
N ALA A 132 -6.03 44.60 10.02
CA ALA A 132 -6.61 45.59 10.92
C ALA A 132 -7.10 44.95 12.20
N GLU A 133 -7.44 43.65 12.17
CA GLU A 133 -7.59 42.88 13.40
C GLU A 133 -6.38 43.07 14.31
N LEU A 134 -5.20 42.69 13.81
CA LEU A 134 -3.96 42.86 14.58
C LEU A 134 -3.74 44.32 14.95
N MET A 135 -4.07 45.24 14.04
CA MET A 135 -3.84 46.65 14.28
C MET A 135 -4.63 47.15 15.49
N ARG A 136 -5.92 46.83 15.56
CA ARG A 136 -6.72 47.28 16.70
C ARG A 136 -6.38 46.50 17.95
N ARG A 137 -6.00 45.22 17.80
CA ARG A 137 -5.64 44.43 18.97
C ARG A 137 -4.37 44.91 19.65
N GLN A 138 -3.53 45.69 18.97
CA GLN A 138 -2.30 46.21 19.54
C GLN A 138 -2.40 47.68 19.93
N GLY A 139 -3.60 48.24 19.92
CA GLY A 139 -3.85 49.53 20.55
C GLY A 139 -3.82 50.74 19.63
N GLN A 140 -3.37 50.61 18.39
CA GLN A 140 -3.32 51.75 17.48
C GLN A 140 -4.71 52.07 16.96
N ASP A 141 -5.11 53.34 17.07
CA ASP A 141 -6.47 53.72 16.70
C ASP A 141 -6.64 53.76 15.19
N GLU A 142 -7.90 53.90 14.77
CA GLU A 142 -8.27 53.65 13.39
C GLU A 142 -7.67 54.68 12.44
N SER A 143 -7.68 55.96 12.83
CA SER A 143 -7.25 57.01 11.91
C SER A 143 -5.75 56.98 11.66
N THR A 144 -4.96 56.40 12.57
CA THR A 144 -3.54 56.20 12.31
C THR A 144 -3.25 54.86 11.64
N VAL A 145 -4.04 53.83 11.95
CA VAL A 145 -3.94 52.56 11.24
C VAL A 145 -4.14 52.76 9.74
N ARG A 146 -5.18 53.50 9.37
CA ARG A 146 -5.44 53.72 7.94
C ARG A 146 -4.28 54.43 7.26
N ARG A 147 -3.69 55.44 7.91
CA ARG A 147 -2.58 56.15 7.28
C ARG A 147 -1.33 55.28 7.20
N ILE A 148 -1.04 54.52 8.26
CA ILE A 148 0.15 53.68 8.27
C ILE A 148 0.07 52.63 7.18
N LEU A 149 -1.09 51.98 7.05
CA LEU A 149 -1.23 50.97 6.00
C LEU A 149 -1.43 51.55 4.61
N LYS A 150 -1.95 52.79 4.51
CA LYS A 150 -1.96 53.47 3.23
C LYS A 150 -0.55 53.75 2.76
N ASP A 151 0.36 54.03 3.70
CA ASP A 151 1.78 54.07 3.37
C ASP A 151 2.35 52.70 3.08
N TYR A 152 1.78 51.64 3.67
CA TYR A 152 2.21 50.29 3.34
C TYR A 152 1.54 49.75 2.08
N THR A 153 0.41 50.32 1.66
CA THR A 153 -0.19 50.02 0.37
C THR A 153 0.29 50.98 -0.72
N LYS A 154 1.50 51.51 -0.59
CA LYS A 154 2.06 52.44 -1.58
C LYS A 154 2.16 51.81 -2.96
N GLU A 276 8.78 38.78 0.94
CA GLU A 276 8.75 39.84 1.93
C GLU A 276 7.75 40.93 1.56
N TYR A 277 7.25 40.86 0.33
CA TYR A 277 6.19 41.76 -0.13
C TYR A 277 5.54 41.12 -1.35
N VAL A 278 4.39 41.67 -1.73
CA VAL A 278 3.48 41.00 -2.67
C VAL A 278 3.21 41.92 -3.86
N LEU A 279 2.35 41.47 -4.77
CA LEU A 279 1.95 42.28 -5.93
C LEU A 279 0.46 42.10 -6.14
N VAL A 280 -0.32 43.14 -5.85
CA VAL A 280 -1.76 43.07 -6.05
C VAL A 280 -2.08 43.42 -7.50
N GLU A 281 -3.25 42.99 -7.95
CA GLU A 281 -3.79 43.38 -9.24
C GLU A 281 -4.99 44.30 -9.03
N GLU A 282 -5.48 44.86 -10.13
CA GLU A 282 -6.62 45.77 -10.09
C GLU A 282 -7.93 45.02 -9.85
N GLN A 300 -12.75 48.65 -19.59
CA GLN A 300 -11.75 48.96 -18.57
C GLN A 300 -10.64 47.92 -18.54
N ARG A 301 -9.56 48.23 -17.83
CA ARG A 301 -8.38 47.40 -17.74
C ARG A 301 -8.20 46.88 -16.33
N ASN A 302 -7.35 45.85 -16.20
CA ASN A 302 -6.97 45.29 -14.89
C ASN A 302 -5.46 45.12 -14.84
N ARG A 303 -4.79 46.01 -14.13
CA ARG A 303 -3.33 46.06 -14.03
C ARG A 303 -2.90 45.72 -12.60
N LEU A 304 -1.60 45.83 -12.34
CA LEU A 304 -1.02 45.35 -11.09
C LEU A 304 0.00 46.34 -10.57
N ILE A 305 0.17 46.32 -9.24
CA ILE A 305 1.14 47.18 -8.54
C ILE A 305 1.66 46.43 -7.32
N CYS A 306 2.93 46.65 -7.00
CA CYS A 306 3.55 46.01 -5.83
C CYS A 306 2.96 46.54 -4.53
N ARG A 307 2.72 45.62 -3.60
CA ARG A 307 2.17 45.87 -2.28
C ARG A 307 3.14 45.33 -1.23
N ARG A 308 2.89 45.67 0.02
CA ARG A 308 3.65 45.13 1.15
C ARG A 308 2.91 43.93 1.73
N ASN A 309 3.66 43.08 2.44
CA ASN A 309 3.15 41.83 2.98
C ASN A 309 2.02 42.03 3.99
N PRO A 310 0.78 41.65 3.66
CA PRO A 310 -0.31 41.79 4.63
C PRO A 310 -0.16 40.86 5.83
N TYR A 311 -0.01 39.56 5.58
CA TYR A 311 0.06 38.58 6.66
C TYR A 311 0.91 37.38 6.25
N ARG A 312 1.70 36.89 7.20
CA ARG A 312 2.55 35.72 7.00
C ARG A 312 1.70 34.45 6.92
N ILE A 313 1.99 33.63 5.91
CA ILE A 313 1.21 32.41 5.66
C ILE A 313 2.14 31.24 5.36
N PHE A 314 3.40 31.34 5.77
CA PHE A 314 4.41 30.35 5.38
C PHE A 314 3.97 28.93 5.74
N GLU A 315 4.36 27.98 4.91
CA GLU A 315 3.90 26.60 5.02
C GLU A 315 4.51 25.91 6.23
N TYR A 316 3.79 24.90 6.72
CA TYR A 316 4.28 24.02 7.78
C TYR A 316 3.94 22.58 7.41
N LEU A 317 4.91 21.69 7.58
CA LEU A 317 4.66 20.26 7.40
C LEU A 317 4.17 19.68 8.71
N GLN A 318 2.99 19.05 8.68
CA GLN A 318 2.37 18.50 9.89
C GLN A 318 2.58 16.99 9.90
N LEU A 319 3.36 16.51 10.86
CA LEU A 319 3.72 15.10 10.95
C LEU A 319 2.79 14.39 11.91
N SER A 320 2.34 13.19 11.52
CA SER A 320 1.54 12.36 12.40
C SER A 320 2.35 11.97 13.63
N LEU A 321 1.65 11.45 14.64
CA LEU A 321 2.31 11.04 15.87
C LEU A 321 3.24 9.86 15.63
N GLU A 322 2.69 8.76 15.10
CA GLU A 322 3.50 7.59 14.75
C GLU A 322 4.65 7.98 13.83
N GLU A 323 4.40 8.88 12.87
CA GLU A 323 5.46 9.32 11.96
C GLU A 323 6.59 9.99 12.73
N ALA A 324 6.27 10.98 13.55
CA ALA A 324 7.30 11.71 14.28
C ALA A 324 8.05 10.81 15.25
N PHE A 325 7.37 9.81 15.83
CA PHE A 325 8.05 8.89 16.74
C PHE A 325 8.98 7.96 15.98
N PHE A 326 8.52 7.40 14.85
CA PHE A 326 9.40 6.62 14.01
C PHE A 326 10.61 7.44 13.55
N LEU A 327 10.43 8.76 13.44
CA LEU A 327 11.55 9.60 13.03
C LEU A 327 12.53 9.84 14.17
N VAL A 328 12.03 10.09 15.38
CA VAL A 328 12.92 10.34 16.51
C VAL A 328 13.47 9.03 17.08
N TYR A 329 12.59 8.07 17.35
CA TYR A 329 13.00 6.82 17.99
C TYR A 329 13.78 5.92 17.02
N ALA A 330 13.15 5.52 15.92
CA ALA A 330 13.72 4.49 15.06
C ALA A 330 14.81 5.00 14.13
N LEU A 331 14.94 6.31 13.95
CA LEU A 331 16.00 6.78 13.07
C LEU A 331 16.89 7.81 13.73
N GLY A 332 16.34 8.67 14.57
CA GLY A 332 17.12 9.67 15.28
C GLY A 332 17.25 11.01 14.59
N CYS A 333 16.70 11.17 13.39
CA CYS A 333 16.91 12.38 12.60
C CYS A 333 15.99 13.53 12.98
N LEU A 334 15.19 13.39 14.04
CA LEU A 334 14.22 14.42 14.38
C LEU A 334 14.28 14.73 15.86
N SER A 335 14.12 16.01 16.19
CA SER A 335 14.06 16.47 17.58
C SER A 335 12.80 17.31 17.75
N ILE A 336 12.01 16.96 18.76
CA ILE A 336 10.74 17.63 19.03
C ILE A 336 10.93 18.61 20.17
N TYR A 337 10.31 19.78 20.06
CA TYR A 337 10.39 20.82 21.08
C TYR A 337 9.00 21.10 21.64
N TYR A 338 8.88 21.09 22.96
CA TYR A 338 7.65 21.45 23.66
C TYR A 338 8.01 22.59 24.61
N GLU A 339 7.65 23.81 24.24
CA GLU A 339 8.07 25.03 24.94
C GLU A 339 9.60 25.14 24.97
N LYS A 340 10.18 24.98 23.78
CA LYS A 340 11.61 25.18 23.53
C LYS A 340 12.53 24.23 24.31
N GLU A 341 11.96 23.28 25.04
CA GLU A 341 12.78 22.29 25.71
C GLU A 341 12.61 20.93 25.05
N PRO A 342 13.68 20.37 24.45
CA PRO A 342 13.55 19.10 23.74
C PRO A 342 13.05 17.98 24.64
N LEU A 343 12.44 16.98 24.01
CA LEU A 343 11.82 15.85 24.68
C LEU A 343 12.72 14.62 24.58
N THR A 344 12.29 13.52 25.19
CA THR A 344 12.97 12.23 25.10
C THR A 344 11.92 11.16 24.83
N ILE A 345 12.35 10.06 24.18
CA ILE A 345 11.41 9.01 23.81
C ILE A 345 10.92 8.19 25.00
N VAL A 346 11.21 8.60 26.23
CA VAL A 346 10.52 8.07 27.39
C VAL A 346 9.29 8.94 27.61
N LYS A 347 9.50 10.23 27.85
CA LYS A 347 8.37 11.12 28.02
C LYS A 347 7.67 11.44 26.70
N LEU A 348 8.33 11.25 25.56
CA LEU A 348 7.62 11.34 24.29
C LEU A 348 6.61 10.20 24.16
N TRP A 349 7.06 8.98 24.45
CA TRP A 349 6.15 7.84 24.54
C TRP A 349 4.98 8.14 25.47
N LYS A 350 5.29 8.66 26.67
CA LYS A 350 4.25 8.94 27.65
C LYS A 350 3.25 9.97 27.13
N ALA A 351 3.74 11.07 26.58
CA ALA A 351 2.88 12.15 26.11
C ALA A 351 2.02 11.70 24.93
N PHE A 352 2.63 11.06 23.94
CA PHE A 352 1.87 10.60 22.79
C PHE A 352 0.84 9.55 23.18
N THR A 353 1.17 8.72 24.18
CA THR A 353 0.20 7.74 24.65
C THR A 353 -0.94 8.39 25.42
N VAL A 354 -0.67 9.47 26.13
CA VAL A 354 -1.72 10.10 26.94
C VAL A 354 -2.58 11.05 26.13
N VAL A 355 -2.10 11.59 25.01
CA VAL A 355 -2.95 12.44 24.20
C VAL A 355 -3.82 11.61 23.26
N GLN A 356 -3.24 10.61 22.61
CA GLN A 356 -3.96 9.66 21.77
C GLN A 356 -3.91 8.30 22.44
N PRO A 357 -4.96 7.90 23.16
CA PRO A 357 -4.88 6.72 24.04
C PRO A 357 -4.60 5.40 23.33
N THR A 358 -4.46 5.42 22.00
CA THR A 358 -4.18 4.21 21.23
C THR A 358 -2.98 4.44 20.34
N PHE A 359 -1.96 5.09 20.90
CA PHE A 359 -0.72 5.35 20.15
C PHE A 359 0.16 4.12 20.05
N ARG A 360 0.11 3.22 21.03
CA ARG A 360 1.07 2.11 21.07
C ARG A 360 0.82 1.12 19.95
N THR A 361 -0.41 0.65 19.79
CA THR A 361 -0.70 -0.31 18.73
C THR A 361 -0.46 0.29 17.35
N THR A 362 -0.88 1.54 17.15
CA THR A 362 -0.72 2.16 15.84
C THR A 362 0.74 2.38 15.52
N TYR A 363 1.55 2.79 16.50
CA TYR A 363 2.97 2.93 16.22
C TYR A 363 3.67 1.59 16.04
N MET A 364 3.20 0.54 16.71
CA MET A 364 3.83 -0.75 16.52
C MET A 364 3.54 -1.30 15.12
N ALA A 365 2.31 -1.10 14.64
CA ALA A 365 2.01 -1.50 13.27
C ALA A 365 2.75 -0.64 12.26
N TYR A 366 2.82 0.67 12.48
CA TYR A 366 3.57 1.55 11.59
C TYR A 366 5.03 1.16 11.54
N HIS A 367 5.65 0.88 12.69
CA HIS A 367 7.04 0.45 12.72
C HIS A 367 7.22 -0.88 12.00
N TYR A 368 6.29 -1.82 12.20
CA TYR A 368 6.41 -3.11 11.53
C TYR A 368 6.35 -2.95 10.01
N PHE A 369 5.46 -2.10 9.52
CA PHE A 369 5.26 -1.96 8.07
C PHE A 369 6.39 -1.17 7.42
N ARG A 370 6.67 0.03 7.93
CA ARG A 370 7.72 0.83 7.31
C ARG A 370 9.11 0.22 7.45
N SER A 371 9.25 -0.85 8.23
CA SER A 371 10.54 -1.55 8.33
C SER A 371 10.71 -2.58 7.23
N LYS A 372 9.64 -2.94 6.52
CA LYS A 372 9.72 -3.82 5.37
C LYS A 372 9.90 -3.08 4.07
N GLY A 373 10.03 -1.75 4.11
CA GLY A 373 10.23 -0.94 2.92
C GLY A 373 8.97 -0.31 2.39
N TRP A 374 7.80 -0.68 2.90
CA TRP A 374 6.54 -0.10 2.44
C TRP A 374 6.40 1.33 2.95
N VAL A 375 5.35 2.01 2.50
CA VAL A 375 5.08 3.37 2.96
C VAL A 375 3.67 3.41 3.55
N PRO A 376 3.55 3.58 4.86
CA PRO A 376 2.21 3.65 5.47
C PRO A 376 1.67 5.06 5.52
N LYS A 377 0.39 5.18 5.15
CA LYS A 377 -0.34 6.43 5.24
C LYS A 377 -1.67 6.16 5.92
N VAL A 378 -2.36 7.22 6.30
CA VAL A 378 -3.59 7.07 7.07
C VAL A 378 -4.74 6.71 6.14
N GLY A 379 -5.62 5.85 6.63
CA GLY A 379 -6.72 5.33 5.81
C GLY A 379 -8.07 5.83 6.25
N LEU A 380 -8.15 7.14 6.55
CA LEU A 380 -9.37 7.70 7.09
C LEU A 380 -10.51 7.69 6.08
N LYS A 381 -10.19 7.93 4.80
CA LYS A 381 -11.23 8.02 3.78
C LYS A 381 -11.91 6.69 3.51
N TYR A 382 -11.34 5.57 3.96
CA TYR A 382 -11.91 4.26 3.72
C TYR A 382 -12.44 3.57 4.96
N GLY A 383 -12.14 4.08 6.15
CA GLY A 383 -12.62 3.50 7.38
C GLY A 383 -11.68 2.51 8.04
N THR A 384 -10.46 2.37 7.53
CA THR A 384 -9.46 1.47 8.06
C THR A 384 -8.42 2.28 8.85
N ASP A 385 -7.35 1.60 9.25
CA ASP A 385 -6.29 2.22 10.04
C ASP A 385 -5.13 2.73 9.19
N LEU A 386 -4.63 1.93 8.25
CA LEU A 386 -3.53 2.36 7.41
C LEU A 386 -3.76 1.92 5.97
N LEU A 387 -2.97 2.52 5.07
CA LEU A 387 -2.86 2.12 3.68
C LEU A 387 -1.39 1.98 3.34
N LEU A 388 -1.04 0.93 2.60
CA LEU A 388 0.36 0.64 2.31
C LEU A 388 0.66 0.87 0.82
N TYR A 389 1.59 1.77 0.56
CA TYR A 389 2.06 2.06 -0.79
C TYR A 389 3.39 1.36 -1.02
N ARG A 390 3.56 0.81 -2.24
CA ARG A 390 4.77 0.07 -2.55
C ARG A 390 6.00 0.96 -2.47
N LYS A 391 5.98 2.10 -3.16
CA LYS A 391 7.10 3.04 -3.10
C LYS A 391 6.68 4.49 -2.93
N GLY A 392 5.41 4.77 -2.67
CA GLY A 392 4.97 6.13 -2.40
C GLY A 392 3.72 6.50 -3.16
N PRO A 393 3.03 7.53 -2.70
CA PRO A 393 1.82 8.00 -3.39
C PRO A 393 2.08 8.39 -4.84
N PRO A 394 3.13 9.18 -5.15
CA PRO A 394 3.28 9.61 -6.55
C PRO A 394 3.73 8.50 -7.49
N PHE A 395 4.41 7.47 -7.01
CA PHE A 395 4.86 6.40 -7.87
C PHE A 395 3.79 5.34 -8.06
N TYR A 396 3.31 4.76 -6.96
CA TYR A 396 2.31 3.70 -6.99
C TYR A 396 1.09 4.14 -6.20
N HIS A 397 0.02 3.35 -6.31
CA HIS A 397 -1.16 3.49 -5.47
C HIS A 397 -1.19 2.38 -4.44
N ALA A 398 -2.02 2.56 -3.42
CA ALA A 398 -2.01 1.63 -2.30
C ALA A 398 -2.54 0.27 -2.72
N SER A 399 -1.96 -0.78 -2.12
CA SER A 399 -2.35 -2.15 -2.38
C SER A 399 -3.13 -2.75 -1.22
N TYR A 400 -2.71 -2.45 0.01
CA TYR A 400 -3.28 -3.05 1.21
C TYR A 400 -3.88 -1.98 2.10
N SER A 401 -4.94 -2.36 2.82
CA SER A 401 -5.69 -1.51 3.72
C SER A 401 -5.79 -2.23 5.07
N VAL A 402 -5.09 -1.71 6.07
CA VAL A 402 -4.76 -2.46 7.29
C VAL A 402 -5.59 -1.98 8.47
N ILE A 403 -6.03 -2.93 9.30
CA ILE A 403 -6.70 -2.69 10.57
C ILE A 403 -5.87 -3.36 11.67
N ILE A 404 -5.67 -2.65 12.79
CA ILE A 404 -4.73 -3.05 13.82
C ILE A 404 -5.47 -3.47 15.08
N GLU A 405 -4.96 -4.51 15.75
CA GLU A 405 -5.55 -5.03 16.98
C GLU A 405 -4.45 -5.49 17.92
N LEU A 406 -4.77 -5.53 19.21
CA LEU A 406 -3.84 -5.94 20.26
C LEU A 406 -4.48 -7.01 21.13
N VAL A 407 -3.70 -8.05 21.45
CA VAL A 407 -4.17 -9.19 22.23
C VAL A 407 -3.01 -9.73 23.06
N ASP A 408 -3.33 -10.67 23.96
CA ASP A 408 -2.37 -11.32 24.83
C ASP A 408 -1.90 -12.64 24.21
N ASP A 409 -0.83 -13.20 24.78
CA ASP A 409 -0.29 -14.45 24.26
C ASP A 409 -1.09 -15.66 24.73
N HIS A 410 -2.21 -15.44 25.40
CA HIS A 410 -3.27 -16.41 25.51
C HIS A 410 -4.52 -15.92 24.80
N PHE A 411 -4.40 -14.84 24.03
CA PHE A 411 -5.47 -14.29 23.21
C PHE A 411 -6.60 -13.76 24.09
N GLU A 412 -6.22 -13.19 25.22
CA GLU A 412 -7.07 -12.34 26.02
C GLU A 412 -6.85 -10.88 25.62
N GLY A 413 -7.90 -10.08 25.72
CA GLY A 413 -7.75 -8.68 25.40
C GLY A 413 -8.99 -8.02 24.81
N SER A 414 -9.17 -6.73 25.13
CA SER A 414 -10.26 -5.95 24.56
C SER A 414 -9.92 -5.59 23.12
N LEU A 415 -10.85 -4.89 22.46
CA LEU A 415 -10.67 -4.51 21.07
C LEU A 415 -10.79 -2.99 20.93
N ARG A 416 -10.05 -2.46 19.95
CA ARG A 416 -10.17 -1.05 19.61
C ARG A 416 -11.58 -0.74 19.10
N ARG A 417 -11.99 -1.43 18.05
CA ARG A 417 -13.37 -1.39 17.56
C ARG A 417 -13.85 -2.82 17.36
N PRO A 418 -14.99 -3.20 17.92
CA PRO A 418 -15.47 -4.57 17.74
C PRO A 418 -16.00 -4.80 16.33
N LEU A 419 -15.58 -5.91 15.74
CA LEU A 419 -15.94 -6.23 14.37
C LEU A 419 -17.14 -7.16 14.35
N SER A 420 -18.22 -6.70 13.73
CA SER A 420 -19.34 -7.57 13.40
C SER A 420 -19.04 -8.24 12.07
N TRP A 421 -20.03 -8.89 11.48
CA TRP A 421 -19.96 -9.32 10.09
C TRP A 421 -20.62 -8.32 9.14
N LYS A 422 -21.02 -7.17 9.66
CA LYS A 422 -21.46 -6.05 8.82
C LYS A 422 -20.35 -5.03 8.59
N SER A 423 -19.49 -4.81 9.59
CA SER A 423 -18.33 -3.97 9.38
C SER A 423 -17.35 -4.61 8.40
N LEU A 424 -17.15 -5.92 8.51
CA LEU A 424 -16.21 -6.60 7.63
C LEU A 424 -16.76 -6.72 6.21
N ALA A 425 -18.06 -6.99 6.07
CA ALA A 425 -18.65 -7.05 4.74
C ALA A 425 -18.57 -5.70 4.05
N ALA A 426 -18.86 -4.62 4.78
CA ALA A 426 -18.78 -3.28 4.19
C ALA A 426 -17.35 -2.92 3.83
N LEU A 427 -16.40 -3.18 4.73
CA LEU A 427 -15.00 -2.86 4.47
C LEU A 427 -14.49 -3.64 3.27
N SER A 428 -14.84 -4.92 3.17
CA SER A 428 -14.41 -5.74 2.05
C SER A 428 -15.03 -5.25 0.75
N ARG A 429 -16.30 -4.86 0.78
CA ARG A 429 -16.94 -4.37 -0.43
C ARG A 429 -16.27 -3.09 -0.92
N VAL A 430 -16.06 -2.13 -0.01
CA VAL A 430 -15.46 -0.87 -0.43
C VAL A 430 -13.97 -1.01 -0.75
N SER A 431 -13.32 -2.08 -0.29
CA SER A 431 -11.95 -2.32 -0.73
C SER A 431 -11.90 -2.98 -2.10
N VAL A 432 -12.89 -3.82 -2.43
CA VAL A 432 -12.94 -4.39 -3.76
C VAL A 432 -13.31 -3.33 -4.79
N ASN A 433 -14.13 -2.35 -4.41
CA ASN A 433 -14.47 -1.28 -5.35
C ASN A 433 -13.27 -0.41 -5.69
N VAL A 434 -12.28 -0.34 -4.81
CA VAL A 434 -11.12 0.52 -5.03
C VAL A 434 -9.85 -0.29 -5.27
N SER A 435 -9.98 -1.59 -5.54
CA SER A 435 -8.87 -2.46 -5.92
C SER A 435 -7.78 -2.47 -4.84
N LYS A 436 -8.17 -2.95 -3.66
CA LYS A 436 -7.27 -3.08 -2.53
C LYS A 436 -7.53 -4.39 -1.82
N GLU A 437 -6.71 -4.68 -0.81
CA GLU A 437 -6.81 -5.92 -0.04
C GLU A 437 -6.98 -5.58 1.43
N LEU A 438 -7.89 -6.28 2.10
CA LEU A 438 -8.25 -6.01 3.49
C LEU A 438 -7.41 -6.92 4.39
N MET A 439 -6.32 -6.37 4.89
CA MET A 439 -5.45 -7.08 5.83
C MET A 439 -5.85 -6.74 7.26
N LEU A 440 -6.06 -7.78 8.07
CA LEU A 440 -6.25 -7.62 9.51
C LEU A 440 -4.95 -7.97 10.21
N CYS A 441 -4.41 -7.02 10.95
CA CYS A 441 -3.18 -7.20 11.69
C CYS A 441 -3.49 -7.42 13.17
N TYR A 442 -2.77 -8.35 13.78
CA TYR A 442 -2.88 -8.62 15.20
C TYR A 442 -1.50 -8.47 15.83
N LEU A 443 -1.47 -7.90 17.04
CA LEU A 443 -0.25 -7.76 17.81
C LEU A 443 -0.42 -8.56 19.09
N ILE A 444 0.38 -9.61 19.23
CA ILE A 444 0.28 -10.55 20.34
C ILE A 444 1.39 -10.25 21.33
N LYS A 445 1.01 -9.95 22.57
CA LYS A 445 1.96 -9.63 23.62
C LYS A 445 1.94 -10.70 24.70
N PRO A 446 3.08 -11.00 25.33
CA PRO A 446 3.14 -12.12 26.27
C PRO A 446 2.28 -11.86 27.50
N SER A 447 1.89 -12.96 28.14
CA SER A 447 1.07 -12.88 29.35
C SER A 447 1.89 -12.53 30.58
N THR A 448 3.18 -12.82 30.58
CA THR A 448 4.09 -12.47 31.67
C THR A 448 4.44 -11.00 31.70
N MET A 449 3.85 -10.22 30.81
CA MET A 449 4.15 -8.80 30.70
C MET A 449 3.25 -7.98 31.62
N THR A 450 3.76 -6.84 32.05
CA THR A 450 3.09 -5.99 33.00
C THR A 450 2.95 -4.58 32.45
N ASP A 451 1.97 -3.85 32.96
CA ASP A 451 1.65 -2.52 32.45
C ASP A 451 2.73 -1.47 32.76
N LYS A 452 3.85 -1.84 33.38
CA LYS A 452 4.99 -0.95 33.49
C LYS A 452 6.16 -1.40 32.63
N GLU A 453 6.23 -2.68 32.27
CA GLU A 453 7.18 -3.11 31.25
C GLU A 453 6.78 -2.60 29.88
N MET A 454 5.48 -2.46 29.63
CA MET A 454 4.97 -1.91 28.39
C MET A 454 4.83 -0.38 28.45
N GLU A 455 5.45 0.26 29.43
CA GLU A 455 5.52 1.71 29.52
C GLU A 455 6.83 2.25 28.96
N SER A 456 7.74 1.38 28.58
CA SER A 456 8.98 1.58 27.85
C SER A 456 8.78 1.19 26.39
N PRO A 457 9.44 1.88 25.46
CA PRO A 457 9.31 1.50 24.05
C PRO A 457 9.90 0.13 23.75
N GLU A 458 11.01 -0.24 24.39
CA GLU A 458 11.73 -1.46 24.06
C GLU A 458 10.92 -2.72 24.34
N CYS A 459 9.75 -2.59 24.98
CA CYS A 459 8.80 -3.71 25.03
C CYS A 459 8.54 -4.27 23.64
N MET A 460 8.65 -3.43 22.60
CA MET A 460 8.54 -3.83 21.20
C MET A 460 9.34 -5.10 20.91
N LYS A 461 10.50 -5.25 21.55
CA LYS A 461 11.37 -6.38 21.24
C LYS A 461 10.82 -7.72 21.71
N ARG A 462 9.63 -7.77 22.33
CA ARG A 462 9.07 -9.03 22.79
C ARG A 462 7.61 -9.22 22.38
N ILE A 463 7.13 -8.45 21.41
CA ILE A 463 5.77 -8.57 20.91
C ILE A 463 5.80 -9.11 19.49
N LYS A 464 4.80 -9.92 19.15
CA LYS A 464 4.74 -10.60 17.87
C LYS A 464 3.63 -9.99 16.99
N VAL A 465 3.78 -10.17 15.68
CA VAL A 465 2.84 -9.62 14.70
C VAL A 465 2.29 -10.77 13.87
N GLN A 466 1.03 -10.62 13.45
CA GLN A 466 0.40 -11.61 12.58
C GLN A 466 -0.57 -10.95 11.64
N GLU A 467 -0.34 -11.10 10.33
CA GLU A 467 -1.26 -10.61 9.33
C GLU A 467 -2.18 -11.72 8.84
N VAL A 468 -3.40 -11.34 8.47
CA VAL A 468 -4.29 -12.20 7.71
C VAL A 468 -4.94 -11.35 6.63
N ILE A 469 -5.30 -11.99 5.52
CA ILE A 469 -5.96 -11.30 4.41
C ILE A 469 -7.38 -11.83 4.32
N LEU A 470 -8.36 -10.94 4.44
CA LEU A 470 -9.75 -11.33 4.31
C LEU A 470 -10.21 -11.11 2.88
N SER A 471 -10.85 -12.13 2.31
CA SER A 471 -11.30 -12.09 0.93
C SER A 471 -12.75 -12.53 0.87
N ARG A 472 -13.30 -12.55 -0.35
CA ARG A 472 -14.69 -12.90 -0.58
C ARG A 472 -14.72 -14.06 -1.57
N TRP A 473 -14.79 -15.28 -1.04
CA TRP A 473 -14.90 -16.47 -1.86
C TRP A 473 -16.24 -16.46 -2.59
N VAL A 474 -16.21 -16.39 -3.91
CA VAL A 474 -17.42 -16.44 -4.72
C VAL A 474 -17.69 -17.87 -5.13
N SER A 475 -18.88 -18.38 -4.80
CA SER A 475 -19.18 -19.78 -4.99
C SER A 475 -19.07 -20.20 -6.44
N SER A 476 -19.57 -19.38 -7.36
CA SER A 476 -19.70 -19.78 -8.75
C SER A 476 -18.43 -19.58 -9.57
N ARG A 477 -17.44 -18.85 -9.06
CA ARG A 477 -16.22 -18.63 -9.81
C ARG A 477 -15.11 -19.62 -9.48
N GLU A 478 -15.23 -20.36 -8.38
CA GLU A 478 -14.16 -21.23 -7.92
C GLU A 478 -14.53 -22.71 -8.02
N ARG A 479 -15.49 -23.07 -8.86
CA ARG A 479 -15.85 -24.46 -9.03
C ARG A 479 -15.02 -25.16 -10.08
N SER A 480 -14.08 -24.46 -10.70
CA SER A 480 -13.05 -25.07 -11.51
C SER A 480 -11.81 -24.19 -11.54
N ASP A 481 -10.83 -24.50 -10.68
CA ASP A 481 -9.61 -23.70 -10.64
C ASP A 481 -8.52 -24.35 -11.50
N GLN A 482 -8.90 -24.65 -12.73
CA GLN A 482 -7.93 -25.05 -13.75
C GLN A 482 -8.14 -24.22 -15.02
N ASP A 483 -9.39 -23.91 -15.34
CA ASP A 483 -9.71 -23.13 -16.53
C ASP A 483 -9.07 -21.74 -16.49
N ASP A 484 -8.10 -21.51 -17.37
CA ASP A 484 -7.57 -20.16 -17.59
C ASP A 484 -6.95 -20.15 -18.99
N LEU A 485 -7.74 -19.72 -19.97
CA LEU A 485 -7.32 -19.64 -21.37
C LEU A 485 -6.60 -20.90 -21.84
N MET B 21 -57.86 -16.91 6.76
CA MET B 21 -56.72 -16.16 7.27
C MET B 21 -55.46 -17.02 7.18
N LEU B 22 -54.30 -16.38 7.19
CA LEU B 22 -53.05 -17.08 6.93
C LEU B 22 -52.53 -17.75 8.20
N VAL B 23 -51.57 -18.65 8.00
CA VAL B 23 -50.94 -19.39 9.10
C VAL B 23 -49.47 -19.60 8.73
N VAL B 24 -48.59 -19.21 9.63
CA VAL B 24 -47.15 -19.35 9.46
C VAL B 24 -46.67 -20.43 10.44
N GLU B 25 -45.75 -21.27 9.99
CA GLU B 25 -45.27 -22.37 10.83
C GLU B 25 -43.96 -21.97 11.48
N VAL B 26 -43.97 -21.89 12.81
CA VAL B 26 -42.81 -21.49 13.59
C VAL B 26 -42.22 -22.75 14.22
N ALA B 27 -41.05 -23.14 13.73
CA ALA B 27 -40.34 -24.31 14.26
C ALA B 27 -38.98 -23.84 14.77
N ASN B 28 -38.71 -24.14 16.03
CA ASN B 28 -37.44 -23.79 16.68
C ASN B 28 -37.18 -22.29 16.67
N GLY B 29 -38.21 -21.50 16.42
CA GLY B 29 -38.08 -20.05 16.36
C GLY B 29 -37.89 -19.49 14.98
N ARG B 30 -38.10 -20.26 13.92
CA ARG B 30 -38.02 -19.75 12.56
C ARG B 30 -39.35 -19.99 11.85
N SER B 31 -39.75 -19.01 11.04
CA SER B 31 -41.09 -18.92 10.48
C SER B 31 -41.05 -19.20 8.99
N LEU B 32 -41.77 -20.23 8.57
CA LEU B 32 -41.84 -20.60 7.17
C LEU B 32 -43.28 -20.57 6.68
N VAL B 33 -43.42 -20.28 5.39
CA VAL B 33 -44.69 -20.30 4.67
C VAL B 33 -44.56 -21.29 3.54
N TRP B 34 -45.53 -22.19 3.43
CA TRP B 34 -45.44 -23.33 2.52
C TRP B 34 -46.46 -23.31 1.40
N GLY B 35 -47.40 -22.38 1.39
CA GLY B 35 -48.40 -22.28 0.35
C GLY B 35 -48.07 -21.18 -0.64
N ALA B 36 -48.66 -21.29 -1.84
CA ALA B 36 -48.44 -20.32 -2.89
C ALA B 36 -49.44 -19.18 -2.89
N GLU B 37 -50.61 -19.37 -2.28
CA GLU B 37 -51.59 -18.30 -2.15
C GLU B 37 -51.32 -17.41 -0.95
N ALA B 38 -50.69 -17.97 0.10
CA ALA B 38 -50.35 -17.15 1.26
C ALA B 38 -49.23 -16.16 0.94
N VAL B 39 -48.29 -16.55 0.08
CA VAL B 39 -47.24 -15.62 -0.34
C VAL B 39 -47.82 -14.51 -1.20
N GLN B 40 -48.71 -14.86 -2.13
CA GLN B 40 -49.36 -13.84 -2.95
C GLN B 40 -50.15 -12.88 -2.08
N ALA B 41 -50.94 -13.39 -1.14
CA ALA B 41 -51.71 -12.53 -0.26
C ALA B 41 -50.78 -11.63 0.55
N LEU B 42 -49.73 -12.20 1.14
CA LEU B 42 -48.78 -11.43 1.92
C LEU B 42 -48.24 -10.26 1.11
N ARG B 43 -47.69 -10.52 -0.07
CA ARG B 43 -47.01 -9.45 -0.79
C ARG B 43 -47.99 -8.46 -1.38
N GLU B 44 -49.09 -8.94 -1.97
CA GLU B 44 -50.01 -8.06 -2.66
C GLU B 44 -50.97 -7.34 -1.72
N ARG B 45 -51.01 -7.68 -0.43
CA ARG B 45 -51.91 -6.98 0.48
C ARG B 45 -51.21 -6.30 1.63
N LEU B 46 -50.20 -6.93 2.23
CA LEU B 46 -49.61 -6.45 3.48
C LEU B 46 -48.24 -5.82 3.29
N GLY B 47 -47.69 -5.86 2.08
CA GLY B 47 -46.38 -5.28 1.85
C GLY B 47 -45.24 -6.04 2.48
N VAL B 48 -45.37 -7.36 2.58
CA VAL B 48 -44.34 -8.22 3.16
C VAL B 48 -43.88 -9.18 2.07
N GLY B 49 -42.57 -9.31 1.89
CA GLY B 49 -42.05 -10.03 0.74
C GLY B 49 -41.30 -11.31 1.06
N GLY B 50 -40.66 -11.38 2.22
CA GLY B 50 -40.03 -12.61 2.64
C GLY B 50 -38.76 -12.93 1.85
N ARG B 51 -38.46 -14.22 1.78
CA ARG B 51 -37.32 -14.71 1.03
C ARG B 51 -37.49 -16.19 0.69
N THR B 52 -37.57 -16.53 -0.59
CA THR B 52 -37.71 -17.92 -1.01
C THR B 52 -36.38 -18.65 -0.85
N VAL B 53 -36.39 -19.74 -0.11
CA VAL B 53 -35.16 -20.44 0.25
C VAL B 53 -35.10 -21.86 -0.29
N GLY B 54 -36.16 -22.38 -0.88
CA GLY B 54 -36.21 -23.76 -1.32
C GLY B 54 -35.44 -23.98 -2.61
N ALA B 55 -35.93 -24.93 -3.40
CA ALA B 55 -35.38 -25.23 -4.71
C ALA B 55 -36.48 -25.14 -5.76
N LEU B 56 -36.07 -25.03 -7.01
CA LEU B 56 -37.19 -24.99 -7.94
C LEU B 56 -37.51 -26.39 -8.44
N PRO B 57 -38.79 -26.72 -8.61
CA PRO B 57 -39.14 -28.03 -9.19
C PRO B 57 -38.72 -28.17 -10.63
N ARG B 58 -38.44 -27.09 -11.33
CA ARG B 58 -38.01 -27.12 -12.72
C ARG B 58 -36.57 -26.66 -12.92
N GLY B 59 -35.93 -26.10 -11.89
CA GLY B 59 -34.59 -25.59 -12.00
C GLY B 59 -33.64 -26.07 -10.92
N PRO B 60 -33.70 -27.35 -10.56
CA PRO B 60 -33.06 -27.82 -9.32
C PRO B 60 -31.55 -27.91 -9.38
N ARG B 61 -30.89 -27.35 -10.38
CA ARG B 61 -29.43 -27.35 -10.47
C ARG B 61 -28.92 -25.94 -10.71
N GLN B 62 -29.45 -24.98 -9.95
CA GLN B 62 -29.10 -23.58 -10.12
C GLN B 62 -29.43 -22.82 -8.84
N ASN B 63 -28.71 -21.73 -8.61
CA ASN B 63 -28.91 -20.88 -7.45
C ASN B 63 -29.51 -19.53 -7.81
N SER B 64 -29.91 -19.32 -9.07
CA SER B 64 -30.43 -18.03 -9.49
C SER B 64 -31.85 -17.81 -8.98
N ARG B 65 -32.75 -18.75 -9.26
CA ARG B 65 -34.12 -18.68 -8.81
C ARG B 65 -34.43 -19.84 -7.89
N LEU B 66 -35.12 -19.54 -6.79
CA LEU B 66 -35.49 -20.54 -5.80
C LEU B 66 -36.99 -20.46 -5.55
N GLY B 67 -37.53 -21.51 -4.93
CA GLY B 67 -38.95 -21.61 -4.70
C GLY B 67 -39.33 -21.76 -3.24
N LEU B 68 -40.51 -22.32 -2.99
CA LEU B 68 -41.00 -22.46 -1.64
C LEU B 68 -40.12 -23.43 -0.85
N PRO B 69 -40.07 -23.28 0.48
CA PRO B 69 -40.82 -22.38 1.36
C PRO B 69 -40.32 -20.94 1.32
N LEU B 70 -41.10 -20.02 1.86
CA LEU B 70 -40.70 -18.63 2.02
C LEU B 70 -40.39 -18.38 3.49
N LEU B 71 -39.21 -17.83 3.75
CA LEU B 71 -38.73 -17.60 5.10
C LEU B 71 -39.07 -16.18 5.55
N LEU B 72 -39.72 -16.05 6.71
CA LEU B 72 -40.02 -14.75 7.28
C LEU B 72 -39.04 -14.44 8.41
N MET B 73 -38.64 -13.17 8.51
CA MET B 73 -37.90 -12.71 9.66
C MET B 73 -38.79 -12.78 10.91
N PRO B 74 -38.20 -12.80 12.10
CA PRO B 74 -39.03 -12.79 13.31
C PRO B 74 -39.85 -11.53 13.46
N GLU B 75 -39.30 -10.39 13.03
CA GLU B 75 -40.01 -9.12 13.12
C GLU B 75 -41.23 -9.10 12.19
N GLU B 76 -41.09 -9.64 10.97
CA GLU B 76 -42.24 -9.71 10.07
C GLU B 76 -43.33 -10.61 10.64
N ALA B 77 -42.95 -11.75 11.21
CA ALA B 77 -43.96 -12.66 11.76
C ALA B 77 -44.63 -12.05 12.98
N ARG B 78 -43.88 -11.33 13.81
CA ARG B 78 -44.48 -10.69 14.98
C ARG B 78 -45.44 -9.58 14.56
N LEU B 79 -45.02 -8.75 13.60
CA LEU B 79 -45.90 -7.70 13.09
C LEU B 79 -47.16 -8.28 12.47
N LEU B 80 -47.03 -9.39 11.74
CA LEU B 80 -48.19 -9.98 11.09
C LEU B 80 -49.13 -10.62 12.10
N ALA B 81 -48.59 -11.23 13.15
CA ALA B 81 -49.44 -11.75 14.22
C ALA B 81 -50.16 -10.62 14.94
N GLU B 82 -49.48 -9.50 15.17
CA GLU B 82 -50.09 -8.41 15.94
C GLU B 82 -51.19 -7.70 15.16
N ILE B 83 -50.94 -7.37 13.88
CA ILE B 83 -51.96 -6.70 13.11
C ILE B 83 -53.09 -7.67 12.76
N GLY B 84 -52.92 -8.94 13.11
CA GLY B 84 -53.99 -9.90 12.97
C GLY B 84 -54.17 -10.47 11.58
N ALA B 85 -53.09 -10.64 10.82
CA ALA B 85 -53.18 -11.17 9.47
C ALA B 85 -52.80 -12.64 9.39
N VAL B 86 -51.96 -13.14 10.29
CA VAL B 86 -51.55 -14.53 10.28
C VAL B 86 -51.86 -15.14 11.64
N THR B 87 -51.51 -16.41 11.82
CA THR B 87 -51.66 -17.10 13.10
C THR B 87 -50.43 -17.98 13.28
N LEU B 88 -49.55 -17.60 14.18
CA LEU B 88 -48.36 -18.38 14.45
C LEU B 88 -48.73 -19.63 15.25
N VAL B 89 -48.59 -20.79 14.61
CA VAL B 89 -48.77 -22.06 15.28
C VAL B 89 -47.39 -22.68 15.51
N SER B 90 -47.35 -23.72 16.33
CA SER B 90 -46.15 -24.54 16.48
C SER B 90 -46.28 -25.75 15.58
N ALA B 91 -45.17 -26.12 14.94
CA ALA B 91 -45.20 -27.18 13.93
C ALA B 91 -45.75 -28.46 14.54
N PRO B 92 -46.82 -29.03 13.97
CA PRO B 92 -47.46 -30.20 14.59
C PRO B 92 -46.54 -31.41 14.57
N ARG B 93 -46.99 -32.45 15.27
CA ARG B 93 -46.33 -33.74 15.32
C ARG B 93 -47.37 -34.79 14.99
N PRO B 94 -47.02 -35.82 14.19
CA PRO B 94 -47.99 -36.88 13.89
C PRO B 94 -48.64 -37.43 15.14
N ASP B 95 -49.92 -37.75 15.03
CA ASP B 95 -50.73 -38.09 16.19
C ASP B 95 -50.60 -39.56 16.55
N SER B 96 -50.36 -40.41 15.55
CA SER B 96 -50.11 -41.84 15.72
C SER B 96 -51.40 -42.59 16.04
N ARG B 97 -52.49 -41.86 16.30
CA ARG B 97 -53.79 -42.50 16.37
C ARG B 97 -54.56 -42.32 15.07
N HIS B 98 -54.18 -41.33 14.26
CA HIS B 98 -54.65 -41.20 12.89
C HIS B 98 -53.55 -41.74 11.99
N HIS B 99 -53.44 -43.06 11.93
CA HIS B 99 -52.45 -43.66 11.04
C HIS B 99 -53.02 -44.73 10.13
N SER B 100 -53.97 -45.53 10.62
CA SER B 100 -54.45 -46.66 9.82
C SER B 100 -55.35 -46.18 8.68
N LEU B 101 -56.30 -45.30 8.98
CA LEU B 101 -57.11 -44.71 7.91
C LEU B 101 -56.23 -43.93 6.94
N ALA B 102 -55.18 -43.27 7.46
CA ALA B 102 -54.20 -42.63 6.61
C ALA B 102 -53.59 -43.63 5.62
N LEU B 103 -53.18 -44.80 6.12
CA LEU B 103 -52.56 -45.81 5.26
C LEU B 103 -53.54 -46.29 4.19
N THR B 104 -54.77 -46.62 4.60
CA THR B 104 -55.72 -47.14 3.62
C THR B 104 -56.10 -46.07 2.59
N SER B 105 -56.22 -44.82 3.03
CA SER B 105 -56.51 -43.73 2.12
C SER B 105 -55.38 -43.56 1.11
N PHE B 106 -54.13 -43.55 1.58
CA PHE B 106 -53.01 -43.43 0.66
C PHE B 106 -52.99 -44.58 -0.33
N LYS B 107 -53.27 -45.79 0.13
CA LYS B 107 -53.24 -46.94 -0.76
C LYS B 107 -54.30 -46.83 -1.84
N ARG B 108 -55.53 -46.48 -1.44
CA ARG B 108 -56.61 -46.31 -2.41
C ARG B 108 -56.30 -45.21 -3.41
N GLN B 109 -55.81 -44.06 -2.92
CA GLN B 109 -55.50 -42.94 -3.80
C GLN B 109 -54.41 -43.31 -4.80
N GLN B 110 -53.33 -43.92 -4.32
CA GLN B 110 -52.25 -44.35 -5.21
C GLN B 110 -52.78 -45.28 -6.28
N GLU B 111 -53.59 -46.28 -5.88
CA GLU B 111 -54.09 -47.26 -6.83
C GLU B 111 -54.98 -46.62 -7.89
N GLU B 112 -55.89 -45.74 -7.48
CA GLU B 112 -56.84 -45.18 -8.43
C GLU B 112 -56.16 -44.14 -9.33
N SER B 113 -55.26 -43.33 -8.77
CA SER B 113 -54.55 -42.38 -9.60
C SER B 113 -53.58 -43.05 -10.56
N PHE B 114 -53.13 -44.27 -10.24
CA PHE B 114 -52.32 -45.02 -11.20
C PHE B 114 -53.19 -45.59 -12.31
N GLN B 115 -54.26 -46.31 -11.94
CA GLN B 115 -55.04 -46.96 -12.98
C GLN B 115 -55.95 -46.00 -13.76
N GLU B 116 -55.88 -44.70 -13.49
CA GLU B 116 -56.59 -43.71 -14.31
C GLU B 116 -55.69 -42.89 -15.20
N GLN B 117 -54.37 -43.07 -15.10
CA GLN B 117 -53.46 -42.44 -16.06
C GLN B 117 -53.38 -43.22 -17.36
N SER B 118 -53.64 -44.52 -17.30
CA SER B 118 -53.58 -45.36 -18.49
C SER B 118 -54.58 -44.91 -19.54
N ALA B 119 -55.76 -44.45 -19.11
CA ALA B 119 -56.81 -44.10 -20.07
C ALA B 119 -56.41 -42.89 -20.91
N LEU B 120 -56.10 -41.77 -20.26
CA LEU B 120 -55.70 -40.60 -21.04
C LEU B 120 -54.34 -40.80 -21.69
N ALA B 121 -53.49 -41.67 -21.15
CA ALA B 121 -52.28 -42.05 -21.87
C ALA B 121 -52.62 -42.68 -23.21
N ALA B 122 -53.53 -43.66 -23.21
CA ALA B 122 -53.93 -44.33 -24.44
C ALA B 122 -54.54 -43.34 -25.43
N GLU B 123 -55.43 -42.48 -24.95
CA GLU B 123 -56.05 -41.50 -25.83
C GLU B 123 -55.02 -40.54 -26.43
N ALA B 124 -54.16 -39.97 -25.59
CA ALA B 124 -53.12 -39.08 -26.09
C ALA B 124 -52.19 -39.77 -27.06
N ARG B 125 -51.96 -41.08 -26.88
CA ARG B 125 -51.08 -41.79 -27.80
C ARG B 125 -51.75 -42.02 -29.15
N GLU B 126 -53.02 -42.41 -29.14
CA GLU B 126 -53.77 -42.50 -30.39
C GLU B 126 -53.83 -41.15 -31.10
N THR B 127 -53.86 -40.06 -30.33
CA THR B 127 -53.90 -38.73 -30.92
C THR B 127 -52.56 -38.33 -31.52
N ARG B 128 -51.47 -38.64 -30.82
CA ARG B 128 -50.13 -38.38 -31.35
C ARG B 128 -49.77 -39.33 -32.49
N ARG B 129 -50.54 -40.39 -32.70
CA ARG B 129 -50.36 -41.25 -33.86
C ARG B 129 -51.18 -40.80 -35.05
N GLN B 130 -52.48 -40.52 -34.87
CA GLN B 130 -53.31 -40.09 -35.98
C GLN B 130 -52.95 -38.71 -36.52
N GLU B 131 -52.08 -37.97 -35.83
CA GLU B 131 -51.67 -36.66 -36.31
C GLU B 131 -50.64 -36.78 -37.42
N LEU B 132 -49.77 -37.79 -37.35
CA LEU B 132 -48.71 -38.00 -38.33
C LEU B 132 -48.78 -39.42 -38.89
N LEU B 133 -50.00 -39.92 -39.07
CA LEU B 133 -50.18 -41.25 -39.64
C LEU B 133 -49.71 -41.30 -41.09
N GLU B 134 -49.97 -40.23 -41.84
CA GLU B 134 -49.56 -40.20 -43.24
C GLU B 134 -48.05 -40.39 -43.39
N LYS B 135 -47.27 -39.78 -42.50
CA LYS B 135 -45.83 -39.97 -42.53
C LYS B 135 -45.45 -41.41 -42.22
N ILE B 136 -46.14 -42.02 -41.24
CA ILE B 136 -45.90 -43.43 -40.92
C ILE B 136 -46.14 -44.30 -42.14
N THR B 137 -47.27 -44.09 -42.82
CA THR B 137 -47.60 -44.90 -43.98
C THR B 137 -46.62 -44.69 -45.13
N GLU B 138 -46.24 -43.43 -45.37
CA GLU B 138 -45.29 -43.14 -46.44
C GLU B 138 -43.94 -43.80 -46.17
N GLY B 139 -43.43 -43.68 -44.93
CA GLY B 139 -42.17 -44.30 -44.60
C GLY B 139 -42.23 -45.83 -44.65
N GLN B 140 -43.35 -46.40 -44.21
CA GLN B 140 -43.50 -47.86 -44.25
C GLN B 140 -43.54 -48.36 -45.69
N ALA B 141 -44.26 -47.66 -46.56
CA ALA B 141 -44.31 -48.06 -47.95
C ALA B 141 -42.96 -47.91 -48.63
N ALA B 142 -42.24 -46.82 -48.34
CA ALA B 142 -40.89 -46.68 -48.89
C ALA B 142 -39.99 -47.82 -48.44
N LYS B 143 -40.01 -48.12 -47.14
CA LYS B 143 -39.24 -49.22 -46.58
C LYS B 143 -39.51 -50.53 -47.32
N LYS B 144 -40.80 -50.91 -47.40
CA LYS B 144 -41.09 -52.23 -47.95
C LYS B 144 -40.90 -52.27 -49.47
N GLN B 145 -41.05 -51.15 -50.17
CA GLN B 145 -40.77 -51.17 -51.60
C GLN B 145 -39.27 -51.23 -51.88
N LYS B 146 -38.44 -50.60 -51.06
CA LYS B 146 -37.01 -50.78 -51.24
C LYS B 146 -36.60 -52.19 -50.83
N LEU B 147 -37.30 -52.79 -49.86
CA LEU B 147 -37.07 -54.19 -49.55
C LEU B 147 -37.44 -55.08 -50.75
N GLU B 148 -38.51 -54.72 -51.45
CA GLU B 148 -38.88 -55.47 -52.65
C GLU B 148 -37.81 -55.34 -53.73
N GLN B 149 -37.41 -54.10 -54.05
CA GLN B 149 -36.38 -53.88 -55.07
C GLN B 149 -35.11 -54.65 -54.72
N ALA B 150 -34.75 -54.68 -53.43
CA ALA B 150 -33.62 -55.51 -52.99
C ALA B 150 -33.90 -56.99 -53.22
N SER B 151 -35.14 -57.43 -52.99
CA SER B 151 -35.48 -58.83 -53.21
C SER B 151 -35.32 -59.21 -54.68
N GLY B 152 -35.64 -58.28 -55.59
CA GLY B 152 -35.42 -58.52 -57.00
C GLY B 152 -33.99 -58.32 -57.46
N ALA B 153 -33.12 -57.83 -56.57
CA ALA B 153 -31.72 -57.62 -56.88
C ALA B 153 -30.77 -58.46 -56.03
N SER B 154 -31.25 -59.10 -54.98
CA SER B 154 -30.41 -59.93 -54.12
C SER B 154 -29.80 -61.11 -54.88
N PRO B 199 -47.36 -49.60 -17.29
CA PRO B 199 -46.52 -50.33 -16.33
C PRO B 199 -45.77 -49.40 -15.40
N ARG B 200 -45.21 -49.95 -14.32
CA ARG B 200 -44.34 -49.17 -13.45
C ARG B 200 -43.17 -48.59 -14.25
N SER B 201 -42.67 -47.45 -13.77
CA SER B 201 -41.72 -46.55 -14.40
C SER B 201 -42.37 -45.73 -15.51
N ALA B 202 -43.63 -46.01 -15.85
CA ALA B 202 -44.42 -45.16 -16.74
C ALA B 202 -45.66 -44.65 -16.03
N LEU B 203 -45.69 -44.76 -14.70
CA LEU B 203 -46.76 -44.22 -13.87
C LEU B 203 -46.23 -43.02 -13.12
N LEU B 204 -46.99 -41.93 -13.13
CA LEU B 204 -46.52 -40.66 -12.62
C LEU B 204 -46.95 -40.48 -11.17
N VAL B 205 -46.08 -39.84 -10.40
CA VAL B 205 -46.34 -39.58 -8.98
C VAL B 205 -45.86 -38.19 -8.65
N GLN B 206 -46.52 -37.54 -7.70
CA GLN B 206 -46.23 -36.17 -7.31
C GLN B 206 -45.52 -36.14 -5.97
N LEU B 207 -44.52 -35.27 -5.85
CA LEU B 207 -43.80 -35.03 -4.61
C LEU B 207 -44.29 -33.71 -4.05
N ALA B 208 -45.08 -33.76 -3.00
CA ALA B 208 -45.78 -32.57 -2.51
C ALA B 208 -44.81 -31.61 -1.82
N THR B 209 -45.07 -30.32 -1.99
CA THR B 209 -44.27 -29.30 -1.32
C THR B 209 -44.77 -29.07 0.10
N ALA B 210 -46.08 -29.01 0.28
CA ALA B 210 -46.70 -28.82 1.58
C ALA B 210 -47.54 -30.04 1.91
N ARG B 211 -47.56 -30.40 3.19
CA ARG B 211 -48.27 -31.55 3.74
C ARG B 211 -49.66 -31.67 3.14
N PRO B 212 -50.05 -32.85 2.67
CA PRO B 212 -51.36 -33.02 2.01
C PRO B 212 -52.49 -33.45 2.94
N ARG B 213 -52.28 -33.49 4.24
CA ARG B 213 -53.32 -33.92 5.16
C ARG B 213 -53.66 -32.79 6.13
N PRO B 214 -54.93 -32.53 6.40
CA PRO B 214 -55.29 -31.52 7.39
C PRO B 214 -54.94 -32.00 8.79
N VAL B 215 -54.24 -31.15 9.54
CA VAL B 215 -53.84 -31.47 10.90
C VAL B 215 -54.39 -30.41 11.84
N LYS B 216 -54.12 -30.56 13.14
CA LYS B 216 -54.46 -29.55 14.13
C LYS B 216 -53.19 -29.14 14.86
N ALA B 217 -52.94 -27.84 14.90
CA ALA B 217 -51.80 -27.29 15.61
C ALA B 217 -52.31 -26.43 16.76
N ARG B 218 -51.39 -26.07 17.65
CA ARG B 218 -51.77 -25.26 18.78
C ARG B 218 -51.14 -23.88 18.65
N PRO B 219 -51.92 -22.81 18.84
CA PRO B 219 -51.39 -21.47 18.57
C PRO B 219 -50.23 -21.11 19.48
N LEU B 220 -49.26 -20.42 18.91
CA LEU B 220 -48.07 -19.98 19.62
C LEU B 220 -48.29 -18.60 20.23
N ASP B 221 -47.67 -18.37 21.38
CA ASP B 221 -47.75 -17.09 22.08
C ASP B 221 -46.42 -16.37 21.89
N TRP B 222 -46.46 -15.26 21.15
CA TRP B 222 -45.25 -14.53 20.81
C TRP B 222 -44.85 -13.49 21.85
N ARG B 223 -45.71 -13.18 22.81
CA ARG B 223 -45.38 -12.21 23.85
C ARG B 223 -44.89 -12.88 25.13
N VAL B 224 -44.46 -14.13 25.04
CA VAL B 224 -43.88 -14.87 26.16
C VAL B 224 -42.76 -15.75 25.60
N GLN B 225 -41.58 -15.68 26.21
CA GLN B 225 -40.47 -16.49 25.75
C GLN B 225 -40.75 -17.97 25.99
N SER B 226 -40.40 -18.80 25.02
CA SER B 226 -40.73 -20.20 25.05
C SER B 226 -39.64 -20.97 24.33
N LYS B 227 -39.94 -22.23 23.96
CA LYS B 227 -38.99 -23.09 23.28
C LYS B 227 -38.92 -22.80 21.79
N ASP B 228 -40.08 -22.64 21.14
CA ASP B 228 -40.15 -22.34 19.72
C ASP B 228 -40.48 -20.88 19.47
N TRP B 229 -40.09 -20.01 20.42
CA TRP B 229 -40.11 -18.56 20.21
C TRP B 229 -39.11 -17.95 21.19
N PRO B 230 -37.82 -18.11 20.93
CA PRO B 230 -36.80 -17.63 21.88
C PRO B 230 -36.55 -16.14 21.79
N HIS B 231 -37.42 -15.42 21.08
CA HIS B 231 -37.15 -14.04 20.71
C HIS B 231 -37.69 -13.03 21.72
N ALA B 232 -38.83 -13.30 22.33
CA ALA B 232 -39.45 -12.37 23.27
C ALA B 232 -38.49 -11.99 24.39
N GLY B 233 -38.32 -10.68 24.60
CA GLY B 233 -37.52 -10.15 25.66
C GLY B 233 -36.11 -9.73 25.25
N ARG B 234 -35.55 -10.37 24.23
CA ARG B 234 -34.23 -10.00 23.76
C ARG B 234 -34.22 -8.55 23.30
N PRO B 235 -33.13 -7.82 23.55
CA PRO B 235 -33.12 -6.38 23.24
C PRO B 235 -33.00 -6.09 21.76
N ALA B 236 -32.20 -6.88 21.06
CA ALA B 236 -32.02 -6.67 19.62
C ALA B 236 -33.33 -6.87 18.89
N HIS B 237 -34.13 -7.85 19.30
CA HIS B 237 -35.43 -8.09 18.68
C HIS B 237 -36.36 -6.90 18.92
N GLU B 238 -36.38 -6.37 20.14
CA GLU B 238 -37.24 -5.22 20.43
C GLU B 238 -36.83 -4.02 19.59
N LEU B 239 -35.53 -3.72 19.52
CA LEU B 239 -35.04 -2.61 18.72
C LEU B 239 -35.42 -2.76 17.25
N ARG B 240 -35.05 -3.88 16.64
CA ARG B 240 -35.31 -4.07 15.23
C ARG B 240 -36.80 -4.15 14.92
N TYR B 241 -37.62 -4.61 15.88
CA TYR B 241 -39.05 -4.64 15.64
C TYR B 241 -39.64 -3.24 15.71
N SER B 242 -39.18 -2.41 16.66
CA SER B 242 -39.57 -1.01 16.68
C SER B 242 -39.33 -0.35 15.33
N ILE B 243 -38.11 -0.47 14.82
CA ILE B 243 -37.78 0.21 13.57
C ILE B 243 -38.54 -0.40 12.39
N TYR B 244 -38.63 -1.73 12.33
CA TYR B 244 -39.38 -2.38 11.26
C TYR B 244 -40.83 -1.90 11.23
N ARG B 245 -41.50 -1.89 12.38
CA ARG B 245 -42.90 -1.49 12.40
C ARG B 245 -43.07 -0.04 12.02
N ASP B 246 -42.17 0.84 12.47
CA ASP B 246 -42.28 2.24 12.10
C ASP B 246 -42.12 2.43 10.59
N LEU B 247 -41.09 1.81 10.01
CA LEU B 247 -40.87 1.96 8.57
C LEU B 247 -41.99 1.32 7.76
N TRP B 248 -42.53 0.21 8.23
CA TRP B 248 -43.60 -0.46 7.50
C TRP B 248 -44.90 0.33 7.54
N GLU B 249 -45.14 1.06 8.63
CA GLU B 249 -46.35 1.88 8.70
C GLU B 249 -46.28 3.07 7.77
N ARG B 250 -45.07 3.56 7.46
CA ARG B 250 -44.89 4.69 6.55
C ARG B 250 -45.10 4.31 5.09
N GLY B 251 -45.36 3.05 4.77
CA GLY B 251 -45.62 2.63 3.42
C GLY B 251 -44.42 2.10 2.65
N PHE B 252 -43.33 1.77 3.33
CA PHE B 252 -42.13 1.33 2.65
C PHE B 252 -42.11 -0.19 2.48
N PHE B 253 -41.28 -0.65 1.55
CA PHE B 253 -40.94 -2.05 1.45
C PHE B 253 -39.58 -2.28 2.11
N LEU B 254 -39.40 -3.47 2.68
CA LEU B 254 -38.23 -3.71 3.51
C LEU B 254 -37.64 -5.08 3.21
N SER B 255 -36.32 -5.18 3.38
CA SER B 255 -35.60 -6.43 3.19
C SER B 255 -34.38 -6.40 4.10
N ALA B 256 -33.61 -7.48 4.06
CA ALA B 256 -32.40 -7.60 4.88
C ALA B 256 -31.18 -7.13 4.10
N ALA B 257 -30.25 -6.50 4.80
CA ALA B 257 -29.03 -5.96 4.17
C ALA B 257 -27.82 -6.44 4.98
N GLY B 258 -27.34 -7.63 4.67
CA GLY B 258 -26.10 -8.11 5.26
C GLY B 258 -24.93 -7.75 4.37
N LYS B 259 -25.11 -7.94 3.07
CA LYS B 259 -24.07 -7.65 2.09
C LYS B 259 -23.83 -6.16 1.89
N PHE B 260 -24.73 -5.31 2.38
CA PHE B 260 -24.57 -3.86 2.29
C PHE B 260 -24.15 -3.23 3.61
N GLY B 261 -23.79 -4.03 4.60
CA GLY B 261 -23.31 -3.49 5.87
C GLY B 261 -24.34 -2.71 6.65
N GLY B 262 -25.56 -3.22 6.76
CA GLY B 262 -26.63 -2.50 7.45
C GLY B 262 -27.60 -3.44 8.10
N ASP B 263 -28.78 -2.94 8.47
CA ASP B 263 -29.81 -3.78 9.08
C ASP B 263 -30.98 -4.04 8.16
N PHE B 264 -31.47 -3.03 7.44
CA PHE B 264 -32.55 -3.21 6.49
C PHE B 264 -32.22 -2.50 5.19
N LEU B 265 -32.92 -2.92 4.13
CA LEU B 265 -32.97 -2.20 2.86
C LEU B 265 -34.39 -1.69 2.67
N VAL B 266 -34.52 -0.40 2.33
CA VAL B 266 -35.80 0.29 2.27
C VAL B 266 -36.04 0.72 0.83
N TYR B 267 -37.15 0.20 0.23
CA TYR B 267 -37.66 0.40 -1.12
C TYR B 267 -38.90 1.26 -1.13
N PRO B 268 -39.08 2.09 -2.17
CA PRO B 268 -40.32 2.85 -2.34
C PRO B 268 -41.46 2.06 -2.96
N GLY B 269 -41.28 0.76 -3.15
CA GLY B 269 -42.27 -0.06 -3.83
C GLY B 269 -41.78 -1.49 -3.86
N ASP B 270 -42.52 -2.31 -4.58
CA ASP B 270 -42.18 -3.72 -4.70
C ASP B 270 -40.74 -3.87 -5.20
N PRO B 271 -39.91 -4.64 -4.50
CA PRO B 271 -38.51 -4.80 -4.93
C PRO B 271 -38.34 -5.53 -6.24
N LEU B 272 -39.42 -6.05 -6.84
CA LEU B 272 -39.31 -6.65 -8.16
C LEU B 272 -39.01 -5.61 -9.23
N ARG B 273 -39.49 -4.39 -9.06
CA ARG B 273 -39.36 -3.36 -10.08
C ARG B 273 -38.59 -2.12 -9.64
N PHE B 274 -38.30 -1.97 -8.35
CA PHE B 274 -37.64 -0.77 -7.86
C PHE B 274 -36.29 -1.11 -7.22
N HIS B 275 -35.34 -0.20 -7.41
CA HIS B 275 -34.10 -0.23 -6.65
C HIS B 275 -34.37 0.33 -5.25
N ALA B 276 -33.65 -0.17 -4.27
CA ALA B 276 -33.81 0.36 -2.93
C ALA B 276 -33.32 1.80 -2.88
N HIS B 277 -33.80 2.54 -1.90
CA HIS B 277 -33.32 3.90 -1.67
C HIS B 277 -32.51 4.03 -0.41
N TYR B 278 -32.81 3.30 0.65
CA TYR B 278 -32.07 3.48 1.89
C TYR B 278 -31.49 2.17 2.40
N ILE B 279 -30.37 2.29 3.10
CA ILE B 279 -29.86 1.24 3.97
C ILE B 279 -30.01 1.72 5.40
N ALA B 280 -30.74 0.97 6.21
CA ALA B 280 -31.10 1.38 7.56
C ALA B 280 -30.28 0.61 8.57
N GLN B 281 -29.81 1.33 9.59
CA GLN B 281 -28.98 0.79 10.66
C GLN B 281 -29.66 1.09 11.98
N CYS B 282 -30.07 0.03 12.69
CA CYS B 282 -30.74 0.18 13.98
C CYS B 282 -29.72 0.49 15.06
N TRP B 283 -29.97 1.53 15.83
CA TRP B 283 -29.07 1.99 16.87
C TRP B 283 -29.85 2.30 18.14
N ALA B 284 -29.25 1.99 19.29
CA ALA B 284 -29.85 2.40 20.55
C ALA B 284 -29.58 3.89 20.78
N PRO B 285 -30.55 4.62 21.33
CA PRO B 285 -30.42 6.08 21.40
C PRO B 285 -29.29 6.56 22.29
N GLU B 286 -28.60 5.63 22.96
CA GLU B 286 -27.49 5.98 23.83
C GLU B 286 -26.21 5.23 23.48
N ASP B 287 -26.27 4.22 22.62
CA ASP B 287 -25.06 3.55 22.15
C ASP B 287 -24.22 4.51 21.32
N THR B 288 -22.90 4.36 21.42
CA THR B 288 -21.96 5.23 20.72
C THR B 288 -21.61 4.63 19.37
N ILE B 289 -21.63 5.47 18.34
CA ILE B 289 -21.34 5.06 16.96
C ILE B 289 -19.87 5.36 16.69
N PRO B 290 -19.07 4.36 16.32
CA PRO B 290 -17.67 4.65 15.97
C PRO B 290 -17.58 5.36 14.62
N LEU B 291 -16.76 6.40 14.57
CA LEU B 291 -16.69 7.26 13.39
C LEU B 291 -16.28 6.49 12.15
N GLN B 292 -15.19 5.71 12.25
CA GLN B 292 -14.72 4.89 11.14
C GLN B 292 -15.84 4.04 10.54
N ASP B 293 -16.71 3.51 11.39
CA ASP B 293 -17.87 2.76 10.90
C ASP B 293 -18.79 3.64 10.08
N LEU B 294 -19.03 4.87 10.55
CA LEU B 294 -19.84 5.81 9.79
C LEU B 294 -19.23 6.12 8.43
N VAL B 295 -17.90 6.27 8.39
CA VAL B 295 -17.24 6.60 7.14
C VAL B 295 -17.32 5.43 6.16
N ALA B 296 -17.06 4.21 6.65
CA ALA B 296 -17.15 3.05 5.78
C ALA B 296 -18.58 2.87 5.25
N ALA B 297 -19.59 3.07 6.10
CA ALA B 297 -20.96 2.90 5.64
C ALA B 297 -21.39 4.00 4.68
N GLY B 298 -20.94 5.24 4.90
CA GLY B 298 -21.26 6.30 3.95
C GLY B 298 -20.59 6.10 2.62
N ARG B 299 -19.34 5.62 2.62
CA ARG B 299 -18.66 5.33 1.36
C ARG B 299 -19.36 4.20 0.61
N LEU B 300 -19.76 3.14 1.33
CA LEU B 300 -20.46 2.05 0.67
C LEU B 300 -21.81 2.50 0.12
N GLY B 301 -22.52 3.34 0.87
CA GLY B 301 -23.78 3.86 0.35
C GLY B 301 -23.60 4.76 -0.87
N THR B 302 -22.50 5.51 -0.89
CA THR B 302 -22.21 6.33 -2.06
C THR B 302 -21.89 5.47 -3.27
N SER B 303 -21.21 4.34 -3.06
CA SER B 303 -20.85 3.48 -4.18
C SER B 303 -22.05 2.82 -4.85
N VAL B 304 -23.15 2.58 -4.12
CA VAL B 304 -24.31 1.89 -4.66
C VAL B 304 -25.51 2.81 -4.82
N ARG B 305 -25.31 4.12 -4.63
CA ARG B 305 -26.37 5.12 -4.74
C ARG B 305 -27.50 4.84 -3.75
N LYS B 306 -27.15 4.89 -2.47
CA LYS B 306 -28.10 4.72 -1.38
C LYS B 306 -27.71 5.61 -0.22
N THR B 307 -28.68 6.34 0.33
CA THR B 307 -28.44 7.12 1.54
C THR B 307 -28.25 6.19 2.72
N LEU B 308 -27.53 6.64 3.74
CA LEU B 308 -27.36 5.84 4.94
C LEU B 308 -28.30 6.36 6.02
N LEU B 309 -29.24 5.53 6.45
CA LEU B 309 -30.19 5.95 7.48
C LEU B 309 -29.70 5.53 8.86
N LEU B 310 -30.07 6.32 9.86
CA LEU B 310 -29.78 6.03 11.26
C LEU B 310 -31.11 6.14 12.00
N CYS B 311 -31.57 5.02 12.53
CA CYS B 311 -32.88 4.93 13.16
C CYS B 311 -32.72 4.64 14.64
N SER B 312 -33.57 5.27 15.45
CA SER B 312 -33.47 5.04 16.89
C SER B 312 -34.81 5.28 17.57
N PRO B 313 -35.31 4.32 18.35
CA PRO B 313 -36.61 4.49 18.98
C PRO B 313 -36.50 5.26 20.29
N GLN B 314 -37.25 6.31 20.40
CA GLN B 314 -37.16 7.16 21.57
C GLN B 314 -38.12 6.69 22.65
N PRO B 315 -37.81 6.98 23.92
CA PRO B 315 -38.69 6.56 25.02
C PRO B 315 -40.14 6.96 24.85
N ASP B 316 -40.42 8.09 24.21
CA ASP B 316 -41.80 8.54 24.04
C ASP B 316 -42.58 7.76 22.98
N GLY B 317 -42.04 6.66 22.45
CA GLY B 317 -42.76 5.85 21.48
C GLY B 317 -42.34 6.08 20.05
N LYS B 318 -41.99 7.31 19.69
CA LYS B 318 -41.66 7.66 18.32
C LYS B 318 -40.21 7.34 18.01
N VAL B 319 -39.97 6.95 16.76
CA VAL B 319 -38.63 6.69 16.25
C VAL B 319 -38.12 7.94 15.55
N VAL B 320 -36.81 8.17 15.67
CA VAL B 320 -36.17 9.31 15.01
C VAL B 320 -35.20 8.77 13.97
N TYR B 321 -35.10 9.51 12.87
CA TYR B 321 -34.30 9.11 11.71
C TYR B 321 -33.29 10.21 11.40
N THR B 322 -32.20 9.80 10.75
CA THR B 322 -31.18 10.76 10.35
C THR B 322 -30.48 10.24 9.11
N SER B 323 -30.43 11.06 8.07
CA SER B 323 -29.77 10.68 6.83
C SER B 323 -28.30 11.06 6.88
N LEU B 324 -27.47 10.25 6.24
CA LEU B 324 -26.05 10.51 6.10
C LEU B 324 -25.65 10.31 4.64
N GLN B 325 -24.89 11.28 4.15
CA GLN B 325 -24.50 11.43 2.75
C GLN B 325 -23.12 12.06 2.71
N TRP B 326 -22.36 11.74 1.68
CA TRP B 326 -21.04 12.34 1.49
C TRP B 326 -21.18 13.71 0.85
N ALA B 327 -20.40 14.67 1.33
CA ALA B 327 -20.44 16.04 0.86
C ALA B 327 -19.05 16.48 0.40
N SER B 328 -18.94 17.75 0.04
CA SER B 328 -17.67 18.33 -0.39
C SER B 328 -17.64 19.84 -0.14
N ALA C 28 -57.18 -23.34 22.90
CA ALA C 28 -57.89 -23.93 21.78
C ALA C 28 -56.94 -24.69 20.87
N ALA C 29 -57.40 -24.98 19.65
CA ALA C 29 -56.58 -25.70 18.67
C ALA C 29 -57.06 -25.33 17.27
N VAL C 30 -56.23 -24.63 16.52
CA VAL C 30 -56.57 -24.24 15.16
C VAL C 30 -56.25 -25.39 14.21
N GLU C 31 -57.12 -25.60 13.22
CA GLU C 31 -56.99 -26.68 12.26
C GLU C 31 -56.36 -26.13 11.00
N VAL C 32 -55.09 -26.49 10.76
CA VAL C 32 -54.32 -26.02 9.62
C VAL C 32 -54.80 -26.70 8.34
N PRO C 33 -55.25 -25.96 7.34
CA PRO C 33 -55.56 -26.57 6.05
C PRO C 33 -54.26 -26.93 5.33
N ALA C 34 -54.38 -27.81 4.33
CA ALA C 34 -53.17 -28.43 3.83
C ALA C 34 -53.29 -28.91 2.40
N GLY C 35 -52.27 -28.62 1.60
CA GLY C 35 -51.96 -29.34 0.38
C GLY C 35 -52.80 -29.13 -0.85
N ARG C 36 -52.17 -29.29 -2.02
CA ARG C 36 -52.83 -29.27 -3.31
C ARG C 36 -52.46 -30.56 -4.04
N VAL C 37 -53.48 -31.35 -4.41
CA VAL C 37 -53.25 -32.64 -5.05
C VAL C 37 -53.40 -32.48 -6.56
N LEU C 38 -52.29 -32.71 -7.28
CA LEU C 38 -52.32 -32.66 -8.74
C LEU C 38 -53.14 -33.81 -9.29
N SER C 39 -54.07 -33.51 -10.19
CA SER C 39 -54.85 -34.53 -10.86
C SER C 39 -54.05 -35.14 -12.01
N ALA C 40 -54.56 -36.27 -12.52
CA ALA C 40 -53.92 -36.95 -13.65
C ALA C 40 -53.66 -35.98 -14.80
N ARG C 41 -54.72 -35.30 -15.24
CA ARG C 41 -54.60 -34.36 -16.36
C ARG C 41 -53.60 -33.26 -16.08
N GLU C 42 -53.31 -32.95 -14.82
CA GLU C 42 -52.31 -31.95 -14.49
C GLU C 42 -50.96 -32.56 -14.17
N LEU C 43 -50.92 -33.85 -13.80
CA LEU C 43 -49.65 -34.55 -13.70
C LEU C 43 -49.01 -34.67 -15.07
N PHE C 44 -49.80 -35.08 -16.07
CA PHE C 44 -49.31 -35.12 -17.44
C PHE C 44 -48.87 -33.75 -17.92
N ALA C 45 -49.64 -32.71 -17.60
CA ALA C 45 -49.26 -31.36 -18.01
C ALA C 45 -47.95 -30.92 -17.35
N ALA C 46 -47.73 -31.31 -16.09
CA ALA C 46 -46.48 -30.98 -15.41
C ALA C 46 -45.32 -31.84 -15.89
N ARG C 47 -45.59 -32.97 -16.57
CA ARG C 47 -44.50 -33.73 -17.16
C ARG C 47 -43.94 -33.01 -18.38
N SER C 48 -44.81 -32.47 -19.23
CA SER C 48 -44.39 -31.76 -20.43
C SER C 48 -44.06 -30.31 -20.13
N ARG C 49 -43.16 -30.09 -19.18
CA ARG C 49 -42.78 -28.75 -18.73
C ARG C 49 -41.55 -28.29 -19.49
N SER C 50 -41.38 -26.97 -19.56
CA SER C 50 -40.22 -26.38 -20.21
C SER C 50 -39.05 -26.34 -19.24
N GLN C 51 -37.99 -25.62 -19.61
CA GLN C 51 -36.78 -25.55 -18.82
C GLN C 51 -36.28 -24.14 -18.59
N LYS C 52 -36.74 -23.16 -19.35
CA LYS C 52 -36.21 -21.81 -19.27
C LYS C 52 -36.87 -21.05 -18.14
N LEU C 53 -36.06 -20.44 -17.28
CA LEU C 53 -36.59 -19.61 -16.21
C LEU C 53 -37.12 -18.30 -16.77
N PRO C 54 -38.16 -17.73 -16.15
CA PRO C 54 -38.57 -16.38 -16.50
C PRO C 54 -37.52 -15.38 -16.06
N GLN C 55 -37.48 -14.25 -16.76
CA GLN C 55 -36.55 -13.19 -16.39
C GLN C 55 -37.07 -12.45 -15.17
N ARG C 56 -36.18 -12.17 -14.22
CA ARG C 56 -36.60 -11.65 -12.93
C ARG C 56 -37.26 -10.29 -13.07
N SER C 57 -36.53 -9.31 -13.57
CA SER C 57 -37.07 -8.02 -13.95
C SER C 57 -37.01 -7.89 -15.47
N HIS C 58 -38.06 -7.32 -16.06
CA HIS C 58 -38.13 -7.17 -17.51
C HIS C 58 -37.45 -5.86 -17.88
N GLY C 59 -36.12 -5.91 -17.90
CA GLY C 59 -35.32 -4.75 -18.19
C GLY C 59 -34.84 -4.06 -16.93
N PRO C 60 -34.42 -2.80 -17.06
CA PRO C 60 -33.89 -2.07 -15.91
C PRO C 60 -34.99 -1.69 -14.93
N LYS C 61 -34.75 -1.97 -13.65
CA LYS C 61 -35.66 -1.55 -12.59
C LYS C 61 -35.76 -0.04 -12.55
N ASP C 62 -36.78 0.45 -11.85
CA ASP C 62 -37.04 1.88 -11.80
C ASP C 62 -36.33 2.51 -10.61
N PHE C 63 -36.55 3.81 -10.40
CA PHE C 63 -35.97 4.53 -9.27
C PHE C 63 -36.97 5.37 -8.50
N LEU C 64 -38.05 5.83 -9.12
CA LEU C 64 -39.01 6.73 -8.48
C LEU C 64 -40.41 6.23 -8.76
N PRO C 65 -41.22 5.96 -7.74
CA PRO C 65 -42.51 5.28 -7.96
C PRO C 65 -43.59 6.15 -8.58
N ASP C 66 -43.33 7.43 -8.79
CA ASP C 66 -44.35 8.32 -9.35
C ASP C 66 -44.63 7.90 -10.80
N GLY C 67 -45.82 7.38 -11.05
CA GLY C 67 -46.20 6.94 -12.38
C GLY C 67 -47.68 6.64 -12.42
N SER C 68 -48.18 6.40 -13.63
CA SER C 68 -49.62 6.23 -13.83
C SER C 68 -50.00 4.84 -14.31
N ALA C 69 -49.51 4.39 -15.47
CA ALA C 69 -49.95 3.11 -16.01
C ALA C 69 -48.84 2.23 -16.58
N ALA C 70 -47.66 2.76 -16.87
CA ALA C 70 -46.56 1.91 -17.31
C ALA C 70 -46.01 1.10 -16.15
N GLN C 71 -45.65 1.78 -15.06
CA GLN C 71 -45.13 1.11 -13.87
C GLN C 71 -46.12 0.08 -13.34
N ALA C 72 -47.41 0.43 -13.34
CA ALA C 72 -48.42 -0.46 -12.76
C ALA C 72 -48.53 -1.75 -13.56
N GLU C 73 -48.60 -1.65 -14.89
CA GLU C 73 -48.72 -2.85 -15.71
C GLU C 73 -47.43 -3.65 -15.70
N ARG C 74 -46.28 -2.97 -15.66
CA ARG C 74 -45.01 -3.70 -15.55
C ARG C 74 -44.95 -4.50 -14.26
N LEU C 75 -45.38 -3.91 -13.14
CA LEU C 75 -45.42 -4.65 -11.88
C LEU C 75 -46.42 -5.79 -11.94
N ARG C 76 -47.59 -5.56 -12.55
CA ARG C 76 -48.56 -6.62 -12.72
C ARG C 76 -47.94 -7.83 -13.40
N ARG C 77 -47.28 -7.62 -14.54
CA ARG C 77 -46.67 -8.74 -15.25
C ARG C 77 -45.54 -9.36 -14.45
N CYS C 78 -44.69 -8.53 -13.83
CA CYS C 78 -43.61 -9.07 -13.02
C CYS C 78 -44.10 -9.88 -11.84
N ARG C 79 -45.35 -9.69 -11.42
CA ARG C 79 -45.93 -10.47 -10.33
C ARG C 79 -46.63 -11.73 -10.82
N GLU C 80 -47.51 -11.61 -11.81
CA GLU C 80 -48.20 -12.79 -12.34
C GLU C 80 -47.26 -13.88 -12.80
N GLU C 81 -46.00 -13.53 -13.10
CA GLU C 81 -44.99 -14.54 -13.42
C GLU C 81 -44.44 -15.21 -12.18
N LEU C 82 -44.44 -14.52 -11.05
CA LEU C 82 -43.93 -15.11 -9.80
C LEU C 82 -44.92 -16.13 -9.24
N TRP C 83 -46.21 -15.81 -9.25
CA TRP C 83 -47.20 -16.72 -8.71
C TRP C 83 -47.41 -17.95 -9.57
N GLN C 84 -46.83 -17.99 -10.77
CA GLN C 84 -46.86 -19.19 -11.59
C GLN C 84 -45.68 -20.10 -11.30
N LEU C 85 -44.51 -19.52 -11.01
CA LEU C 85 -43.33 -20.31 -10.69
C LEU C 85 -43.50 -21.03 -9.36
N LEU C 86 -43.94 -20.31 -8.33
CA LEU C 86 -44.04 -20.91 -7.00
C LEU C 86 -45.17 -21.93 -6.90
N ALA C 87 -46.14 -21.90 -7.80
CA ALA C 87 -47.22 -22.87 -7.80
C ALA C 87 -46.92 -24.01 -8.77
N GLU C 88 -45.76 -24.64 -8.56
CA GLU C 88 -45.28 -25.72 -9.39
C GLU C 88 -44.87 -26.88 -8.51
N GLN C 89 -45.42 -28.06 -8.77
CA GLN C 89 -45.12 -29.26 -8.00
C GLN C 89 -44.16 -30.16 -8.78
N ARG C 90 -43.39 -30.95 -8.03
CA ARG C 90 -42.53 -31.96 -8.65
C ARG C 90 -43.36 -33.15 -9.09
N VAL C 91 -43.08 -33.65 -10.29
CA VAL C 91 -43.76 -34.81 -10.85
C VAL C 91 -42.70 -35.68 -11.51
N GLU C 92 -42.55 -36.92 -11.02
CA GLU C 92 -41.53 -37.82 -11.49
C GLU C 92 -42.15 -39.17 -11.80
N ARG C 93 -41.36 -40.03 -12.45
CA ARG C 93 -41.81 -41.37 -12.79
C ARG C 93 -41.44 -42.35 -11.67
N LEU C 94 -42.25 -43.40 -11.55
CA LEU C 94 -42.03 -44.38 -10.49
C LEU C 94 -40.83 -45.29 -10.75
N GLY C 95 -40.07 -45.10 -11.83
CA GLY C 95 -38.92 -45.94 -12.09
C GLY C 95 -37.64 -45.16 -12.01
N SER C 96 -37.73 -43.84 -12.26
CA SER C 96 -36.61 -42.96 -12.01
C SER C 96 -36.41 -42.67 -10.52
N LEU C 97 -37.30 -43.18 -9.66
CA LEU C 97 -37.31 -42.87 -8.24
C LEU C 97 -36.79 -44.07 -7.45
N VAL C 98 -35.70 -43.87 -6.72
CA VAL C 98 -35.28 -44.86 -5.73
C VAL C 98 -36.19 -44.77 -4.52
N ALA C 99 -36.49 -45.91 -3.92
CA ALA C 99 -37.36 -45.98 -2.75
C ALA C 99 -36.51 -46.04 -1.49
N ALA C 100 -36.76 -45.12 -0.56
CA ALA C 100 -35.98 -45.00 0.66
C ALA C 100 -36.89 -45.11 1.87
N GLU C 101 -36.26 -45.21 3.04
CA GLU C 101 -36.95 -45.28 4.32
C GLU C 101 -36.13 -44.51 5.35
N TRP C 102 -36.82 -43.91 6.32
CA TRP C 102 -36.18 -43.05 7.30
C TRP C 102 -36.14 -43.78 8.64
N ARG C 103 -34.94 -44.19 9.07
CA ARG C 103 -34.72 -44.80 10.38
C ARG C 103 -34.31 -43.71 11.35
N PRO C 104 -35.22 -43.24 12.20
CA PRO C 104 -34.88 -42.15 13.13
C PRO C 104 -34.11 -42.60 14.35
N GLU C 105 -34.23 -43.86 14.77
CA GLU C 105 -33.52 -44.33 15.95
C GLU C 105 -32.05 -44.55 15.65
N GLU C 106 -31.75 -45.28 14.56
CA GLU C 106 -30.37 -45.40 14.11
C GLU C 106 -29.87 -44.10 13.50
N GLY C 107 -30.74 -43.39 12.79
CA GLY C 107 -30.45 -42.02 12.42
C GLY C 107 -29.99 -41.83 11.00
N PHE C 108 -30.58 -42.53 10.04
CA PHE C 108 -30.14 -42.43 8.66
C PHE C 108 -31.28 -42.84 7.73
N VAL C 109 -30.99 -42.86 6.44
CA VAL C 109 -31.95 -43.25 5.41
C VAL C 109 -31.44 -44.51 4.74
N GLU C 110 -32.32 -45.48 4.58
CA GLU C 110 -31.99 -46.79 4.02
C GLU C 110 -32.68 -46.93 2.66
N LEU C 111 -31.88 -47.14 1.63
CA LEU C 111 -32.41 -47.31 0.27
C LEU C 111 -32.94 -48.73 0.09
N LYS C 112 -34.12 -48.82 -0.52
CA LYS C 112 -34.76 -50.10 -0.80
C LYS C 112 -34.53 -50.57 -2.24
N SER C 113 -33.63 -49.91 -2.97
CA SER C 113 -33.36 -50.21 -4.36
C SER C 113 -31.93 -49.79 -4.67
N PRO C 114 -31.34 -50.29 -5.76
CA PRO C 114 -29.99 -49.85 -6.13
C PRO C 114 -29.98 -48.37 -6.48
N ALA C 115 -29.00 -47.66 -5.94
CA ALA C 115 -28.89 -46.22 -6.14
C ALA C 115 -28.47 -45.93 -7.57
N GLY C 116 -28.33 -44.64 -7.90
CA GLY C 116 -28.01 -44.25 -9.26
C GLY C 116 -26.71 -43.48 -9.36
N LYS C 117 -26.69 -42.44 -10.21
CA LYS C 117 -25.45 -41.72 -10.46
C LYS C 117 -25.01 -40.89 -9.25
N PHE C 118 -25.92 -40.62 -8.30
CA PHE C 118 -25.51 -39.91 -7.10
C PHE C 118 -24.69 -40.79 -6.16
N TRP C 119 -24.74 -42.11 -6.32
CA TRP C 119 -23.99 -42.98 -5.43
C TRP C 119 -22.48 -42.90 -5.65
N GLN C 120 -22.02 -42.14 -6.64
CA GLN C 120 -20.60 -42.00 -6.89
C GLN C 120 -19.95 -40.94 -6.02
N THR C 121 -20.76 -40.08 -5.40
CA THR C 121 -20.26 -39.03 -4.51
C THR C 121 -21.02 -38.90 -3.20
N MET C 122 -22.14 -39.62 -3.02
CA MET C 122 -23.00 -39.47 -1.86
C MET C 122 -23.34 -40.84 -1.29
N GLY C 123 -23.19 -40.99 0.02
CA GLY C 123 -23.68 -42.16 0.73
C GLY C 123 -22.55 -42.96 1.35
N PHE C 124 -22.95 -44.04 2.03
CA PHE C 124 -22.01 -44.99 2.58
C PHE C 124 -22.68 -46.35 2.67
N SER C 125 -21.91 -47.40 2.44
CA SER C 125 -22.42 -48.77 2.45
C SER C 125 -21.95 -49.45 3.72
N GLU C 126 -22.89 -49.83 4.58
CA GLU C 126 -22.57 -50.52 5.82
C GLU C 126 -23.49 -51.71 5.99
N GLN C 127 -22.92 -52.79 6.53
CA GLN C 127 -23.66 -54.01 6.85
C GLN C 127 -24.40 -54.56 5.64
N GLY C 128 -23.86 -54.32 4.45
CA GLY C 128 -24.46 -54.81 3.22
C GLY C 128 -25.54 -53.94 2.63
N ARG C 129 -25.83 -52.78 3.22
CA ARG C 129 -26.88 -51.91 2.72
C ARG C 129 -26.35 -50.51 2.50
N GLN C 130 -26.96 -49.82 1.55
CA GLN C 130 -26.58 -48.45 1.21
C GLN C 130 -27.40 -47.47 2.04
N ARG C 131 -26.73 -46.43 2.54
CA ARG C 131 -27.34 -45.51 3.48
C ARG C 131 -26.90 -44.08 3.18
N LEU C 132 -27.72 -43.14 3.61
CA LEU C 132 -27.53 -41.72 3.37
C LEU C 132 -27.69 -40.96 4.69
N HIS C 133 -26.88 -39.92 4.86
CA HIS C 133 -27.07 -39.01 5.98
C HIS C 133 -28.33 -38.19 5.74
N PRO C 134 -28.88 -37.55 6.79
CA PRO C 134 -30.15 -36.85 6.61
C PRO C 134 -30.10 -35.70 5.62
N GLU C 135 -29.00 -34.96 5.53
CA GLU C 135 -28.95 -33.82 4.62
C GLU C 135 -28.81 -34.26 3.17
N GLU C 136 -28.04 -35.31 2.90
CA GLU C 136 -28.02 -35.89 1.56
C GLU C 136 -29.40 -36.37 1.14
N ALA C 137 -30.11 -37.02 2.06
CA ALA C 137 -31.45 -37.49 1.76
C ALA C 137 -32.40 -36.34 1.46
N LEU C 138 -32.31 -35.26 2.23
CA LEU C 138 -33.21 -34.13 2.00
C LEU C 138 -32.89 -33.44 0.67
N TYR C 139 -31.61 -33.30 0.34
CA TYR C 139 -31.26 -32.71 -0.95
C TYR C 139 -31.69 -33.58 -2.11
N LEU C 140 -31.58 -34.91 -1.98
CA LEU C 140 -32.03 -35.79 -3.05
C LEU C 140 -33.55 -35.83 -3.16
N LEU C 141 -34.26 -35.65 -2.06
CA LEU C 141 -35.71 -35.51 -2.14
C LEU C 141 -36.10 -34.22 -2.84
N GLU C 142 -35.33 -33.15 -2.60
CA GLU C 142 -35.63 -31.88 -3.24
C GLU C 142 -35.37 -31.94 -4.75
N CYS C 143 -34.23 -32.50 -5.15
CA CYS C 143 -33.97 -32.68 -6.57
C CYS C 143 -35.01 -33.60 -7.21
N GLY C 144 -35.45 -34.62 -6.49
CA GLY C 144 -36.38 -35.59 -7.01
C GLY C 144 -35.79 -36.93 -7.38
N SER C 145 -34.68 -37.34 -6.75
CA SER C 145 -34.04 -38.60 -7.11
C SER C 145 -34.47 -39.77 -6.24
N ILE C 146 -35.00 -39.52 -5.04
CA ILE C 146 -35.45 -40.59 -4.17
C ILE C 146 -36.91 -40.38 -3.80
N HIS C 147 -37.46 -41.29 -2.99
CA HIS C 147 -38.86 -41.27 -2.57
C HIS C 147 -38.90 -41.69 -1.11
N LEU C 148 -38.91 -40.70 -0.22
CA LEU C 148 -38.76 -40.96 1.21
C LEU C 148 -40.05 -41.45 1.82
N PHE C 149 -39.94 -42.44 2.71
CA PHE C 149 -41.06 -42.98 3.45
C PHE C 149 -40.79 -42.89 4.94
N HIS C 150 -41.86 -42.91 5.72
CA HIS C 150 -41.75 -42.96 7.18
C HIS C 150 -43.00 -43.64 7.71
N GLN C 151 -42.82 -44.85 8.25
CA GLN C 151 -43.93 -45.63 8.82
C GLN C 151 -44.93 -46.02 7.73
N ASP C 152 -44.40 -46.41 6.56
CA ASP C 152 -45.18 -46.88 5.43
C ASP C 152 -45.95 -45.77 4.73
N LEU C 153 -45.56 -44.52 4.94
CA LEU C 153 -46.23 -43.38 4.32
C LEU C 153 -45.19 -42.42 3.76
N PRO C 154 -45.41 -41.89 2.57
CA PRO C 154 -44.41 -41.00 1.96
C PRO C 154 -44.47 -39.60 2.53
N LEU C 155 -43.30 -38.97 2.56
CA LEU C 155 -43.14 -37.66 3.17
C LEU C 155 -43.08 -36.57 2.09
N SER C 156 -43.79 -35.48 2.34
CA SER C 156 -43.66 -34.30 1.51
C SER C 156 -42.37 -33.57 1.90
N ILE C 157 -42.18 -32.38 1.33
CA ILE C 157 -41.00 -31.60 1.65
C ILE C 157 -41.16 -30.81 2.95
N GLN C 158 -42.38 -30.43 3.31
CA GLN C 158 -42.61 -29.82 4.62
C GLN C 158 -42.34 -30.80 5.74
N GLU C 159 -42.91 -32.01 5.65
CA GLU C 159 -42.69 -33.03 6.67
C GLU C 159 -41.24 -33.43 6.75
N ALA C 160 -40.56 -33.54 5.61
CA ALA C 160 -39.14 -33.88 5.62
C ALA C 160 -38.31 -32.77 6.25
N TYR C 161 -38.63 -31.52 5.93
CA TYR C 161 -37.97 -30.38 6.57
C TYR C 161 -38.13 -30.43 8.07
N GLN C 162 -39.31 -30.84 8.54
CA GLN C 162 -39.56 -30.85 9.98
C GLN C 162 -38.90 -32.05 10.67
N LEU C 163 -38.87 -33.20 10.01
CA LEU C 163 -38.32 -34.41 10.62
C LEU C 163 -36.79 -34.43 10.58
N LEU C 164 -36.21 -34.23 9.40
CA LEU C 164 -34.76 -34.40 9.26
C LEU C 164 -33.97 -33.24 9.85
N LEU C 165 -34.53 -32.04 9.89
CA LEU C 165 -33.77 -30.85 10.30
C LEU C 165 -34.02 -30.52 11.77
N THR C 166 -33.58 -31.43 12.64
CA THR C 166 -33.59 -31.19 14.07
C THR C 166 -32.23 -30.63 14.49
N ASP C 167 -31.98 -30.58 15.79
CA ASP C 167 -30.64 -30.29 16.29
C ASP C 167 -29.79 -31.54 16.44
N HIS C 168 -30.42 -32.72 16.42
CA HIS C 168 -29.67 -33.97 16.54
C HIS C 168 -29.03 -34.38 15.23
N THR C 169 -29.71 -34.16 14.11
CA THR C 169 -29.24 -34.64 12.80
C THR C 169 -28.43 -33.58 12.08
N VAL C 170 -29.06 -32.46 11.74
CA VAL C 170 -28.42 -31.38 11.02
C VAL C 170 -29.31 -30.14 11.11
N THR C 171 -28.70 -28.96 11.20
CA THR C 171 -29.46 -27.74 11.41
C THR C 171 -29.89 -27.14 10.07
N PHE C 172 -30.65 -26.05 10.14
CA PHE C 172 -31.21 -25.45 8.94
C PHE C 172 -30.17 -24.66 8.15
N LEU C 173 -29.27 -23.97 8.84
CA LEU C 173 -28.23 -23.20 8.14
C LEU C 173 -27.23 -24.12 7.46
N GLN C 174 -26.89 -25.23 8.12
CA GLN C 174 -25.96 -26.18 7.54
C GLN C 174 -26.55 -26.82 6.29
N TYR C 175 -27.84 -27.14 6.33
CA TYR C 175 -28.49 -27.68 5.14
C TYR C 175 -28.57 -26.63 4.04
N GLN C 176 -28.79 -25.37 4.39
CA GLN C 176 -28.82 -24.32 3.38
C GLN C 176 -27.49 -24.22 2.65
N VAL C 177 -26.38 -24.19 3.40
CA VAL C 177 -25.07 -24.12 2.76
C VAL C 177 -24.80 -25.38 1.95
N PHE C 178 -25.15 -26.55 2.51
CA PHE C 178 -24.93 -27.82 1.82
C PHE C 178 -25.62 -27.85 0.47
N SER C 179 -26.90 -27.49 0.42
CA SER C 179 -27.65 -27.53 -0.83
C SER C 179 -27.16 -26.45 -1.80
N HIS C 180 -26.88 -25.24 -1.29
CA HIS C 180 -26.33 -24.19 -2.13
C HIS C 180 -25.09 -24.68 -2.87
N LEU C 181 -24.14 -25.28 -2.15
CA LEU C 181 -22.93 -25.77 -2.79
C LEU C 181 -23.24 -26.93 -3.74
N LYS C 182 -24.07 -27.88 -3.31
CA LYS C 182 -24.32 -29.07 -4.10
C LYS C 182 -25.07 -28.77 -5.39
N ARG C 183 -25.76 -27.63 -5.48
CA ARG C 183 -26.43 -27.27 -6.71
C ARG C 183 -25.51 -26.64 -7.75
N LEU C 184 -24.27 -26.35 -7.38
CA LEU C 184 -23.29 -25.84 -8.33
C LEU C 184 -22.38 -26.92 -8.90
N GLY C 185 -22.23 -28.04 -8.21
CA GLY C 185 -21.44 -29.13 -8.74
C GLY C 185 -20.43 -29.72 -7.77
N TYR C 186 -20.26 -29.08 -6.61
CA TYR C 186 -19.21 -29.50 -5.69
C TYR C 186 -19.53 -30.86 -5.07
N VAL C 187 -18.51 -31.45 -4.47
CA VAL C 187 -18.62 -32.67 -3.67
C VAL C 187 -18.52 -32.27 -2.22
N VAL C 188 -19.60 -32.41 -1.48
CA VAL C 188 -19.66 -32.02 -0.07
C VAL C 188 -19.71 -33.29 0.76
N ARG C 189 -18.67 -33.53 1.53
CA ARG C 189 -18.61 -34.66 2.43
C ARG C 189 -18.58 -34.16 3.87
N ARG C 190 -19.00 -35.03 4.80
CA ARG C 190 -18.93 -34.67 6.21
C ARG C 190 -17.49 -34.76 6.70
N PHE C 191 -17.12 -33.81 7.55
CA PHE C 191 -15.75 -33.72 8.06
C PHE C 191 -15.62 -34.65 9.25
N GLN C 192 -15.01 -35.80 9.05
CA GLN C 192 -14.71 -36.71 10.14
C GLN C 192 -13.39 -36.31 10.78
N PRO C 193 -13.35 -35.99 12.08
CA PRO C 193 -12.11 -35.50 12.70
C PRO C 193 -10.90 -36.40 12.45
N SER C 194 -11.14 -37.65 12.07
CA SER C 194 -10.09 -38.57 11.68
C SER C 194 -9.68 -38.40 10.22
N SER C 195 -10.05 -37.27 9.60
CA SER C 195 -9.66 -37.02 8.21
C SER C 195 -8.16 -36.94 8.06
N VAL C 196 -7.50 -36.14 8.91
CA VAL C 196 -6.06 -35.99 8.87
C VAL C 196 -5.45 -36.58 10.14
N PRO C 431 15.73 5.93 -0.03
CA PRO C 431 14.46 5.94 0.63
C PRO C 431 14.49 7.03 1.70
N GLY C 432 14.04 6.70 2.92
CA GLY C 432 13.95 7.70 4.01
C GLY C 432 15.26 8.34 4.37
N GLN C 433 15.24 9.69 4.43
CA GLN C 433 16.17 10.87 4.52
C GLN C 433 17.54 10.75 5.17
N ALA C 434 17.77 9.74 6.02
CA ALA C 434 19.14 9.43 6.44
C ALA C 434 19.81 8.96 5.14
N SER C 435 20.29 10.08 4.52
CA SER C 435 21.03 10.39 3.26
C SER C 435 22.48 9.95 3.45
N SER C 436 22.47 8.75 3.95
CA SER C 436 23.61 7.92 4.30
C SER C 436 23.59 6.88 3.21
N PRO C 437 24.70 6.74 2.44
CA PRO C 437 24.84 5.70 1.45
C PRO C 437 25.34 4.36 1.99
N ALA C 438 24.65 3.83 3.01
CA ALA C 438 24.89 2.53 3.63
C ALA C 438 23.55 1.79 3.73
N VAL C 439 22.92 1.35 2.63
CA VAL C 439 21.65 0.61 2.87
C VAL C 439 21.76 -0.91 2.66
N VAL C 440 21.52 -1.51 3.82
CA VAL C 440 21.29 -2.89 4.29
C VAL C 440 20.19 -2.58 5.29
N LEU C 441 20.52 -1.66 6.24
CA LEU C 441 19.85 -0.99 7.40
C LEU C 441 18.34 -1.08 7.37
N GLN C 442 17.91 -2.26 7.04
CA GLN C 442 16.60 -2.49 7.61
C GLN C 442 16.66 -3.33 8.87
N HIS C 443 17.82 -3.33 9.55
CA HIS C 443 17.99 -4.05 10.81
C HIS C 443 17.04 -3.55 11.89
N ILE C 444 16.25 -2.52 11.60
CA ILE C 444 15.33 -1.94 12.57
C ILE C 444 14.25 -2.94 12.98
N SER C 445 14.10 -4.03 12.21
CA SER C 445 13.03 -4.98 12.47
C SER C 445 13.24 -5.68 13.80
N VAL C 446 12.45 -5.30 14.80
CA VAL C 446 12.52 -5.87 16.14
C VAL C 446 11.15 -6.44 16.49
N LEU C 447 10.44 -6.92 15.47
CA LEU C 447 9.04 -7.31 15.62
C LEU C 447 8.86 -8.61 14.85
N GLN C 448 8.83 -9.73 15.56
CA GLN C 448 8.84 -11.05 14.94
C GLN C 448 7.45 -11.43 14.47
N THR C 449 7.40 -12.11 13.34
CA THR C 449 6.15 -12.51 12.71
C THR C 449 5.79 -13.94 13.15
N THR C 450 4.53 -14.14 13.49
CA THR C 450 4.02 -15.44 13.86
C THR C 450 3.33 -16.07 12.66
N HIS C 451 2.67 -17.21 12.89
CA HIS C 451 1.85 -17.87 11.88
C HIS C 451 0.61 -18.42 12.57
N LEU C 452 -0.32 -18.91 11.76
CA LEU C 452 -1.61 -19.35 12.28
C LEU C 452 -1.54 -20.69 13.02
N PRO C 453 -0.87 -21.72 12.50
CA PRO C 453 -0.81 -22.99 13.24
C PRO C 453 0.27 -23.04 14.30
N ASP C 454 1.00 -21.95 14.53
CA ASP C 454 2.09 -21.91 15.50
C ASP C 454 1.51 -21.82 16.91
N GLY C 455 1.18 -22.97 17.48
CA GLY C 455 0.67 -23.02 18.83
C GLY C 455 -0.80 -23.34 18.92
N GLY C 456 -1.29 -24.20 18.03
CA GLY C 456 -2.68 -24.59 18.03
C GLY C 456 -2.93 -25.90 18.72
N ALA C 457 -1.87 -26.65 18.99
CA ALA C 457 -2.01 -27.94 19.68
C ALA C 457 -2.21 -27.77 21.19
N ARG C 458 -1.85 -26.63 21.75
CA ARG C 458 -2.17 -26.30 23.14
C ARG C 458 -3.39 -25.41 23.26
N LEU C 459 -3.85 -24.80 22.17
CA LEU C 459 -5.08 -24.04 22.17
C LEU C 459 -6.33 -24.91 22.11
N LEU C 460 -6.19 -26.16 21.67
CA LEU C 460 -7.33 -27.05 21.48
C LEU C 460 -7.99 -27.37 22.81
N GLU C 461 -7.31 -27.03 23.91
CA GLU C 461 -7.92 -27.16 25.22
C GLU C 461 -9.22 -26.36 25.31
N LYS C 462 -9.35 -25.31 24.52
CA LYS C 462 -10.63 -24.61 24.37
C LYS C 462 -11.41 -25.18 23.19
N SER C 463 -11.68 -26.48 23.28
CA SER C 463 -12.43 -27.19 22.24
C SER C 463 -13.91 -26.84 22.34
N GLY C 464 -14.25 -25.60 22.04
CA GLY C 464 -15.64 -25.17 22.09
C GLY C 464 -15.82 -23.91 21.28
N GLY C 465 -16.99 -23.79 20.64
CA GLY C 465 -17.26 -22.64 19.82
C GLY C 465 -17.57 -23.00 18.37
N LEU C 466 -16.68 -22.62 17.46
CA LEU C 466 -16.81 -22.95 16.05
C LEU C 466 -16.26 -24.33 15.76
N GLU C 467 -16.74 -24.94 14.69
CA GLU C 467 -16.39 -26.31 14.34
C GLU C 467 -16.38 -26.45 12.83
N ILE C 468 -15.50 -27.33 12.34
CA ILE C 468 -15.50 -27.68 10.92
C ILE C 468 -16.61 -28.68 10.66
N ILE C 469 -17.30 -28.52 9.53
CA ILE C 469 -18.52 -29.28 9.29
C ILE C 469 -18.41 -30.10 8.01
N PHE C 470 -17.91 -29.49 6.94
CA PHE C 470 -17.84 -30.17 5.65
C PHE C 470 -16.45 -30.05 5.03
N ASP C 471 -16.13 -31.03 4.20
CA ASP C 471 -15.04 -30.97 3.24
C ASP C 471 -15.62 -30.77 1.85
N VAL C 472 -14.97 -29.89 1.09
CA VAL C 472 -15.46 -29.44 -0.21
C VAL C 472 -14.44 -29.81 -1.27
N TYR C 473 -14.88 -30.56 -2.28
CA TYR C 473 -14.09 -30.88 -3.46
C TYR C 473 -14.72 -30.19 -4.66
N GLN C 474 -13.87 -29.69 -5.56
CA GLN C 474 -14.35 -28.91 -6.69
C GLN C 474 -15.16 -29.75 -7.68
N ALA C 475 -15.71 -29.13 -8.71
CA ALA C 475 -16.52 -29.83 -9.70
C ALA C 475 -15.67 -30.54 -10.74
N ASP C 476 -14.38 -30.24 -10.82
CA ASP C 476 -13.48 -31.00 -11.66
C ASP C 476 -13.18 -32.38 -11.10
N ALA C 477 -13.48 -32.61 -9.83
CA ALA C 477 -13.23 -33.88 -9.16
C ALA C 477 -14.44 -34.80 -9.15
N VAL C 478 -15.48 -34.49 -9.92
CA VAL C 478 -16.72 -35.25 -9.83
C VAL C 478 -16.71 -36.50 -10.70
N ALA C 479 -16.03 -36.46 -11.84
CA ALA C 479 -16.08 -37.56 -12.79
C ALA C 479 -15.16 -38.71 -12.43
N THR C 480 -14.15 -38.47 -11.60
CA THR C 480 -13.20 -39.48 -11.17
C THR C 480 -13.04 -39.47 -9.66
N PHE C 481 -14.17 -39.37 -8.96
CA PHE C 481 -14.15 -39.31 -7.50
C PHE C 481 -14.16 -40.73 -6.94
N ARG C 482 -13.25 -40.98 -6.00
CA ARG C 482 -13.14 -42.28 -5.33
C ARG C 482 -13.62 -42.09 -3.90
N LYS C 483 -14.85 -42.51 -3.63
CA LYS C 483 -15.43 -42.36 -2.30
C LYS C 483 -14.57 -43.04 -1.23
N ASN C 484 -13.93 -44.15 -1.59
CA ASN C 484 -13.10 -44.87 -0.62
C ASN C 484 -11.74 -44.21 -0.42
N ASN C 485 -11.23 -43.49 -1.43
CA ASN C 485 -9.88 -42.93 -1.39
C ASN C 485 -9.89 -41.53 -2.00
N PRO C 486 -10.62 -40.60 -1.39
CA PRO C 486 -10.93 -39.34 -2.10
C PRO C 486 -9.72 -38.46 -2.35
N GLY C 487 -8.80 -38.38 -1.41
CA GLY C 487 -7.63 -37.55 -1.60
C GLY C 487 -7.56 -36.41 -0.61
N LYS C 488 -7.07 -35.26 -1.07
CA LYS C 488 -7.01 -34.06 -0.27
C LYS C 488 -8.07 -33.09 -0.77
N PRO C 489 -8.88 -32.52 0.12
CA PRO C 489 -10.02 -31.72 -0.33
C PRO C 489 -9.59 -30.33 -0.81
N TYR C 490 -10.56 -29.64 -1.40
CA TYR C 490 -10.30 -28.29 -1.87
C TYR C 490 -10.46 -27.28 -0.74
N ALA C 491 -11.43 -27.49 0.15
CA ALA C 491 -11.63 -26.58 1.26
C ALA C 491 -12.31 -27.32 2.40
N ARG C 492 -12.32 -26.68 3.57
CA ARG C 492 -13.13 -27.09 4.69
C ARG C 492 -14.04 -25.93 5.07
N MET C 493 -15.17 -26.24 5.70
CA MET C 493 -16.22 -25.24 5.82
C MET C 493 -16.74 -25.17 7.25
N CYS C 494 -16.71 -23.96 7.82
CA CYS C 494 -17.44 -23.64 9.03
C CYS C 494 -18.70 -22.88 8.64
N ILE C 495 -19.80 -23.16 9.35
CA ILE C 495 -21.10 -22.58 9.03
C ILE C 495 -21.61 -21.86 10.27
N SER C 496 -21.75 -20.55 10.17
CA SER C 496 -22.27 -19.72 11.25
C SER C 496 -23.42 -18.86 10.74
N GLY C 497 -23.91 -17.97 11.59
CA GLY C 497 -24.93 -17.01 11.23
C GLY C 497 -24.34 -15.62 11.12
N PHE C 498 -25.12 -14.73 10.49
CA PHE C 498 -24.64 -13.39 10.23
C PHE C 498 -24.71 -12.48 11.46
N ASP C 499 -25.64 -12.75 12.37
CA ASP C 499 -25.78 -11.96 13.59
C ASP C 499 -24.88 -12.41 14.72
N GLU C 500 -23.97 -13.33 14.45
CA GLU C 500 -23.17 -13.99 15.47
C GLU C 500 -21.80 -13.34 15.57
N PRO C 501 -21.06 -13.58 16.66
CA PRO C 501 -19.76 -12.95 16.82
C PRO C 501 -18.75 -13.48 15.82
N VAL C 502 -17.98 -12.57 15.23
CA VAL C 502 -16.88 -12.95 14.33
C VAL C 502 -15.88 -13.79 15.13
N PRO C 503 -15.25 -14.81 14.53
CA PRO C 503 -14.32 -15.62 15.32
C PRO C 503 -13.08 -14.85 15.70
N ASP C 504 -12.51 -15.22 16.86
CA ASP C 504 -11.38 -14.51 17.43
C ASP C 504 -10.10 -14.96 16.72
N LEU C 505 -8.95 -14.61 17.30
CA LEU C 505 -7.68 -15.13 16.83
C LEU C 505 -7.41 -16.53 17.37
N CYS C 506 -7.82 -16.82 18.60
CA CYS C 506 -7.62 -18.15 19.16
C CYS C 506 -8.47 -19.19 18.43
N SER C 507 -9.72 -18.83 18.10
CA SER C 507 -10.57 -19.75 17.34
C SER C 507 -10.04 -19.94 15.93
N LEU C 508 -9.52 -18.88 15.32
CA LEU C 508 -8.93 -18.99 14.00
C LEU C 508 -7.72 -19.89 14.02
N LYS C 509 -6.88 -19.77 15.05
CA LYS C 509 -5.72 -20.64 15.17
C LYS C 509 -6.12 -22.09 15.39
N ARG C 510 -7.13 -22.33 16.23
CA ARG C 510 -7.60 -23.68 16.47
C ARG C 510 -8.12 -24.32 15.19
N LEU C 511 -8.98 -23.60 14.45
CA LEU C 511 -9.53 -24.16 13.22
C LEU C 511 -8.45 -24.33 12.15
N SER C 512 -7.47 -23.43 12.11
CA SER C 512 -6.39 -23.54 11.14
C SER C 512 -5.39 -24.63 11.49
N TYR C 513 -5.36 -25.08 12.74
CA TYR C 513 -4.55 -26.24 13.09
C TYR C 513 -5.31 -27.54 12.88
N GLN C 514 -6.61 -27.54 13.19
CA GLN C 514 -7.46 -28.69 12.92
C GLN C 514 -7.46 -29.04 11.43
N SER C 515 -7.67 -28.02 10.59
CA SER C 515 -7.83 -28.25 9.15
C SER C 515 -6.57 -28.83 8.54
N GLY C 516 -5.40 -28.35 8.95
CA GLY C 516 -4.15 -28.80 8.37
C GLY C 516 -3.60 -27.79 7.39
N ASP C 517 -3.32 -28.22 6.16
CA ASP C 517 -2.87 -27.33 5.10
C ASP C 517 -3.94 -27.14 4.02
N VAL C 518 -5.18 -27.52 4.32
CA VAL C 518 -6.30 -27.23 3.44
C VAL C 518 -6.85 -25.87 3.85
N PRO C 519 -7.24 -25.01 2.92
CA PRO C 519 -7.84 -23.73 3.29
C PRO C 519 -9.21 -23.90 3.92
N LEU C 520 -9.59 -22.90 4.69
CA LEU C 520 -10.79 -22.95 5.53
C LEU C 520 -11.66 -21.76 5.22
N ILE C 521 -12.95 -22.01 4.97
CA ILE C 521 -13.89 -20.99 4.53
C ILE C 521 -15.00 -20.85 5.56
N PHE C 522 -15.50 -19.63 5.70
CA PHE C 522 -16.57 -19.31 6.64
C PHE C 522 -17.82 -18.95 5.86
N ALA C 523 -18.88 -19.73 6.04
CA ALA C 523 -20.15 -19.51 5.36
C ALA C 523 -21.14 -18.89 6.33
N LEU C 524 -21.62 -17.70 6.00
CA LEU C 524 -22.57 -16.97 6.81
C LEU C 524 -23.92 -16.93 6.12
N VAL C 525 -24.97 -17.21 6.88
CA VAL C 525 -26.34 -17.17 6.38
C VAL C 525 -27.04 -15.99 7.06
N ASP C 526 -27.57 -15.08 6.25
CA ASP C 526 -28.23 -13.87 6.72
C ASP C 526 -29.68 -13.94 6.24
N HIS C 527 -30.57 -14.38 7.13
CA HIS C 527 -32.00 -14.50 6.86
C HIS C 527 -32.28 -15.12 5.50
N GLY C 528 -31.47 -16.10 5.11
CA GLY C 528 -31.66 -16.81 3.86
C GLY C 528 -30.68 -16.48 2.75
N ASP C 529 -29.65 -15.68 3.02
CA ASP C 529 -28.68 -15.29 2.00
C ASP C 529 -27.30 -15.79 2.41
N ILE C 530 -26.66 -16.54 1.52
CA ILE C 530 -25.39 -17.20 1.82
C ILE C 530 -24.24 -16.35 1.33
N SER C 531 -23.16 -16.32 2.12
CA SER C 531 -21.96 -15.57 1.77
C SER C 531 -20.76 -16.30 2.33
N PHE C 532 -19.62 -16.19 1.64
CA PHE C 532 -18.43 -16.96 1.97
C PHE C 532 -17.23 -16.06 2.08
N TYR C 533 -16.49 -16.19 3.18
CA TYR C 533 -15.26 -15.45 3.41
C TYR C 533 -14.14 -16.43 3.71
N SER C 534 -12.89 -15.95 3.61
CA SER C 534 -11.75 -16.85 3.81
C SER C 534 -10.59 -16.07 4.41
N PHE C 535 -10.28 -16.36 5.67
CA PHE C 535 -9.09 -15.82 6.30
C PHE C 535 -7.87 -16.64 5.90
N ARG C 536 -6.75 -15.95 5.65
CA ARG C 536 -5.55 -16.59 5.16
C ARG C 536 -4.34 -15.84 5.68
N ASP C 537 -3.39 -16.55 6.27
CA ASP C 537 -2.22 -15.90 6.83
C ASP C 537 -1.31 -15.40 5.71
N PHE C 538 -0.72 -14.23 5.93
CA PHE C 538 -0.05 -13.47 4.89
C PHE C 538 1.31 -13.01 5.40
N THR C 539 2.28 -12.93 4.47
CA THR C 539 3.66 -12.54 4.79
C THR C 539 4.09 -11.43 3.83
N LEU C 540 3.95 -10.19 4.29
CA LEU C 540 4.31 -9.02 3.49
C LEU C 540 5.72 -9.16 2.92
N PRO C 541 5.92 -8.90 1.63
CA PRO C 541 7.24 -9.12 1.02
C PRO C 541 8.19 -7.97 1.25
N GLN C 542 9.20 -8.20 2.06
CA GLN C 542 10.19 -7.15 2.45
C GLN C 542 10.73 -6.48 1.21
N ASP C 543 10.53 -7.11 0.08
CA ASP C 543 11.35 -6.82 -1.10
C ASP C 543 11.48 -5.35 -1.52
N VAL C 544 10.44 -4.52 -1.29
CA VAL C 544 10.35 -3.13 -1.83
C VAL C 544 11.75 -2.50 -1.75
N GLY C 545 12.40 -2.58 -2.93
CA GLY C 545 13.81 -2.26 -3.20
C GLY C 545 14.05 -1.08 -4.13
N HIS C 546 13.04 -0.25 -4.29
CA HIS C 546 13.27 0.98 -5.08
C HIS C 546 12.44 2.10 -4.43
N MET D 78 1.85 30.62 12.87
CA MET D 78 0.49 31.02 12.53
C MET D 78 -0.38 31.09 13.77
N GLY D 79 0.16 30.61 14.89
CA GLY D 79 -0.58 30.54 16.14
C GLY D 79 -1.17 31.86 16.59
N THR D 80 -0.61 32.96 16.08
CA THR D 80 -1.12 34.28 16.40
C THR D 80 -2.24 34.74 15.46
N HIS D 81 -2.69 33.88 14.55
CA HIS D 81 -3.79 34.20 13.64
C HIS D 81 -4.97 34.74 14.43
N PRO D 82 -5.66 35.77 13.93
CA PRO D 82 -6.80 36.32 14.68
C PRO D 82 -7.85 35.28 15.05
N LYS D 83 -8.13 34.34 14.15
CA LYS D 83 -9.19 33.37 14.42
C LYS D 83 -8.77 32.34 15.46
N TYR D 84 -7.48 31.97 15.49
CA TYR D 84 -7.02 31.04 16.51
C TYR D 84 -7.19 31.62 17.91
N LEU D 85 -6.77 32.87 18.11
CA LEU D 85 -6.93 33.50 19.41
C LEU D 85 -8.40 33.78 19.71
N GLU D 86 -9.19 34.13 18.70
CA GLU D 86 -10.62 34.31 18.93
C GLU D 86 -11.30 32.99 19.31
N MET D 87 -10.79 31.87 18.81
CA MET D 87 -11.31 30.56 19.20
C MET D 87 -10.89 30.21 20.63
N MET D 88 -9.63 30.51 20.97
CA MET D 88 -9.18 30.45 22.36
C MET D 88 -10.11 31.24 23.28
N GLU D 89 -10.61 32.38 22.79
CA GLU D 89 -11.43 33.28 23.58
C GLU D 89 -12.74 32.64 24.08
N LEU D 90 -13.28 31.66 23.36
CA LEU D 90 -14.67 31.27 23.55
C LEU D 90 -14.89 30.34 24.75
N ASP D 91 -13.87 30.14 25.58
CA ASP D 91 -14.01 29.43 26.86
C ASP D 91 -14.64 28.05 26.67
N ILE D 92 -14.08 27.27 25.76
CA ILE D 92 -14.61 25.94 25.45
C ILE D 92 -13.99 24.87 26.34
N GLY D 93 -12.67 24.82 26.40
CA GLY D 93 -12.00 23.95 27.35
C GLY D 93 -11.28 22.77 26.72
N ASP D 94 -10.76 22.96 25.51
CA ASP D 94 -10.05 21.89 24.81
C ASP D 94 -8.92 22.50 23.99
N ALA D 95 -7.87 21.70 23.79
CA ALA D 95 -6.85 22.03 22.81
C ALA D 95 -7.07 21.29 21.49
N THR D 96 -7.62 20.08 21.55
CA THR D 96 -7.95 19.33 20.34
C THR D 96 -8.99 20.06 19.50
N GLN D 97 -10.13 20.39 20.12
CA GLN D 97 -11.24 20.96 19.38
C GLN D 97 -10.87 22.27 18.72
N VAL D 98 -10.11 23.12 19.41
CA VAL D 98 -9.79 24.44 18.87
C VAL D 98 -8.84 24.32 17.68
N TYR D 99 -7.83 23.46 17.78
CA TYR D 99 -6.91 23.30 16.66
C TYR D 99 -7.58 22.63 15.48
N VAL D 100 -8.49 21.69 15.73
CA VAL D 100 -9.21 21.05 14.64
C VAL D 100 -10.16 22.03 13.96
N ALA D 101 -10.80 22.90 14.75
CA ALA D 101 -11.64 23.95 14.19
C ALA D 101 -10.83 24.90 13.34
N PHE D 102 -9.65 25.30 13.83
CA PHE D 102 -8.75 26.13 13.03
C PHE D 102 -8.38 25.45 11.72
N LEU D 103 -8.12 24.14 11.77
CA LEU D 103 -7.76 23.41 10.56
C LEU D 103 -8.90 23.40 9.56
N VAL D 104 -10.13 23.15 10.01
CA VAL D 104 -11.27 23.14 9.10
C VAL D 104 -11.53 24.53 8.55
N TYR D 105 -11.40 25.57 9.38
CA TYR D 105 -11.49 26.93 8.89
C TYR D 105 -10.49 27.21 7.78
N LEU D 106 -9.24 26.79 7.99
CA LEU D 106 -8.23 26.98 6.96
C LEU D 106 -8.56 26.18 5.70
N ASP D 107 -9.13 24.99 5.86
CA ASP D 107 -9.49 24.18 4.69
C ASP D 107 -10.63 24.82 3.91
N LEU D 108 -11.57 25.46 4.60
CA LEU D 108 -12.72 26.06 3.92
C LEU D 108 -12.36 27.40 3.30
N MET D 109 -11.87 28.34 4.10
CA MET D 109 -11.71 29.72 3.66
C MET D 109 -10.64 29.91 2.59
N GLU D 110 -9.75 28.94 2.38
CA GLU D 110 -8.70 29.09 1.38
C GLU D 110 -8.82 28.07 0.25
N SER D 111 -8.93 26.79 0.58
CA SER D 111 -9.02 25.78 -0.48
C SER D 111 -10.38 25.82 -1.17
N LYS D 112 -11.46 25.65 -0.40
CA LYS D 112 -12.79 25.55 -0.97
C LYS D 112 -13.42 26.91 -1.27
N SER D 113 -12.77 28.01 -0.91
CA SER D 113 -13.18 29.36 -1.28
C SER D 113 -14.59 29.69 -0.79
N TRP D 114 -14.77 29.58 0.52
CA TRP D 114 -16.00 30.07 1.12
C TRP D 114 -15.87 31.57 1.44
N HIS D 115 -17.01 32.19 1.71
CA HIS D 115 -17.08 33.61 2.02
C HIS D 115 -17.73 33.79 3.38
N GLU D 116 -17.17 34.69 4.19
CA GLU D 116 -17.79 35.13 5.45
C GLU D 116 -18.02 33.94 6.39
N VAL D 117 -16.94 33.29 6.76
CA VAL D 117 -17.00 32.18 7.70
C VAL D 117 -16.69 32.69 9.10
N ASN D 118 -17.55 32.33 10.06
CA ASN D 118 -17.34 32.75 11.44
C ASN D 118 -17.36 31.55 12.38
N CYS D 119 -17.13 31.78 13.68
CA CYS D 119 -16.94 30.71 14.64
C CYS D 119 -17.79 31.00 15.87
N VAL D 120 -18.77 30.16 16.14
CA VAL D 120 -19.65 30.31 17.30
C VAL D 120 -19.44 29.12 18.23
N GLY D 121 -19.50 29.38 19.54
CA GLY D 121 -19.37 28.35 20.54
C GLY D 121 -20.72 28.02 21.16
N LEU D 122 -21.02 26.72 21.23
CA LEU D 122 -22.20 26.21 21.90
C LEU D 122 -21.77 25.63 23.23
N PRO D 123 -21.94 26.35 24.35
CA PRO D 123 -21.53 25.81 25.65
C PRO D 123 -22.49 24.77 26.19
N GLU D 124 -23.72 24.70 25.69
CA GLU D 124 -24.62 23.62 26.05
C GLU D 124 -24.00 22.26 25.78
N LEU D 125 -23.28 22.13 24.67
CA LEU D 125 -22.61 20.88 24.31
C LEU D 125 -21.10 20.97 24.35
N GLN D 126 -20.54 22.16 24.61
CA GLN D 126 -19.10 22.39 24.54
C GLN D 126 -18.59 22.10 23.13
N LEU D 127 -19.16 22.79 22.14
CA LEU D 127 -18.83 22.54 20.74
C LEU D 127 -18.46 23.84 20.06
N ILE D 128 -17.29 23.87 19.42
CA ILE D 128 -16.82 25.03 18.70
C ILE D 128 -17.15 24.78 17.23
N CYS D 129 -18.09 25.55 16.69
CA CYS D 129 -18.76 25.22 15.44
C CYS D 129 -18.70 26.41 14.48
N LEU D 130 -18.36 26.14 13.22
CA LEU D 130 -18.14 27.18 12.23
C LEU D 130 -19.40 27.40 11.41
N VAL D 131 -19.81 28.65 11.27
CA VAL D 131 -21.01 29.03 10.53
C VAL D 131 -20.59 29.88 9.35
N GLY D 132 -20.86 29.39 8.14
CA GLY D 132 -20.35 30.06 6.97
C GLY D 132 -21.29 30.18 5.78
N THR D 133 -20.74 30.66 4.66
CA THR D 133 -21.48 30.86 3.42
C THR D 133 -20.56 30.46 2.28
N GLU D 134 -20.93 29.42 1.54
CA GLU D 134 -20.06 28.89 0.50
C GLU D 134 -19.80 29.93 -0.58
N ILE D 135 -20.85 30.48 -1.17
CA ILE D 135 -20.74 31.56 -2.13
C ILE D 135 -21.79 32.61 -1.79
N GLU D 136 -21.43 33.89 -1.98
CA GLU D 136 -22.22 34.99 -1.46
C GLU D 136 -23.56 35.08 -2.18
N GLY D 137 -24.65 35.01 -1.40
CA GLY D 137 -25.99 35.07 -1.96
C GLY D 137 -26.89 33.96 -1.47
N GLU D 138 -26.30 32.87 -0.99
CA GLU D 138 -27.03 31.72 -0.52
C GLU D 138 -27.03 31.67 1.01
N GLY D 139 -27.84 30.78 1.56
CA GLY D 139 -28.04 30.70 2.99
C GLY D 139 -26.80 30.22 3.74
N LEU D 140 -26.92 30.25 5.06
CA LEU D 140 -25.83 29.87 5.95
C LEU D 140 -25.74 28.35 6.09
N GLN D 141 -24.54 27.86 6.33
CA GLN D 141 -24.31 26.45 6.63
C GLN D 141 -23.55 26.31 7.95
N THR D 142 -23.67 25.13 8.54
CA THR D 142 -23.10 24.82 9.85
C THR D 142 -22.13 23.65 9.71
N VAL D 143 -20.97 23.76 10.36
CA VAL D 143 -19.93 22.74 10.27
C VAL D 143 -19.37 22.50 11.66
N VAL D 144 -19.49 21.28 12.15
CA VAL D 144 -18.95 20.92 13.46
C VAL D 144 -17.67 20.11 13.27
N PRO D 145 -16.50 20.70 13.51
CA PRO D 145 -15.23 19.98 13.29
C PRO D 145 -14.96 19.00 14.43
N THR D 146 -15.00 17.71 14.12
CA THR D 146 -14.76 16.63 15.06
C THR D 146 -13.48 15.90 14.70
N PRO D 147 -12.75 15.40 15.68
CA PRO D 147 -11.64 14.49 15.41
C PRO D 147 -12.09 13.04 15.38
N ILE D 148 -11.23 12.17 14.85
CA ILE D 148 -11.58 10.77 14.71
C ILE D 148 -11.60 10.06 16.05
N THR D 149 -10.79 10.52 17.01
CA THR D 149 -10.70 9.86 18.31
C THR D 149 -12.07 9.84 19.01
N ALA D 150 -12.86 10.89 18.83
CA ALA D 150 -14.16 10.97 19.46
C ALA D 150 -15.13 9.96 18.83
N SER D 151 -16.34 9.92 19.39
CA SER D 151 -17.42 9.12 18.83
C SER D 151 -18.74 9.67 19.38
N LEU D 152 -19.79 9.51 18.59
CA LEU D 152 -21.07 10.12 18.86
C LEU D 152 -22.13 9.06 19.13
N SER D 153 -23.24 9.51 19.68
CA SER D 153 -24.45 8.72 19.79
C SER D 153 -25.57 9.47 19.07
N HIS D 154 -26.61 8.74 18.69
CA HIS D 154 -27.70 9.37 17.96
C HIS D 154 -28.39 10.46 18.78
N ASN D 155 -28.34 10.36 20.11
CA ASN D 155 -28.90 11.41 20.96
C ASN D 155 -28.11 12.70 20.84
N ARG D 156 -26.78 12.60 20.82
CA ARG D 156 -25.96 13.81 20.67
C ARG D 156 -26.08 14.37 19.25
N ILE D 157 -26.20 13.49 18.26
CA ILE D 157 -26.47 13.94 16.89
C ILE D 157 -27.75 14.78 16.86
N ARG D 158 -28.81 14.30 17.53
CA ARG D 158 -30.05 15.06 17.57
C ARG D 158 -29.86 16.37 18.32
N GLU D 159 -29.07 16.36 19.40
CA GLU D 159 -28.77 17.58 20.13
C GLU D 159 -28.11 18.61 19.21
N ILE D 160 -27.18 18.17 18.37
CA ILE D 160 -26.48 19.10 17.49
C ILE D 160 -27.40 19.57 16.36
N LEU D 161 -28.31 18.71 15.89
CA LEU D 161 -29.30 19.15 14.91
C LEU D 161 -30.17 20.27 15.47
N LYS D 162 -30.62 20.12 16.72
CA LYS D 162 -31.44 21.16 17.33
C LYS D 162 -30.63 22.43 17.56
N ALA D 163 -29.37 22.28 18.00
CA ALA D 163 -28.49 23.43 18.19
C ALA D 163 -28.31 24.19 16.88
N SER D 164 -27.97 23.48 15.80
CA SER D 164 -27.80 24.12 14.50
C SER D 164 -29.06 24.86 14.06
N ARG D 165 -30.23 24.24 14.22
CA ARG D 165 -31.46 24.91 13.83
C ARG D 165 -31.68 26.18 14.66
N LYS D 166 -31.46 26.09 15.98
CA LYS D 166 -31.50 27.26 16.84
C LYS D 166 -30.52 28.33 16.37
N LEU D 167 -29.41 27.91 15.78
CA LEU D 167 -28.32 28.83 15.47
C LEU D 167 -28.59 29.61 14.19
N GLN D 168 -28.69 28.92 13.05
CA GLN D 168 -28.92 29.64 11.80
C GLN D 168 -30.32 30.25 11.73
N GLY D 169 -31.28 29.71 12.48
CA GLY D 169 -32.54 30.39 12.72
C GLY D 169 -33.74 29.96 11.89
N ASP D 170 -33.55 29.78 10.58
CA ASP D 170 -34.69 29.61 9.69
C ASP D 170 -35.32 28.23 9.87
N PRO D 171 -36.56 28.14 10.35
CA PRO D 171 -37.20 26.84 10.58
C PRO D 171 -37.82 26.21 9.34
N ASP D 172 -37.53 26.72 8.15
CA ASP D 172 -38.17 26.19 6.95
C ASP D 172 -37.52 24.88 6.51
N LEU D 173 -36.25 24.94 6.12
CA LEU D 173 -35.56 23.74 5.67
C LEU D 173 -35.31 22.80 6.84
N PRO D 174 -35.29 21.48 6.60
CA PRO D 174 -35.05 20.52 7.67
C PRO D 174 -33.67 20.73 8.31
N MET D 175 -33.59 20.42 9.60
CA MET D 175 -32.33 20.55 10.33
C MET D 175 -31.24 19.73 9.66
N SER D 176 -30.03 20.29 9.64
CA SER D 176 -28.91 19.63 8.98
C SER D 176 -27.62 20.33 9.37
N PHE D 177 -26.53 19.57 9.42
CA PHE D 177 -25.21 20.13 9.64
C PHE D 177 -24.18 19.28 8.90
N THR D 178 -22.93 19.72 8.97
CA THR D 178 -21.82 19.07 8.26
C THR D 178 -20.78 18.67 9.29
N LEU D 179 -20.47 17.38 9.32
CA LEU D 179 -19.50 16.81 10.24
C LEU D 179 -18.17 16.68 9.51
N ALA D 180 -17.14 17.33 10.03
CA ALA D 180 -15.82 17.38 9.42
C ALA D 180 -14.86 16.58 10.29
N ILE D 181 -14.68 15.31 9.95
CA ILE D 181 -13.79 14.42 10.70
C ILE D 181 -12.35 14.69 10.26
N VAL D 182 -11.53 15.10 11.20
CA VAL D 182 -10.15 15.54 10.93
C VAL D 182 -9.19 14.55 11.56
N GLU D 183 -8.19 14.14 10.78
CA GLU D 183 -7.19 13.17 11.23
C GLU D 183 -6.06 13.88 11.97
N SER D 184 -4.99 13.14 12.28
CA SER D 184 -3.86 13.70 13.02
C SER D 184 -2.99 14.58 12.14
N ASP D 185 -2.79 14.19 10.88
CA ASP D 185 -1.97 14.96 9.95
C ASP D 185 -2.78 15.96 9.14
N SER D 186 -3.91 16.42 9.67
CA SER D 186 -4.75 17.46 9.04
C SER D 186 -5.37 16.95 7.74
N THR D 187 -5.95 15.76 7.79
CA THR D 187 -6.74 15.21 6.70
C THR D 187 -8.20 15.25 7.09
N ILE D 188 -9.02 15.89 6.26
CA ILE D 188 -10.40 16.18 6.61
C ILE D 188 -11.35 15.43 5.67
N VAL D 189 -12.43 14.90 6.24
CA VAL D 189 -13.50 14.24 5.51
C VAL D 189 -14.81 14.91 5.90
N TYR D 190 -15.65 15.20 4.91
CA TYR D 190 -16.85 16.01 5.09
C TYR D 190 -18.08 15.15 4.82
N TYR D 191 -18.91 14.97 5.84
CA TYR D 191 -20.19 14.29 5.68
C TYR D 191 -21.32 15.23 6.09
N LYS D 192 -22.53 14.96 5.61
CA LYS D 192 -23.66 15.84 5.83
C LYS D 192 -24.78 15.06 6.50
N LEU D 193 -25.20 15.50 7.68
CA LEU D 193 -26.27 14.85 8.43
C LEU D 193 -27.52 15.72 8.39
N THR D 194 -28.63 15.12 7.97
CA THR D 194 -29.90 15.81 7.87
C THR D 194 -30.92 15.07 8.73
N ASP D 195 -32.07 15.69 8.94
CA ASP D 195 -33.12 15.14 9.79
C ASP D 195 -34.29 14.73 8.90
N GLY D 196 -34.42 13.42 8.67
CA GLY D 196 -35.46 12.92 7.83
C GLY D 196 -34.97 11.95 6.78
N PHE D 197 -35.61 11.94 5.62
CA PHE D 197 -35.25 11.05 4.53
C PHE D 197 -34.74 11.86 3.35
N MET D 198 -33.49 11.63 2.97
CA MET D 198 -32.90 12.23 1.79
C MET D 198 -32.72 11.15 0.72
N LEU D 199 -33.01 11.50 -0.52
CA LEU D 199 -32.87 10.55 -1.62
C LEU D 199 -31.42 10.50 -2.07
N PRO D 200 -30.99 9.37 -2.67
CA PRO D 200 -29.54 9.20 -2.91
C PRO D 200 -28.92 10.23 -3.85
N ASP D 201 -29.30 10.26 -5.12
CA ASP D 201 -28.76 11.30 -5.98
C ASP D 201 -29.75 11.80 -7.03
N PRO D 202 -31.01 12.14 -6.69
CA PRO D 202 -31.82 12.89 -7.66
C PRO D 202 -31.74 14.38 -7.40
N GLN D 203 -30.86 14.75 -6.46
CA GLN D 203 -30.76 16.11 -5.96
C GLN D 203 -32.12 16.70 -5.63
PC A23 E 72 -31.24 -3.23 -5.39
O1C A23 E 72 -31.17 -1.92 -4.63
O2C A23 E 72 -31.41 -3.25 -6.90
P A23 E 72 -27.74 -9.51 -5.57
OP1 A23 E 72 -28.36 -10.06 -4.59
OP2 A23 E 72 -27.65 -10.19 -6.65
O5' A23 E 72 -28.61 -8.29 -5.79
C5' A23 E 72 -28.96 -7.50 -4.72
C4' A23 E 72 -29.97 -6.57 -5.08
O4' A23 E 72 -31.18 -7.28 -5.34
C3' A23 E 72 -30.32 -5.34 -4.27
O3' A23 E 72 -29.98 -4.15 -4.99
C2' A23 E 72 -31.83 -5.35 -4.10
O2' A23 E 72 -32.34 -4.18 -4.72
C1' A23 E 72 -32.32 -6.59 -4.82
N9 A23 E 72 -33.05 -7.47 -3.88
C8 A23 E 72 -34.29 -7.98 -4.07
N7 A23 E 72 -34.67 -8.75 -3.02
C5 A23 E 72 -33.66 -8.74 -2.12
C6 A23 E 72 -33.41 -9.34 -0.79
N6 A23 E 72 -34.34 -10.13 -0.19
N1 A23 E 72 -32.23 -9.08 -0.20
C2 A23 E 72 -31.30 -8.30 -0.78
N3 A23 E 72 -31.46 -7.71 -1.99
C4 A23 E 72 -32.60 -7.90 -2.70
N PRO G 31 72.59 10.47 -36.38
CA PRO G 31 72.22 11.81 -36.87
C PRO G 31 72.41 12.89 -35.80
N THR G 32 73.33 13.81 -36.07
CA THR G 32 73.69 14.88 -35.14
C THR G 32 73.10 16.20 -35.60
N THR G 33 72.22 16.77 -34.79
CA THR G 33 71.52 18.00 -35.13
C THR G 33 71.86 19.10 -34.12
N LYS G 34 72.05 20.31 -34.64
CA LYS G 34 72.41 21.48 -33.87
C LYS G 34 71.23 22.43 -33.77
N PHE G 35 70.79 22.73 -32.55
CA PHE G 35 69.72 23.69 -32.35
C PHE G 35 70.22 24.91 -31.59
N GLU G 36 69.86 26.09 -32.10
CA GLU G 36 70.16 27.36 -31.46
C GLU G 36 68.85 27.93 -30.92
N LEU G 37 68.69 27.90 -29.61
CA LEU G 37 67.44 28.29 -28.97
C LEU G 37 67.60 29.68 -28.35
N GLU G 38 67.43 30.72 -29.16
CA GLU G 38 67.60 32.06 -28.65
C GLU G 38 66.47 32.41 -27.68
N ARG G 39 66.65 33.52 -26.95
CA ARG G 39 65.79 33.81 -25.81
C ARG G 39 64.34 33.94 -26.23
N GLU G 40 63.44 33.41 -25.39
CA GLU G 40 62.00 33.36 -25.63
C GLU G 40 61.62 32.38 -26.75
N THR G 41 62.18 31.17 -26.73
CA THR G 41 61.94 30.16 -27.76
C THR G 41 61.79 28.78 -27.15
N GLU G 42 60.94 27.96 -27.80
CA GLU G 42 60.61 26.60 -27.38
C GLU G 42 61.18 25.60 -28.38
N LEU G 43 61.99 24.66 -27.89
CA LEU G 43 62.38 23.51 -28.69
C LEU G 43 61.40 22.38 -28.42
N ARG G 44 60.74 21.94 -29.47
CA ARG G 44 59.72 20.89 -29.42
C ARG G 44 60.31 19.61 -29.97
N PHE G 45 60.48 18.60 -29.12
CA PHE G 45 60.93 17.30 -29.63
C PHE G 45 60.45 16.19 -28.72
N GLU G 46 60.03 15.09 -29.35
CA GLU G 46 59.67 13.87 -28.65
C GLU G 46 60.11 12.65 -29.44
N VAL G 47 60.11 11.50 -28.78
CA VAL G 47 60.92 10.36 -29.19
C VAL G 47 60.10 9.42 -30.07
N GLU G 48 60.77 8.83 -31.07
CA GLU G 48 60.16 7.78 -31.88
C GLU G 48 60.10 6.47 -31.10
N ALA G 49 59.31 5.53 -31.60
CA ALA G 49 59.12 4.26 -30.92
C ALA G 49 60.43 3.49 -30.79
N SER G 50 60.66 2.93 -29.62
CA SER G 50 61.79 2.05 -29.29
C SER G 50 63.14 2.71 -29.49
N GLN G 51 63.19 4.03 -29.55
CA GLN G 51 64.39 4.76 -29.93
C GLN G 51 65.21 5.11 -28.70
N SER G 52 66.29 5.84 -28.94
CA SER G 52 67.07 6.49 -27.90
C SER G 52 67.41 7.89 -28.37
N VAL G 53 67.32 8.86 -27.48
CA VAL G 53 67.72 10.23 -27.76
C VAL G 53 68.71 10.67 -26.69
N GLN G 54 69.76 11.38 -27.10
CA GLN G 54 70.77 11.87 -26.17
C GLN G 54 70.95 13.37 -26.34
N LEU G 55 70.66 14.13 -25.28
CA LEU G 55 70.89 15.56 -25.30
C LEU G 55 71.73 16.01 -24.11
N GLU G 56 72.51 17.06 -24.34
CA GLU G 56 73.42 17.62 -23.35
C GLU G 56 73.51 19.12 -23.55
N LEU G 57 73.42 19.87 -22.46
CA LEU G 57 73.48 21.32 -22.53
C LEU G 57 74.92 21.74 -22.79
N LEU G 58 75.29 21.80 -24.06
CA LEU G 58 76.64 22.23 -24.41
C LEU G 58 76.87 23.70 -24.09
N THR G 59 76.15 24.62 -24.73
CA THR G 59 76.47 26.02 -24.52
C THR G 59 75.29 26.74 -23.86
N GLY G 60 75.57 27.36 -22.72
CA GLY G 60 74.61 28.19 -22.02
C GLY G 60 73.80 27.45 -20.97
N MET G 61 72.58 27.96 -20.74
CA MET G 61 71.64 27.37 -19.80
C MET G 61 70.32 27.10 -20.52
N ALA G 62 69.54 26.17 -19.97
CA ALA G 62 68.23 25.84 -20.51
C ALA G 62 67.37 25.27 -19.40
N GLU G 63 66.06 25.30 -19.63
CA GLU G 63 65.08 24.85 -18.65
C GLU G 63 64.28 23.68 -19.23
N ILE G 64 64.00 22.70 -18.38
CA ILE G 64 63.14 21.56 -18.73
C ILE G 64 61.97 21.56 -17.75
N PHE G 65 60.83 22.05 -18.19
CA PHE G 65 59.59 22.07 -17.39
C PHE G 65 59.85 22.64 -16.00
N GLY G 66 60.72 23.65 -15.93
CA GLY G 66 61.03 24.32 -14.68
C GLY G 66 62.35 23.95 -14.05
N THR G 67 63.00 22.87 -14.48
CA THR G 67 64.25 22.45 -13.88
C THR G 67 65.42 22.86 -14.78
N GLU G 68 66.38 23.58 -14.21
CA GLU G 68 67.55 24.03 -14.94
C GLU G 68 68.55 22.89 -15.10
N LEU G 69 68.76 22.48 -16.35
CA LEU G 69 69.62 21.33 -16.64
C LEU G 69 71.09 21.72 -16.48
N THR G 70 71.89 20.78 -15.96
CA THR G 70 73.26 21.08 -15.58
C THR G 70 74.19 21.03 -16.79
N ARG G 71 75.40 21.56 -16.59
CA ARG G 71 76.40 21.68 -17.65
C ARG G 71 76.65 20.33 -18.34
N ASN G 72 76.58 20.34 -19.67
CA ASN G 72 77.04 19.27 -20.56
C ASN G 72 76.62 17.87 -20.08
N LYS G 73 75.49 17.76 -19.40
CA LYS G 73 75.02 16.47 -18.92
C LYS G 73 74.32 15.71 -20.03
N LYS G 74 74.92 14.60 -20.46
CA LYS G 74 74.34 13.74 -21.47
C LYS G 74 73.24 12.90 -20.84
N PHE G 75 72.00 13.20 -21.17
CA PHE G 75 70.87 12.47 -20.62
C PHE G 75 70.00 11.93 -21.74
N THR G 76 69.30 10.83 -21.44
CA THR G 76 68.67 9.96 -22.42
C THR G 76 67.17 10.16 -22.41
N PHE G 77 66.55 9.89 -23.56
CA PHE G 77 65.12 10.07 -23.76
C PHE G 77 64.58 8.84 -24.48
N ASP G 78 63.51 8.26 -23.91
CA ASP G 78 62.92 7.02 -24.37
C ASP G 78 61.63 7.27 -25.15
N ALA G 79 61.13 6.22 -25.80
CA ALA G 79 60.00 6.34 -26.70
C ALA G 79 58.78 6.95 -26.00
N GLY G 80 58.01 7.72 -26.76
CA GLY G 80 56.79 8.33 -26.29
C GLY G 80 56.96 9.52 -25.38
N ALA G 81 58.17 9.78 -24.88
CA ALA G 81 58.38 10.87 -23.94
C ALA G 81 58.41 12.21 -24.67
N LYS G 82 57.81 13.22 -24.05
CA LYS G 82 57.62 14.54 -24.64
C LYS G 82 58.64 15.48 -24.01
N VAL G 83 59.29 16.32 -24.82
CA VAL G 83 60.27 17.28 -24.31
C VAL G 83 60.05 18.60 -25.04
N ALA G 84 59.33 19.51 -24.40
CA ALA G 84 59.14 20.87 -24.90
C ALA G 84 59.93 21.81 -24.01
N VAL G 85 61.20 22.03 -24.36
CA VAL G 85 62.12 22.78 -23.51
C VAL G 85 62.13 24.23 -23.97
N PHE G 86 61.68 25.13 -23.10
CA PHE G 86 61.77 26.56 -23.36
C PHE G 86 63.07 27.07 -22.78
N THR G 87 63.57 28.17 -23.33
CA THR G 87 64.86 28.67 -22.86
C THR G 87 64.71 30.07 -22.28
N TRP G 88 65.34 30.31 -21.14
CA TRP G 88 65.37 31.64 -20.52
C TRP G 88 66.44 32.51 -21.15
N HIS G 89 67.68 32.01 -21.26
CA HIS G 89 68.78 32.78 -21.81
C HIS G 89 69.21 32.35 -23.20
N GLY G 90 68.48 31.47 -23.85
CA GLY G 90 68.97 30.91 -25.10
C GLY G 90 70.12 29.95 -24.85
N CYS G 91 70.31 29.02 -25.78
CA CYS G 91 71.36 28.03 -25.59
C CYS G 91 71.70 27.39 -26.93
N SER G 92 72.74 26.57 -26.89
CA SER G 92 73.21 25.78 -28.01
C SER G 92 73.18 24.31 -27.63
N VAL G 93 72.27 23.57 -28.28
CA VAL G 93 71.90 22.21 -27.90
C VAL G 93 72.32 21.23 -28.99
N GLN G 94 72.83 20.10 -28.54
CA GLN G 94 73.26 18.97 -29.36
C GLN G 94 72.22 17.87 -29.27
N LEU G 95 71.86 17.27 -30.41
CA LEU G 95 70.94 16.14 -30.40
C LEU G 95 71.46 15.02 -31.30
N SER G 96 71.81 13.89 -30.69
CA SER G 96 72.27 12.71 -31.43
C SER G 96 71.22 11.62 -31.28
N GLY G 97 70.50 11.34 -32.36
CA GLY G 97 69.47 10.34 -32.38
C GLY G 97 68.28 10.77 -33.21
N ARG G 98 67.33 9.85 -33.34
CA ARG G 98 66.12 10.07 -34.13
C ARG G 98 65.07 10.72 -33.24
N THR G 99 64.27 11.61 -33.83
CA THR G 99 63.21 12.30 -33.11
C THR G 99 61.92 12.28 -33.92
N GLU G 100 60.80 11.99 -33.25
CA GLU G 100 59.51 12.05 -33.93
C GLU G 100 59.24 13.45 -34.46
N VAL G 101 59.06 14.42 -33.58
CA VAL G 101 59.06 15.83 -33.96
C VAL G 101 60.18 16.51 -33.21
N ALA G 102 60.87 17.43 -33.89
CA ALA G 102 61.99 18.16 -33.33
C ALA G 102 62.21 19.44 -34.14
N TYR G 103 61.94 20.59 -33.52
CA TYR G 103 62.12 21.86 -34.22
C TYR G 103 62.07 23.04 -33.25
N VAL G 104 62.33 24.22 -33.79
CA VAL G 104 62.27 25.48 -33.07
C VAL G 104 60.88 26.07 -33.23
N SER G 105 60.38 26.74 -32.19
CA SER G 105 59.09 27.42 -32.23
C SER G 105 59.14 28.72 -31.46
N LYS G 106 58.70 29.80 -32.12
CA LYS G 106 58.49 31.07 -31.46
C LYS G 106 57.06 31.24 -30.95
N ASP G 107 56.18 30.29 -31.26
CA ASP G 107 54.85 30.22 -30.66
C ASP G 107 55.02 29.66 -29.25
N THR G 108 55.07 30.56 -28.26
CA THR G 108 55.35 30.17 -26.89
C THR G 108 54.60 31.10 -25.94
N PRO G 109 53.68 30.57 -25.14
CA PRO G 109 53.05 31.35 -24.07
C PRO G 109 53.69 31.18 -22.70
N MET G 110 54.84 30.51 -22.60
CA MET G 110 55.34 30.06 -21.30
C MET G 110 55.58 31.21 -20.34
N LEU G 111 55.84 32.41 -20.86
CA LEU G 111 56.05 33.55 -19.98
C LEU G 111 54.78 33.88 -19.19
N LEU G 112 53.62 33.76 -19.84
CA LEU G 112 52.36 33.85 -19.10
C LEU G 112 52.33 32.84 -17.96
N TYR G 113 52.85 31.63 -18.19
CA TYR G 113 53.14 30.71 -17.09
C TYR G 113 53.78 31.45 -15.93
N LEU G 114 54.99 31.97 -16.15
CA LEU G 114 55.71 32.69 -15.11
C LEU G 114 54.83 33.76 -14.50
N ASN G 115 54.10 34.51 -15.35
CA ASN G 115 53.27 35.58 -14.85
C ASN G 115 52.36 35.09 -13.74
N THR G 116 51.61 34.02 -14.00
CA THR G 116 50.80 33.42 -12.95
C THR G 116 51.65 33.16 -11.71
N HIS G 117 52.68 32.33 -11.86
CA HIS G 117 53.61 32.09 -10.77
C HIS G 117 54.06 33.40 -10.16
N THR G 118 54.57 34.32 -10.98
CA THR G 118 55.14 35.55 -10.44
C THR G 118 54.07 36.32 -9.68
N ALA G 119 52.86 36.41 -10.22
CA ALA G 119 51.76 37.02 -9.48
C ALA G 119 51.52 36.28 -8.17
N LEU G 120 51.34 34.96 -8.25
CA LEU G 120 51.16 34.18 -7.04
C LEU G 120 52.45 34.14 -6.22
N GLU G 121 53.58 34.48 -6.84
CA GLU G 121 54.81 34.65 -6.09
C GLU G 121 54.60 35.61 -4.93
N GLN G 122 53.82 36.67 -5.14
CA GLN G 122 53.43 37.52 -4.03
C GLN G 122 52.93 36.68 -2.87
N MET G 123 51.80 35.98 -3.10
CA MET G 123 51.22 35.07 -2.12
C MET G 123 52.30 34.36 -1.33
N ARG G 124 53.35 33.88 -2.03
CA ARG G 124 54.40 33.10 -1.42
C ARG G 124 54.82 33.69 -0.08
N ARG G 125 55.49 34.84 -0.11
CA ARG G 125 56.00 35.35 1.15
C ARG G 125 54.87 36.01 1.92
N GLN G 126 53.87 36.51 1.18
CA GLN G 126 52.70 37.08 1.84
C GLN G 126 52.03 36.04 2.71
N ALA G 127 52.21 34.75 2.36
CA ALA G 127 51.71 33.70 3.23
C ALA G 127 52.23 33.89 4.65
N GLU G 128 53.54 33.96 4.83
CA GLU G 128 54.07 34.13 6.18
C GLU G 128 54.12 35.59 6.58
N LYS G 129 53.52 36.49 5.80
CA LYS G 129 53.49 37.88 6.22
C LYS G 129 52.51 38.09 7.36
N GLU G 130 51.24 37.76 7.15
CA GLU G 130 50.20 38.00 8.13
C GLU G 130 49.69 36.72 8.79
N GLU G 131 50.57 35.76 9.05
CA GLU G 131 50.24 34.49 9.70
C GLU G 131 49.18 33.72 8.90
N GLU G 132 49.25 33.80 7.58
CA GLU G 132 48.33 33.08 6.72
C GLU G 132 49.05 31.89 6.09
N ARG G 133 48.29 31.01 5.46
CA ARG G 133 48.87 29.87 4.79
C ARG G 133 48.84 30.06 3.28
N GLY G 134 49.75 29.34 2.60
CA GLY G 134 50.10 29.68 1.25
C GLY G 134 48.97 29.43 0.26
N PRO G 135 49.19 29.87 -0.97
CA PRO G 135 48.17 29.69 -2.02
C PRO G 135 48.23 28.28 -2.57
N ARG G 136 47.08 27.73 -2.92
CA ARG G 136 47.03 26.51 -3.70
C ARG G 136 46.22 26.75 -4.97
N VAL G 137 46.66 26.11 -6.04
CA VAL G 137 46.34 26.51 -7.40
C VAL G 137 45.95 25.28 -8.18
N MET G 138 44.96 25.45 -9.04
CA MET G 138 44.41 24.38 -9.86
C MET G 138 44.83 24.60 -11.30
N VAL G 139 45.21 23.52 -11.97
CA VAL G 139 45.43 23.53 -13.42
C VAL G 139 44.28 22.76 -14.05
N VAL G 140 43.20 23.45 -14.39
CA VAL G 140 41.94 22.81 -14.74
C VAL G 140 41.69 22.93 -16.24
N GLY G 141 41.12 21.87 -16.79
CA GLY G 141 40.93 21.76 -18.21
C GLY G 141 40.81 20.33 -18.69
N PRO G 142 40.39 20.16 -19.94
CA PRO G 142 40.11 18.82 -20.47
C PRO G 142 41.35 18.05 -20.89
N THR G 143 41.15 16.96 -21.61
CA THR G 143 42.25 16.28 -22.27
C THR G 143 43.03 17.24 -23.15
N ASP G 144 44.33 16.96 -23.31
CA ASP G 144 45.21 17.68 -24.23
C ASP G 144 45.32 19.16 -23.88
N VAL G 145 45.80 19.44 -22.66
CA VAL G 145 45.91 20.80 -22.15
C VAL G 145 47.25 21.08 -21.51
N GLY G 146 48.01 20.05 -21.15
CA GLY G 146 49.23 20.24 -20.38
C GLY G 146 49.04 20.39 -18.89
N LYS G 147 48.14 19.61 -18.29
CA LYS G 147 47.96 19.62 -16.83
C LYS G 147 49.31 19.45 -16.14
N SER G 148 49.95 18.32 -16.43
CA SER G 148 51.20 17.97 -15.79
C SER G 148 52.36 18.84 -16.26
N THR G 149 52.21 19.54 -17.38
CA THR G 149 53.25 20.48 -17.80
C THR G 149 53.32 21.68 -16.86
N VAL G 150 52.18 22.34 -16.63
CA VAL G 150 52.16 23.44 -15.68
C VAL G 150 52.46 22.94 -14.28
N CYS G 151 51.98 21.74 -13.94
CA CYS G 151 52.33 21.17 -12.64
C CYS G 151 53.84 20.98 -12.50
N ARG G 152 54.48 20.42 -13.54
CA ARG G 152 55.92 20.34 -13.63
C ARG G 152 56.56 21.66 -13.28
N LEU G 153 56.25 22.69 -14.07
CA LEU G 153 56.98 23.95 -13.96
C LEU G 153 56.71 24.62 -12.62
N LEU G 154 55.46 24.53 -12.14
CA LEU G 154 55.13 25.15 -10.86
C LEU G 154 55.87 24.49 -9.71
N LEU G 155 55.90 23.15 -9.68
CA LEU G 155 56.64 22.45 -8.63
C LEU G 155 58.13 22.78 -8.69
N ASN G 156 58.71 22.73 -9.89
CA ASN G 156 60.15 22.94 -10.02
C ASN G 156 60.53 24.35 -9.62
N TYR G 157 59.74 25.34 -10.03
CA TYR G 157 60.05 26.72 -9.69
C TYR G 157 59.80 26.98 -8.20
N ALA G 158 58.77 26.35 -7.64
CA ALA G 158 58.56 26.39 -6.19
C ALA G 158 59.84 25.99 -5.46
N VAL G 159 60.32 24.78 -5.72
CA VAL G 159 61.56 24.36 -5.06
C VAL G 159 62.76 25.17 -5.55
N ARG G 160 62.60 25.97 -6.62
CA ARG G 160 63.68 26.87 -7.02
C ARG G 160 63.77 28.08 -6.11
N LEU G 161 62.63 28.63 -5.68
CA LEU G 161 62.61 29.79 -4.80
C LEU G 161 62.60 29.40 -3.32
N GLY G 162 63.17 28.25 -2.99
CA GLY G 162 63.23 27.80 -1.62
C GLY G 162 61.95 27.19 -1.08
N ARG G 163 60.89 27.16 -1.87
CA ARG G 163 59.62 26.62 -1.43
C ARG G 163 59.66 25.08 -1.47
N ARG G 164 58.63 24.48 -0.89
CA ARG G 164 58.53 23.02 -0.75
C ARG G 164 57.06 22.62 -0.94
N PRO G 165 56.62 22.49 -2.19
CA PRO G 165 55.19 22.42 -2.45
C PRO G 165 54.62 21.01 -2.31
N THR G 166 53.33 20.96 -2.01
CA THR G 166 52.57 19.73 -1.97
C THR G 166 52.00 19.43 -3.36
N TYR G 167 52.23 18.21 -3.84
CA TYR G 167 51.72 17.84 -5.16
C TYR G 167 50.65 16.76 -5.03
N VAL G 168 49.40 17.12 -5.28
CA VAL G 168 48.29 16.17 -5.24
C VAL G 168 47.84 15.89 -6.67
N GLU G 169 47.92 14.63 -7.09
CA GLU G 169 47.49 14.20 -8.42
C GLU G 169 46.29 13.28 -8.27
N LEU G 170 45.24 13.57 -9.04
CA LEU G 170 43.95 12.89 -8.94
C LEU G 170 43.51 12.22 -10.24
N ASP G 171 44.20 12.50 -11.36
CA ASP G 171 43.78 11.97 -12.66
C ASP G 171 44.12 10.49 -12.70
N VAL G 172 43.14 9.66 -12.34
CA VAL G 172 43.33 8.21 -12.31
C VAL G 172 43.46 7.58 -13.68
N GLY G 173 43.32 8.36 -14.76
CA GLY G 173 43.47 7.83 -16.10
C GLY G 173 44.92 7.62 -16.48
N GLN G 174 45.76 8.60 -16.13
CA GLN G 174 47.20 8.51 -16.37
C GLN G 174 47.98 8.92 -15.13
N GLY G 175 47.62 8.38 -13.96
CA GLY G 175 48.30 8.74 -12.74
C GLY G 175 49.77 8.40 -12.77
N SER G 176 50.57 9.35 -12.27
CA SER G 176 52.02 9.20 -12.22
C SER G 176 52.55 9.24 -10.79
N VAL G 177 51.81 9.85 -9.86
CA VAL G 177 52.13 9.72 -8.44
C VAL G 177 52.13 8.26 -8.03
N SER G 178 51.33 7.44 -8.69
CA SER G 178 51.31 5.98 -8.51
C SER G 178 50.80 5.40 -9.83
N ILE G 179 50.39 4.14 -9.79
CA ILE G 179 49.78 3.51 -10.96
C ILE G 179 48.43 4.16 -11.23
N PRO G 180 48.03 4.32 -12.49
CA PRO G 180 46.76 5.00 -12.78
C PRO G 180 45.57 4.18 -12.30
N GLY G 181 44.62 4.86 -11.69
CA GLY G 181 43.62 4.21 -10.87
C GLY G 181 43.81 4.39 -9.38
N THR G 182 44.61 5.38 -8.97
CA THR G 182 44.84 5.73 -7.58
C THR G 182 45.01 7.24 -7.46
N MET G 183 45.04 7.72 -6.21
CA MET G 183 45.27 9.14 -5.93
C MET G 183 46.59 9.26 -5.18
N GLY G 184 47.31 10.36 -5.44
CA GLY G 184 48.65 10.43 -4.86
C GLY G 184 49.07 11.83 -4.47
N ALA G 185 50.14 11.88 -3.68
CA ALA G 185 50.67 13.13 -3.15
C ALA G 185 52.18 13.02 -2.95
N LEU G 186 52.87 14.11 -3.27
CA LEU G 186 54.32 14.20 -3.35
C LEU G 186 54.81 15.35 -2.47
N TYR G 187 55.83 15.05 -1.65
CA TYR G 187 56.59 16.07 -0.93
C TYR G 187 57.85 16.39 -1.74
N ILE G 188 57.86 17.55 -2.37
CA ILE G 188 58.91 17.91 -3.31
C ILE G 188 60.11 18.41 -2.51
N GLU G 189 61.12 17.55 -2.37
CA GLU G 189 62.34 17.91 -1.67
C GLU G 189 63.28 18.77 -2.50
N ARG G 190 63.50 18.40 -3.75
CA ARG G 190 64.29 19.16 -4.72
C ARG G 190 63.61 19.01 -6.06
N PRO G 191 63.98 19.84 -7.05
CA PRO G 191 63.33 19.76 -8.36
C PRO G 191 63.50 18.39 -8.99
N ALA G 192 62.57 18.07 -9.88
CA ALA G 192 62.60 16.79 -10.59
C ALA G 192 63.87 16.68 -11.42
N ASP G 193 64.35 15.46 -11.57
CA ASP G 193 65.45 15.19 -12.48
C ASP G 193 64.98 15.30 -13.92
N VAL G 194 65.91 15.10 -14.85
CA VAL G 194 65.63 15.34 -16.25
C VAL G 194 64.58 14.37 -16.79
N GLU G 195 64.81 13.07 -16.62
CA GLU G 195 63.92 12.08 -17.21
C GLU G 195 62.93 11.49 -16.21
N GLU G 196 63.38 11.20 -14.98
CA GLU G 196 62.54 10.43 -14.06
C GLU G 196 61.72 11.32 -13.12
N GLY G 197 62.35 12.19 -12.33
CA GLY G 197 61.57 13.17 -11.58
C GLY G 197 61.80 13.24 -10.08
N PHE G 198 60.80 13.76 -9.38
CA PHE G 198 60.88 13.95 -7.93
C PHE G 198 61.00 12.61 -7.23
N SER G 199 62.02 12.47 -6.39
CA SER G 199 62.27 11.24 -5.65
C SER G 199 61.18 10.94 -4.63
N ILE G 200 60.61 9.74 -4.71
CA ILE G 200 59.51 9.34 -3.82
C ILE G 200 60.05 8.98 -2.44
N GLN G 201 59.80 9.86 -1.47
CA GLN G 201 60.13 9.61 -0.06
C GLN G 201 58.88 9.82 0.77
N ALA G 202 58.35 8.75 1.34
CA ALA G 202 57.05 8.70 2.00
C ALA G 202 55.95 9.24 1.07
N PRO G 203 55.79 8.67 -0.12
CA PRO G 203 54.84 9.24 -1.07
C PRO G 203 53.42 8.79 -0.76
N LEU G 204 52.53 9.77 -0.57
CA LEU G 204 51.17 9.48 -0.16
C LEU G 204 50.42 8.79 -1.30
N VAL G 205 49.87 7.61 -1.03
CA VAL G 205 49.03 6.91 -1.99
C VAL G 205 47.72 6.56 -1.32
N TYR G 206 46.63 6.66 -2.07
CA TYR G 206 45.33 6.18 -1.62
C TYR G 206 44.57 5.55 -2.78
N HIS G 207 43.61 4.69 -2.44
CA HIS G 207 43.04 3.74 -3.38
C HIS G 207 41.92 4.38 -4.18
N PHE G 208 41.89 4.12 -5.49
CA PHE G 208 40.69 4.32 -6.29
C PHE G 208 40.25 3.06 -7.05
N GLY G 209 41.18 2.32 -7.62
CA GLY G 209 40.88 1.01 -8.20
C GLY G 209 40.55 0.99 -9.67
N SER G 210 39.97 2.06 -10.23
CA SER G 210 39.53 2.03 -11.61
C SER G 210 40.16 3.17 -12.39
N THR G 211 40.15 3.03 -13.71
CA THR G 211 40.68 4.02 -14.64
C THR G 211 39.89 5.33 -14.64
N THR G 212 38.56 5.27 -14.53
CA THR G 212 37.73 6.44 -14.74
C THR G 212 36.82 6.70 -13.55
N PRO G 213 36.74 7.95 -13.08
CA PRO G 213 35.80 8.26 -11.99
C PRO G 213 34.35 8.20 -12.41
N GLY G 214 34.08 8.02 -13.70
CA GLY G 214 32.72 7.81 -14.16
C GLY G 214 32.08 6.53 -13.66
N THR G 215 32.90 5.58 -13.19
CA THR G 215 32.35 4.33 -12.67
C THR G 215 31.84 4.48 -11.24
N ASN G 216 32.48 5.32 -10.41
CA ASN G 216 31.97 5.56 -9.06
C ASN G 216 32.44 6.89 -8.48
N ILE G 217 31.50 7.81 -8.25
CA ILE G 217 31.84 9.17 -7.84
C ILE G 217 32.08 9.26 -6.34
N LYS G 218 31.37 8.45 -5.54
CA LYS G 218 31.53 8.50 -4.09
C LYS G 218 32.99 8.31 -3.69
N LEU G 219 33.69 7.44 -4.42
CA LEU G 219 35.10 7.21 -4.16
C LEU G 219 35.89 8.51 -4.31
N TYR G 220 35.74 9.19 -5.44
CA TYR G 220 36.43 10.46 -5.67
C TYR G 220 36.04 11.49 -4.62
N ASN G 221 34.78 11.48 -4.22
CA ASN G 221 34.30 12.42 -3.21
C ASN G 221 35.06 12.27 -1.90
N LYS G 222 34.99 11.08 -1.30
CA LYS G 222 35.60 10.90 0.01
C LYS G 222 37.12 10.85 -0.11
N ILE G 223 37.64 10.54 -1.30
CA ILE G 223 39.07 10.63 -1.54
C ILE G 223 39.53 12.08 -1.48
N THR G 224 38.82 12.97 -2.17
CA THR G 224 39.14 14.38 -2.10
C THR G 224 39.14 14.87 -0.66
N SER G 225 38.05 14.60 0.06
CA SER G 225 37.98 15.04 1.46
C SER G 225 39.09 14.41 2.30
N ARG G 226 39.35 13.11 2.10
CA ARG G 226 40.37 12.41 2.86
C ARG G 226 41.73 13.07 2.71
N LEU G 227 42.24 13.15 1.47
CA LEU G 227 43.58 13.69 1.29
C LEU G 227 43.64 15.17 1.63
N ALA G 228 42.53 15.89 1.43
CA ALA G 228 42.51 17.32 1.78
C ALA G 228 42.72 17.51 3.27
N ASP G 229 42.00 16.78 4.12
CA ASP G 229 42.18 16.91 5.56
C ASP G 229 43.50 16.26 6.01
N VAL G 230 43.96 15.24 5.28
CA VAL G 230 45.26 14.66 5.57
C VAL G 230 46.35 15.73 5.47
N PHE G 231 46.38 16.47 4.36
CA PHE G 231 47.41 17.50 4.25
C PHE G 231 47.03 18.75 5.02
N ASN G 232 45.76 18.88 5.44
CA ASN G 232 45.42 19.82 6.50
C ASN G 232 46.29 19.57 7.72
N GLN G 233 46.24 18.33 8.24
CA GLN G 233 47.07 17.97 9.38
C GLN G 233 48.54 18.12 9.07
N ARG G 234 48.98 17.67 7.89
CA ARG G 234 50.41 17.74 7.58
C ARG G 234 50.91 19.18 7.52
N CYS G 235 50.13 20.08 6.93
CA CYS G 235 50.59 21.47 6.79
C CYS G 235 50.45 22.22 8.10
N GLU G 236 49.57 21.78 9.00
CA GLU G 236 49.48 22.45 10.29
C GLU G 236 50.57 21.94 11.23
N VAL G 237 51.02 20.69 11.05
CA VAL G 237 52.16 20.18 11.80
C VAL G 237 53.48 20.37 11.06
N ASN G 238 53.45 20.53 9.73
CA ASN G 238 54.61 20.94 8.94
C ASN G 238 54.22 22.24 8.25
N ARG G 239 54.47 23.37 8.91
CA ARG G 239 54.18 24.68 8.33
C ARG G 239 54.94 24.88 7.02
N ARG G 240 55.91 23.99 6.73
CA ARG G 240 56.66 24.02 5.48
C ARG G 240 55.76 24.20 4.27
N ALA G 241 54.82 23.28 4.07
CA ALA G 241 53.94 23.34 2.90
C ALA G 241 52.79 24.30 3.12
N SER G 242 52.42 24.57 4.39
CA SER G 242 51.46 25.62 4.67
C SER G 242 51.90 26.93 4.03
N VAL G 243 53.15 27.32 4.28
CA VAL G 243 53.70 28.49 3.61
C VAL G 243 53.90 28.23 2.13
N SER G 244 54.62 27.16 1.79
CA SER G 244 55.01 26.92 0.41
C SER G 244 53.84 26.53 -0.48
N GLY G 245 52.62 26.50 0.07
CA GLY G 245 51.47 26.21 -0.73
C GLY G 245 51.51 24.80 -1.29
N CYS G 246 50.57 24.54 -2.20
CA CYS G 246 50.42 23.22 -2.80
C CYS G 246 50.12 23.36 -4.28
N VAL G 247 50.40 22.29 -5.02
CA VAL G 247 50.11 22.18 -6.44
C VAL G 247 49.28 20.91 -6.63
N ILE G 248 48.23 20.99 -7.45
CA ILE G 248 47.28 19.89 -7.61
C ILE G 248 47.20 19.52 -9.08
N ASN G 249 46.96 18.24 -9.36
CA ASN G 249 46.56 17.79 -10.69
C ASN G 249 45.22 17.08 -10.58
N THR G 250 44.24 17.53 -11.36
CA THR G 250 42.91 16.96 -11.34
C THR G 250 42.61 16.28 -12.66
N CYS G 251 41.45 15.61 -12.71
CA CYS G 251 41.04 14.89 -13.92
C CYS G 251 40.79 15.86 -15.07
N GLY G 252 40.86 15.33 -16.29
CA GLY G 252 40.58 16.10 -17.49
C GLY G 252 39.13 16.00 -17.93
N TRP G 253 38.26 15.62 -17.01
CA TRP G 253 36.83 15.50 -17.26
C TRP G 253 36.22 16.89 -17.31
N VAL G 254 35.37 17.13 -18.32
CA VAL G 254 34.66 18.40 -18.44
C VAL G 254 33.16 18.20 -18.59
N LYS G 255 32.69 16.97 -18.70
CA LYS G 255 31.27 16.71 -18.90
C LYS G 255 30.78 15.68 -17.89
N GLY G 256 29.51 15.84 -17.49
CA GLY G 256 28.99 15.05 -16.39
C GLY G 256 29.43 15.61 -15.05
N SER G 257 29.60 14.72 -14.06
CA SER G 257 29.91 15.18 -12.71
C SER G 257 31.36 15.62 -12.57
N GLY G 258 32.08 15.74 -13.69
CA GLY G 258 33.45 16.22 -13.63
C GLY G 258 33.55 17.61 -13.02
N TYR G 259 32.74 18.56 -13.50
CA TYR G 259 32.81 19.92 -12.97
C TYR G 259 32.25 20.00 -11.56
N GLN G 260 31.23 19.20 -11.25
CA GLN G 260 30.71 19.16 -9.89
C GLN G 260 31.79 18.71 -8.91
N ALA G 261 32.52 17.65 -9.25
CA ALA G 261 33.63 17.22 -8.42
C ALA G 261 34.78 18.23 -8.46
N LEU G 262 34.90 18.99 -9.54
CA LEU G 262 35.91 20.04 -9.62
C LEU G 262 35.65 21.12 -8.58
N VAL G 263 34.40 21.58 -8.47
CA VAL G 263 34.06 22.57 -7.45
C VAL G 263 34.13 21.96 -6.06
N HIS G 264 33.65 20.72 -5.91
CA HIS G 264 33.82 20.00 -4.64
C HIS G 264 35.27 20.05 -4.18
N ALA G 265 36.19 19.68 -5.07
CA ALA G 265 37.60 19.63 -4.73
C ALA G 265 38.16 21.02 -4.43
N ALA G 266 37.87 21.99 -5.30
CA ALA G 266 38.36 23.35 -5.09
C ALA G 266 37.93 23.88 -3.72
N SER G 267 36.63 23.86 -3.43
CA SER G 267 36.17 24.38 -2.15
C SER G 267 36.56 23.47 -1.00
N ALA G 268 37.04 22.25 -1.31
CA ALA G 268 37.61 21.40 -0.29
C ALA G 268 39.12 21.59 -0.18
N PHE G 269 39.77 21.84 -1.32
CA PHE G 269 41.22 22.04 -1.39
C PHE G 269 41.63 23.48 -1.13
N GLU G 270 40.90 24.23 -0.30
CA GLU G 270 41.32 25.57 0.14
C GLU G 270 41.61 26.47 -1.06
N VAL G 271 40.68 26.45 -2.02
CA VAL G 271 40.96 26.99 -3.35
C VAL G 271 41.47 28.42 -3.22
N ASP G 272 42.62 28.68 -3.85
CA ASP G 272 43.15 30.04 -3.93
C ASP G 272 43.11 30.57 -5.34
N VAL G 273 43.71 29.87 -6.30
CA VAL G 273 43.69 30.33 -7.69
C VAL G 273 43.46 29.14 -8.60
N VAL G 274 42.62 29.33 -9.63
CA VAL G 274 42.31 28.27 -10.59
C VAL G 274 42.60 28.80 -11.99
N VAL G 275 43.35 28.02 -12.78
CA VAL G 275 43.81 28.44 -14.09
C VAL G 275 43.21 27.49 -15.12
N VAL G 276 42.46 28.07 -16.05
CA VAL G 276 41.71 27.33 -17.07
C VAL G 276 42.60 27.14 -18.29
N LEU G 277 42.48 25.98 -18.93
CA LEU G 277 43.37 25.60 -20.02
C LEU G 277 42.64 25.65 -21.37
N ASP G 278 42.64 26.84 -21.98
CA ASP G 278 42.31 27.06 -23.40
C ASP G 278 40.98 26.45 -23.83
N GLN G 279 40.01 26.38 -22.93
CA GLN G 279 38.60 26.30 -23.36
C GLN G 279 37.80 27.19 -22.40
N GLU G 280 37.44 28.37 -22.89
CA GLU G 280 36.90 29.42 -22.03
C GLU G 280 35.50 29.09 -21.54
N ARG G 281 34.85 28.07 -22.12
CA ARG G 281 33.66 27.52 -21.49
C ARG G 281 33.94 27.19 -20.02
N LEU G 282 35.13 26.64 -19.75
CA LEU G 282 35.57 26.43 -18.38
C LEU G 282 35.63 27.75 -17.62
N TYR G 283 36.11 28.83 -18.24
CA TYR G 283 36.14 30.13 -17.58
C TYR G 283 34.74 30.59 -17.20
N ASN G 284 33.82 30.55 -18.16
CA ASN G 284 32.45 31.00 -17.90
C ASN G 284 31.85 30.25 -16.72
N GLU G 285 31.76 28.93 -16.82
CA GLU G 285 31.09 28.19 -15.75
C GLU G 285 31.93 28.15 -14.47
N LEU G 286 33.23 28.43 -14.58
CA LEU G 286 34.10 28.34 -13.41
C LEU G 286 34.02 29.59 -12.56
N LYS G 287 33.91 30.76 -13.18
CA LYS G 287 33.57 31.94 -12.38
C LYS G 287 32.07 32.10 -12.23
N ARG G 288 31.30 31.13 -12.74
CA ARG G 288 29.88 31.09 -12.41
C ARG G 288 29.58 30.18 -11.21
N ASP G 289 30.47 29.22 -10.90
CA ASP G 289 30.23 28.35 -9.77
C ASP G 289 31.37 28.33 -8.75
N LEU G 290 32.17 29.40 -8.65
CA LEU G 290 33.07 29.39 -7.50
C LEU G 290 32.75 30.56 -6.58
N PRO G 291 33.27 30.58 -5.35
CA PRO G 291 33.15 31.78 -4.52
C PRO G 291 33.86 32.97 -5.16
N HIS G 292 33.41 34.17 -4.80
CA HIS G 292 34.02 35.38 -5.35
C HIS G 292 35.51 35.45 -5.05
N PHE G 293 35.95 34.94 -3.89
CA PHE G 293 37.36 34.98 -3.50
C PHE G 293 38.27 34.30 -4.50
N VAL G 294 37.74 33.40 -5.34
CA VAL G 294 38.57 32.56 -6.20
C VAL G 294 38.97 33.33 -7.44
N ARG G 295 40.28 33.46 -7.66
CA ARG G 295 40.79 34.11 -8.87
C ARG G 295 40.82 33.08 -10.00
N THR G 296 39.99 33.31 -11.01
CA THR G 296 39.92 32.49 -12.20
C THR G 296 40.74 33.16 -13.30
N VAL G 297 41.80 32.49 -13.74
CA VAL G 297 42.68 33.02 -14.78
C VAL G 297 42.73 32.01 -15.91
N LEU G 298 42.48 32.46 -17.13
CA LEU G 298 42.45 31.58 -18.30
C LEU G 298 43.79 31.66 -19.01
N LEU G 299 44.15 30.59 -19.72
CA LEU G 299 45.38 30.59 -20.50
C LEU G 299 45.23 29.72 -21.73
N PRO G 300 45.78 30.15 -22.87
CA PRO G 300 45.92 29.24 -24.01
C PRO G 300 47.12 28.33 -23.83
N LYS G 301 46.92 27.04 -24.12
CA LYS G 301 47.98 26.08 -23.91
C LYS G 301 49.16 26.34 -24.84
N SER G 302 50.32 25.82 -24.45
CA SER G 302 51.50 25.91 -25.28
C SER G 302 51.31 25.13 -26.57
N GLY G 303 52.14 25.43 -27.57
CA GLY G 303 52.13 24.64 -28.79
C GLY G 303 52.57 23.21 -28.59
N GLY G 304 53.25 22.91 -27.48
CA GLY G 304 53.80 21.61 -27.19
C GLY G 304 52.84 20.56 -26.67
N VAL G 305 51.53 20.86 -26.62
CA VAL G 305 50.55 19.86 -26.23
C VAL G 305 50.20 19.01 -27.44
N VAL G 306 50.61 17.74 -27.41
CA VAL G 306 50.47 16.83 -28.54
C VAL G 306 49.29 15.90 -28.26
N GLU G 307 48.67 15.42 -29.34
CA GLU G 307 47.55 14.49 -29.24
C GLU G 307 48.03 13.14 -28.74
N ARG G 308 47.31 12.57 -27.77
CA ARG G 308 47.57 11.21 -27.28
C ARG G 308 46.24 10.45 -27.13
N SER G 309 45.95 9.60 -28.10
CA SER G 309 44.68 8.87 -28.11
C SER G 309 44.74 7.63 -27.21
N LYS G 310 43.77 6.73 -27.43
CA LYS G 310 43.59 5.56 -26.57
C LYS G 310 44.89 4.79 -26.36
N ASP G 311 45.57 4.43 -27.45
CA ASP G 311 46.76 3.56 -27.36
C ASP G 311 47.84 4.20 -26.51
N PHE G 312 47.99 5.53 -26.58
CA PHE G 312 49.00 6.23 -25.80
C PHE G 312 48.85 5.93 -24.33
N ARG G 313 47.74 6.35 -23.71
CA ARG G 313 47.58 6.18 -22.28
C ARG G 313 47.34 4.72 -21.91
N ARG G 314 46.83 3.93 -22.85
CA ARG G 314 46.86 2.47 -22.70
C ARG G 314 48.24 1.98 -22.28
N GLU G 315 49.22 2.15 -23.16
CA GLU G 315 50.52 1.55 -22.91
C GLU G 315 51.32 2.38 -21.91
N CYS G 316 50.93 3.65 -21.71
CA CYS G 316 51.57 4.45 -20.68
C CYS G 316 51.06 4.10 -19.30
N ARG G 317 49.84 3.56 -19.20
CA ARG G 317 49.33 3.02 -17.95
C ARG G 317 50.01 1.70 -17.61
N ASP G 318 50.08 0.79 -18.60
CA ASP G 318 50.86 -0.42 -18.35
C ASP G 318 52.32 -0.08 -18.08
N GLU G 319 52.82 1.01 -18.66
CA GLU G 319 54.21 1.42 -18.43
C GLU G 319 54.40 2.04 -17.06
N ARG G 320 53.37 2.71 -16.54
CA ARG G 320 53.44 3.17 -15.15
C ARG G 320 53.43 2.00 -14.20
N ILE G 321 52.66 0.95 -14.51
CA ILE G 321 52.78 -0.28 -13.73
C ILE G 321 54.20 -0.81 -13.78
N ARG G 322 54.82 -0.76 -14.97
CA ARG G 322 56.18 -1.26 -15.14
C ARG G 322 57.19 -0.42 -14.34
N GLU G 323 57.02 0.90 -14.34
CA GLU G 323 57.96 1.76 -13.62
C GLU G 323 57.62 1.84 -12.14
N TYR G 324 56.53 1.19 -11.72
CA TYR G 324 56.36 0.92 -10.30
C TYR G 324 57.07 -0.37 -9.91
N PHE G 325 56.79 -1.46 -10.61
CA PHE G 325 57.19 -2.78 -10.13
C PHE G 325 58.59 -3.18 -10.55
N TYR G 326 59.09 -2.68 -11.69
CA TYR G 326 60.40 -3.06 -12.19
C TYR G 326 61.40 -1.91 -12.19
N GLY G 327 60.95 -0.68 -11.94
CA GLY G 327 61.85 0.46 -11.84
C GLY G 327 62.41 0.93 -13.16
N PHE G 328 62.72 2.22 -13.25
CA PHE G 328 63.33 2.78 -14.44
C PHE G 328 64.66 2.10 -14.71
N ARG G 329 64.84 1.62 -15.94
CA ARG G 329 66.07 0.97 -16.39
C ARG G 329 66.31 -0.35 -15.65
N GLY G 330 65.27 -0.88 -15.01
CA GLY G 330 65.34 -2.20 -14.42
C GLY G 330 66.07 -2.29 -13.10
N CYS G 331 65.86 -1.33 -12.21
CA CYS G 331 66.53 -1.31 -10.91
C CYS G 331 65.70 -1.94 -9.80
N PHE G 332 64.44 -2.30 -10.07
CA PHE G 332 63.60 -2.97 -9.09
C PHE G 332 63.52 -4.46 -9.40
N TYR G 333 63.82 -5.27 -8.39
CA TYR G 333 63.85 -6.73 -8.52
C TYR G 333 62.81 -7.30 -7.59
N PRO G 334 61.60 -7.60 -8.08
CA PRO G 334 60.51 -8.02 -7.20
C PRO G 334 60.55 -9.51 -6.91
N HIS G 335 59.80 -9.89 -5.88
CA HIS G 335 59.71 -11.26 -5.38
C HIS G 335 58.51 -11.96 -5.99
N ALA G 336 58.69 -13.18 -6.47
CA ALA G 336 57.60 -13.92 -7.11
C ALA G 336 57.35 -15.24 -6.40
N PHE G 337 56.39 -15.26 -5.47
CA PHE G 337 56.10 -16.51 -4.77
C PHE G 337 54.73 -16.44 -4.12
N ASN G 338 54.41 -17.48 -3.35
CA ASN G 338 53.06 -17.71 -2.86
C ASN G 338 52.65 -16.66 -1.83
N VAL G 339 51.33 -16.47 -1.71
CA VAL G 339 50.73 -15.78 -0.58
C VAL G 339 49.50 -16.59 -0.17
N LYS G 340 49.37 -16.82 1.14
CA LYS G 340 48.31 -17.64 1.70
C LYS G 340 46.97 -16.90 1.66
N PHE G 341 45.90 -17.67 1.43
CA PHE G 341 44.57 -17.12 1.71
C PHE G 341 44.29 -17.10 3.20
N SER G 342 44.97 -17.95 3.97
CA SER G 342 44.91 -17.85 5.41
C SER G 342 45.76 -16.71 5.95
N ASP G 343 46.44 -15.97 5.07
CA ASP G 343 47.29 -14.85 5.46
C ASP G 343 46.65 -13.49 5.23
N VAL G 344 45.75 -13.36 4.24
CA VAL G 344 45.30 -12.04 3.80
C VAL G 344 43.79 -12.04 3.54
N LYS G 345 43.18 -10.90 3.87
CA LYS G 345 41.78 -10.61 3.55
C LYS G 345 41.74 -9.34 2.70
N ILE G 346 40.86 -9.31 1.71
CA ILE G 346 40.72 -8.18 0.80
C ILE G 346 39.28 -7.68 0.85
N TYR G 347 39.10 -6.36 0.77
CA TYR G 347 37.79 -5.75 0.58
C TYR G 347 37.78 -5.03 -0.76
N LYS G 348 36.71 -5.24 -1.54
CA LYS G 348 36.61 -4.70 -2.87
C LYS G 348 35.69 -3.48 -2.91
N VAL G 349 36.25 -2.34 -3.27
CA VAL G 349 35.47 -1.14 -3.48
C VAL G 349 34.95 -1.08 -4.92
N LEU G 372 30.62 -2.09 -0.77
CA LEU G 372 31.60 -2.62 0.15
C LEU G 372 31.36 -4.10 0.48
N VAL G 373 32.16 -4.97 -0.11
CA VAL G 373 32.10 -6.40 0.16
C VAL G 373 33.48 -7.01 -0.08
N PRO G 374 33.96 -7.91 0.78
CA PRO G 374 35.11 -8.74 0.41
C PRO G 374 34.73 -9.75 -0.67
N VAL G 375 35.67 -9.99 -1.60
CA VAL G 375 35.43 -10.84 -2.76
C VAL G 375 35.99 -12.23 -2.46
N THR G 376 35.14 -13.24 -2.62
CA THR G 376 35.59 -14.62 -2.50
C THR G 376 36.69 -14.88 -3.52
N PRO G 377 37.76 -15.56 -3.15
CA PRO G 377 38.83 -15.84 -4.11
C PRO G 377 38.32 -16.64 -5.31
N GLY G 378 38.46 -16.03 -6.49
CA GLY G 378 38.15 -16.70 -7.74
C GLY G 378 39.20 -16.36 -8.77
N ARG G 379 39.31 -17.22 -9.79
CA ARG G 379 40.39 -17.10 -10.76
C ARG G 379 40.30 -15.82 -11.58
N ASP G 380 39.33 -14.96 -11.30
CA ASP G 380 39.33 -13.60 -11.85
C ASP G 380 40.42 -12.74 -11.23
N MET G 381 41.12 -13.23 -10.21
CA MET G 381 42.10 -12.43 -9.49
C MET G 381 43.47 -12.41 -10.17
N VAL G 382 43.67 -13.19 -11.23
CA VAL G 382 44.96 -13.24 -11.90
C VAL G 382 45.28 -11.86 -12.45
N HIS G 383 46.57 -11.51 -12.44
CA HIS G 383 47.18 -10.30 -13.00
C HIS G 383 46.43 -9.01 -12.68
N HIS G 384 45.63 -8.99 -11.61
CA HIS G 384 45.15 -7.74 -11.02
C HIS G 384 46.22 -7.17 -10.10
N LEU G 385 45.90 -6.05 -9.44
CA LEU G 385 46.80 -5.47 -8.44
C LEU G 385 46.32 -5.79 -7.02
N LEU G 386 47.15 -5.47 -6.05
CA LEU G 386 46.83 -5.54 -4.63
C LEU G 386 47.51 -4.41 -3.88
N SER G 387 46.74 -3.69 -3.07
CA SER G 387 47.28 -2.59 -2.27
C SER G 387 47.37 -3.01 -0.81
N VAL G 388 48.56 -2.90 -0.24
CA VAL G 388 48.78 -3.16 1.19
C VAL G 388 48.40 -1.89 1.94
N SER G 389 47.35 -1.98 2.76
CA SER G 389 46.85 -0.80 3.45
C SER G 389 47.40 -0.75 4.88
N THR G 390 47.89 0.43 5.26
CA THR G 390 48.42 0.63 6.62
C THR G 390 47.52 1.59 7.40
N SER G 402 47.16 4.74 5.36
CA SER G 402 47.75 4.95 4.04
C SER G 402 48.02 3.61 3.35
N VAL G 403 49.01 3.58 2.47
CA VAL G 403 49.36 2.39 1.71
C VAL G 403 50.85 2.13 1.83
N ALA G 404 51.22 0.89 2.13
CA ALA G 404 52.63 0.48 2.17
C ALA G 404 53.19 0.26 0.78
N GLY G 405 52.46 -0.44 -0.07
CA GLY G 405 52.94 -0.76 -1.41
C GLY G 405 51.88 -1.51 -2.18
N PHE G 406 52.28 -1.99 -3.36
CA PHE G 406 51.37 -2.67 -4.29
C PHE G 406 52.06 -3.91 -4.83
N ILE G 407 51.26 -4.89 -5.24
CA ILE G 407 51.74 -6.18 -5.71
C ILE G 407 50.87 -6.65 -6.86
N VAL G 408 51.39 -7.61 -7.64
CA VAL G 408 50.74 -8.09 -8.86
C VAL G 408 50.66 -9.61 -8.84
N VAL G 409 49.55 -10.15 -9.36
CA VAL G 409 49.23 -11.57 -9.25
C VAL G 409 49.70 -12.29 -10.52
N THR G 410 50.09 -13.56 -10.39
CA THR G 410 50.56 -14.33 -11.54
C THR G 410 49.85 -15.68 -11.71
N SER G 411 49.48 -16.37 -10.64
CA SER G 411 48.84 -17.67 -10.78
C SER G 411 48.15 -18.05 -9.47
N VAL G 412 47.36 -19.12 -9.55
CA VAL G 412 46.36 -19.47 -8.55
C VAL G 412 46.61 -20.90 -8.08
N ASP G 413 46.30 -21.18 -6.82
CA ASP G 413 46.45 -22.50 -6.21
C ASP G 413 45.17 -22.80 -5.43
N LEU G 414 44.35 -23.72 -5.96
CA LEU G 414 43.03 -23.99 -5.40
C LEU G 414 43.06 -24.95 -4.22
N GLU G 415 43.52 -26.18 -4.41
CA GLU G 415 43.53 -27.14 -3.30
C GLU G 415 44.67 -26.83 -2.33
N HIS G 416 45.70 -26.14 -2.80
CA HIS G 416 46.72 -25.55 -1.94
C HIS G 416 46.25 -24.25 -1.32
N GLN G 417 45.38 -23.50 -2.01
CA GLN G 417 44.77 -22.27 -1.50
C GLN G 417 45.82 -21.19 -1.24
N VAL G 418 46.61 -20.90 -2.26
CA VAL G 418 47.60 -19.83 -2.23
C VAL G 418 47.70 -19.26 -3.62
N PHE G 419 47.82 -17.94 -3.75
CA PHE G 419 48.07 -17.41 -5.08
C PHE G 419 49.40 -16.67 -5.10
N THR G 420 50.15 -16.86 -6.19
CA THR G 420 51.51 -16.35 -6.28
C THR G 420 51.47 -14.88 -6.72
N VAL G 421 52.28 -14.08 -6.05
CA VAL G 421 52.29 -12.64 -6.21
C VAL G 421 53.72 -12.18 -6.44
N LEU G 422 53.84 -11.00 -7.06
CA LEU G 422 55.10 -10.31 -7.27
C LEU G 422 55.12 -9.05 -6.41
N SER G 423 56.22 -8.85 -5.67
CA SER G 423 56.27 -7.90 -4.57
C SER G 423 57.49 -6.98 -4.61
N PRO G 424 57.31 -5.70 -4.27
CA PRO G 424 58.47 -4.79 -4.18
C PRO G 424 59.25 -4.95 -2.88
N ALA G 425 58.64 -5.50 -1.84
CA ALA G 425 59.25 -5.76 -0.55
C ALA G 425 59.12 -7.25 -0.21
N PRO G 426 60.00 -7.79 0.64
CA PRO G 426 59.96 -9.22 0.93
C PRO G 426 58.83 -9.57 1.89
N ARG G 427 58.83 -10.83 2.30
CA ARG G 427 57.84 -11.30 3.26
C ARG G 427 58.27 -10.92 4.69
N PRO G 428 57.32 -10.75 5.61
CA PRO G 428 55.87 -10.75 5.32
C PRO G 428 55.38 -9.38 4.89
N LEU G 429 54.21 -9.34 4.27
CA LEU G 429 53.63 -8.05 3.91
C LEU G 429 53.14 -7.34 5.18
N PRO G 430 53.41 -6.05 5.33
CA PRO G 430 53.21 -5.40 6.63
C PRO G 430 51.76 -5.45 7.13
N LYS G 431 50.80 -5.80 6.29
CA LYS G 431 49.42 -5.93 6.70
C LYS G 431 48.75 -6.99 5.84
N ASN G 432 47.75 -7.67 6.43
CA ASN G 432 46.83 -8.45 5.62
C ASN G 432 45.75 -7.57 5.01
N PHE G 433 45.93 -6.25 5.04
CA PHE G 433 44.98 -5.30 4.48
C PHE G 433 45.33 -5.10 3.01
N LEU G 434 44.49 -5.62 2.11
CA LEU G 434 44.72 -5.51 0.67
C LEU G 434 43.45 -5.02 -0.03
N LEU G 435 43.66 -4.27 -1.11
CA LEU G 435 42.58 -3.87 -2.02
C LEU G 435 43.00 -4.13 -3.45
N ILE G 436 42.24 -4.96 -4.16
CA ILE G 436 42.63 -5.44 -5.49
C ILE G 436 42.14 -4.46 -6.56
N MET G 437 42.72 -4.58 -7.76
CA MET G 437 42.49 -3.68 -8.88
C MET G 437 41.20 -4.02 -9.62
N ASP G 438 40.79 -3.11 -10.52
CA ASP G 438 39.78 -3.36 -11.54
C ASP G 438 40.40 -3.64 -12.91
N ILE G 439 41.61 -3.15 -13.16
CA ILE G 439 42.29 -3.32 -14.44
C ILE G 439 43.37 -4.37 -14.27
N ARG G 440 43.66 -5.11 -15.33
CA ARG G 440 44.64 -6.18 -15.29
C ARG G 440 45.89 -5.79 -16.06
N PHE G 441 47.02 -6.36 -15.64
CA PHE G 441 48.31 -6.17 -16.30
C PHE G 441 49.12 -7.45 -16.15
N MET G 442 49.58 -7.98 -17.27
CA MET G 442 50.48 -9.13 -17.25
C MET G 442 51.60 -8.96 -18.27
MG MG H . -20.61 -33.87 -18.31
MG MG I . -17.80 -33.60 -24.29
MG MG J . -26.00 -39.30 -21.83
MG MG K . -25.67 -8.26 -11.28
MG MG L . -25.17 -47.30 -27.07
MG MG M . -33.97 -36.07 -30.23
#